data_9ND4
# 
_entry.id   9ND4 
# 
_audit_conform.dict_name       mmcif_pdbx.dic 
_audit_conform.dict_version    5.403 
_audit_conform.dict_location   http://mmcif.pdb.org/dictionaries/ascii/mmcif_pdbx.dic 
# 
loop_
_database_2.database_id 
_database_2.database_code 
_database_2.pdbx_database_accession 
_database_2.pdbx_DOI 
PDB   9ND4         pdb_00009nd4 10.2210/pdb9nd4/pdb 
WWPDB D_1000293103 ?            ?                   
# 
_pdbx_audit_revision_history.ordinal             1 
_pdbx_audit_revision_history.data_content_type   'Structure model' 
_pdbx_audit_revision_history.major_revision      1 
_pdbx_audit_revision_history.minor_revision      0 
_pdbx_audit_revision_history.revision_date       2025-03-26 
_pdbx_audit_revision_history.part_number         ? 
# 
_pdbx_audit_revision_details.ordinal             1 
_pdbx_audit_revision_details.revision_ordinal    1 
_pdbx_audit_revision_details.data_content_type   'Structure model' 
_pdbx_audit_revision_details.provider            repository 
_pdbx_audit_revision_details.type                'Initial release' 
_pdbx_audit_revision_details.description         ? 
_pdbx_audit_revision_details.details             ? 
# 
_pdbx_database_status.status_code                     REL 
_pdbx_database_status.status_code_sf                  REL 
_pdbx_database_status.status_code_mr                  ? 
_pdbx_database_status.entry_id                        9ND4 
_pdbx_database_status.recvd_initial_deposition_date   2025-02-17 
_pdbx_database_status.SG_entry                        N 
_pdbx_database_status.deposit_site                    RCSB 
_pdbx_database_status.process_site                    RCSB 
_pdbx_database_status.status_code_cs                  ? 
_pdbx_database_status.status_code_nmr_data            ? 
_pdbx_database_status.methods_development_category    ? 
_pdbx_database_status.pdb_format_compatible           Y 
# 
_pdbx_contact_author.id                 2 
_pdbx_contact_author.email              rs17@nyu.edu 
_pdbx_contact_author.name_first         Ruojie 
_pdbx_contact_author.name_last          Sha 
_pdbx_contact_author.name_mi            ? 
_pdbx_contact_author.role               'principal investigator/group leader' 
_pdbx_contact_author.identifier_ORCID   0000-0002-0807-734X 
# 
loop_
_audit_author.name 
_audit_author.pdbx_ordinal 
_audit_author.identifier_ORCID 
'Horvath, A.'   1 0009-0008-5770-8014 
'Vecchioni, S.' 2 0000-0001-8243-650X 
'Woloszyn, K.'  3 0000-0003-1200-583X 
'Ohayon, Y.P.'  4 0000-0001-7500-4282 
'Sha, R.'       5 0000-0002-0807-734X 
# 
_citation.abstract                  ? 
_citation.abstract_id_CAS           ? 
_citation.book_id_ISBN              ? 
_citation.book_publisher            ? 
_citation.book_publisher_city       ? 
_citation.book_title                ? 
_citation.coordinate_linkage        ? 
_citation.country                   ? 
_citation.database_id_Medline       ? 
_citation.details                   ? 
_citation.id                        primary 
_citation.journal_abbrev            'To Be Published' 
_citation.journal_id_ASTM           ? 
_citation.journal_id_CSD            0353 
_citation.journal_id_ISSN           ? 
_citation.journal_full              ? 
_citation.journal_issue             ? 
_citation.journal_volume            ? 
_citation.language                  ? 
_citation.page_first                ? 
_citation.page_last                 ? 
_citation.title                     'Shifted tensegrity triangles' 
_citation.year                      ? 
_citation.database_id_CSD           ? 
_citation.pdbx_database_id_DOI      ? 
_citation.pdbx_database_id_PubMed   ? 
_citation.pdbx_database_id_patent   ? 
_citation.unpublished_flag          ? 
# 
loop_
_citation_author.citation_id 
_citation_author.name 
_citation_author.ordinal 
_citation_author.identifier_ORCID 
primary 'Horvath, A.'   1 0009-0008-5770-8014 
primary 'Vecchioni, S.' 2 0000-0001-8243-650X 
primary 'Woloszyn, K.'  3 0000-0003-1200-583X 
primary 'Ohayon, Y.P.'  4 0000-0001-7500-4282 
primary 'Sha, R.'       5 0000-0002-0807-734X 
# 
loop_
_entity.id 
_entity.type 
_entity.src_method 
_entity.pdbx_description 
_entity.formula_weight 
_entity.pdbx_number_of_molecules 
_entity.pdbx_ec 
_entity.pdbx_mutation 
_entity.pdbx_fragment 
_entity.details 
1 polymer syn 
;DNA (5'-D(P*CP*AP*CP*AP*CP*CP*GP*T)-3')
;
2371.582 1 ? ? ? ? 
2 polymer syn 
;DNA (5'-D(*TP*CP*TP*GP*TP*G)-3')
;
1815.214 1 ? ? ? ? 
3 polymer syn 
;DNA (5'-D(P*AP*CP*GP*GP*AP*CP*AP*GP*CP*AP*GP*TP*GP*CP*A)-3')
;
4628.025 1 ? ? ? ? 
4 polymer syn 
;DNA (5'-D(*GP*AP*TP*GP*CP*AP*CP*TP*GP*CP*TP*GP*T)-3')
;
3982.596 1 ? ? ? ? 
# 
loop_
_entity_poly.entity_id 
_entity_poly.type 
_entity_poly.nstd_linkage 
_entity_poly.nstd_monomer 
_entity_poly.pdbx_seq_one_letter_code 
_entity_poly.pdbx_seq_one_letter_code_can 
_entity_poly.pdbx_strand_id 
_entity_poly.pdbx_target_identifier 
1 polydeoxyribonucleotide no no '(DC)(DA)(DC)(DA)(DC)(DC)(DG)(DT)'                             CACACCGT        A ? 
2 polydeoxyribonucleotide no no '(DT)(DC)(DT)(DG)(DT)(DG)'                                     TCTGTG          B ? 
3 polydeoxyribonucleotide no no '(DA)(DC)(DG)(DG)(DA)(DC)(DA)(DG)(DC)(DA)(DG)(DT)(DG)(DC)(DA)' ACGGACAGCAGTGCA C ? 
4 polydeoxyribonucleotide no no '(DG)(DA)(DT)(DG)(DC)(DA)(DC)(DT)(DG)(DC)(DT)(DG)(DT)'         GATGCACTGCTGT   D ? 
# 
loop_
_entity_poly_seq.entity_id 
_entity_poly_seq.num 
_entity_poly_seq.mon_id 
_entity_poly_seq.hetero 
1 1  DC n 
1 2  DA n 
1 3  DC n 
1 4  DA n 
1 5  DC n 
1 6  DC n 
1 7  DG n 
1 8  DT n 
2 1  DT n 
2 2  DC n 
2 3  DT n 
2 4  DG n 
2 5  DT n 
2 6  DG n 
3 1  DA n 
3 2  DC n 
3 3  DG n 
3 4  DG n 
3 5  DA n 
3 6  DC n 
3 7  DA n 
3 8  DG n 
3 9  DC n 
3 10 DA n 
3 11 DG n 
3 12 DT n 
3 13 DG n 
3 14 DC n 
3 15 DA n 
4 1  DG n 
4 2  DA n 
4 3  DT n 
4 4  DG n 
4 5  DC n 
4 6  DA n 
4 7  DC n 
4 8  DT n 
4 9  DG n 
4 10 DC n 
4 11 DT n 
4 12 DG n 
4 13 DT n 
# 
loop_
_pdbx_entity_src_syn.entity_id 
_pdbx_entity_src_syn.pdbx_src_id 
_pdbx_entity_src_syn.pdbx_alt_source_flag 
_pdbx_entity_src_syn.pdbx_beg_seq_num 
_pdbx_entity_src_syn.pdbx_end_seq_num 
_pdbx_entity_src_syn.organism_scientific 
_pdbx_entity_src_syn.organism_common_name 
_pdbx_entity_src_syn.ncbi_taxonomy_id 
_pdbx_entity_src_syn.details 
1 1 sample 1 8  'synthetic construct' ? 32630 ? 
2 1 sample 1 6  'synthetic construct' ? 32630 ? 
3 1 sample 1 15 'synthetic construct' ? 32630 ? 
4 1 sample 1 13 'synthetic construct' ? 32630 ? 
# 
loop_
_chem_comp.id 
_chem_comp.type 
_chem_comp.mon_nstd_flag 
_chem_comp.name 
_chem_comp.pdbx_synonyms 
_chem_comp.formula 
_chem_comp.formula_weight 
DA 'DNA linking' y "2'-DEOXYADENOSINE-5'-MONOPHOSPHATE" ? 'C10 H14 N5 O6 P' 331.222 
DC 'DNA linking' y "2'-DEOXYCYTIDINE-5'-MONOPHOSPHATE"  ? 'C9 H14 N3 O7 P'  307.197 
DG 'DNA linking' y "2'-DEOXYGUANOSINE-5'-MONOPHOSPHATE" ? 'C10 H14 N5 O7 P' 347.221 
DT 'DNA linking' y "THYMIDINE-5'-MONOPHOSPHATE"         ? 'C10 H15 N2 O8 P' 322.208 
# 
loop_
_pdbx_poly_seq_scheme.asym_id 
_pdbx_poly_seq_scheme.entity_id 
_pdbx_poly_seq_scheme.seq_id 
_pdbx_poly_seq_scheme.mon_id 
_pdbx_poly_seq_scheme.ndb_seq_num 
_pdbx_poly_seq_scheme.pdb_seq_num 
_pdbx_poly_seq_scheme.auth_seq_num 
_pdbx_poly_seq_scheme.pdb_mon_id 
_pdbx_poly_seq_scheme.auth_mon_id 
_pdbx_poly_seq_scheme.pdb_strand_id 
_pdbx_poly_seq_scheme.pdb_ins_code 
_pdbx_poly_seq_scheme.hetero 
A 1 1  DC 1  16 16 DC DC A . n 
A 1 2  DA 2  17 17 DA DA A . n 
A 1 3  DC 3  18 18 DC DC A . n 
A 1 4  DA 4  19 19 DA DA A . n 
A 1 5  DC 5  20 20 DC DC A . n 
A 1 6  DC 6  21 21 DC DC A . n 
A 1 7  DG 7  22 22 DG DG A . n 
A 1 8  DT 8  23 23 DT DT A . n 
B 2 1  DT 1  3  3  DT DT B . n 
B 2 2  DC 2  4  4  DC DC B . n 
B 2 3  DT 3  5  5  DT DT B . n 
B 2 4  DG 4  6  6  DG DG B . n 
B 2 5  DT 5  7  7  DT DT B . n 
B 2 6  DG 6  8  8  DG DG B . n 
C 3 1  DA 1  9  9  DA DA C . n 
C 3 2  DC 2  10 10 DC DC C . n 
C 3 3  DG 3  11 11 DG DG C . n 
C 3 4  DG 4  12 12 DG DG C . n 
C 3 5  DA 5  13 13 DA DA C . n 
C 3 6  DC 6  14 14 DC DC C . n 
C 3 7  DA 7  15 15 DA DA C . n 
C 3 8  DG 8  16 16 DG DG C . n 
C 3 9  DC 9  17 17 DC DC C . n 
C 3 10 DA 10 18 18 DA DA C . n 
C 3 11 DG 11 19 19 DG DG C . n 
C 3 12 DT 12 20 20 DT DT C . n 
C 3 13 DG 13 21 21 DG DG C . n 
C 3 14 DC 14 22 22 DC DC C . n 
C 3 15 DA 15 23 23 DA DA C . n 
D 4 1  DG 1  1  1  DG DG D . n 
D 4 2  DA 2  2  2  DA DA D . n 
D 4 3  DT 3  3  3  DT DT D . n 
D 4 4  DG 4  4  4  DG DG D . n 
D 4 5  DC 5  5  5  DC DC D . n 
D 4 6  DA 6  6  6  DA DA D . n 
D 4 7  DC 7  7  7  DC DC D . n 
D 4 8  DT 8  8  8  DT DT D . n 
D 4 9  DG 9  9  9  DG DG D . n 
D 4 10 DC 10 10 10 DC DC D . n 
D 4 11 DT 11 11 11 DT DT D . n 
D 4 12 DG 12 12 12 DG DG D . n 
D 4 13 DT 13 13 13 DT DT D . n 
# 
loop_
_software.citation_id 
_software.classification 
_software.compiler_name 
_software.compiler_version 
_software.contact_author 
_software.contact_author_email 
_software.date 
_software.description 
_software.dependencies 
_software.hardware 
_software.language 
_software.location 
_software.mods 
_software.name 
_software.os 
_software.os_version 
_software.type 
_software.version 
_software.pdbx_ordinal 
? refinement       ? ? ? ? ? ? ? ? ? ? ? PHENIX    ? ? ? 1.21.1_5286 1 
? 'data reduction' ? ? ? ? ? ? ? ? ? ? ? autoPROC  ? ? ? .           2 
? 'data scaling'   ? ? ? ? ? ? ? ? ? ? ? STARANISO ? ? ? .           3 
? phasing          ? ? ? ? ? ? ? ? ? ? ? PHASER    ? ? ? .           4 
# 
_cell.angle_alpha                  90.000 
_cell.angle_alpha_esd              ? 
_cell.angle_beta                   90.000 
_cell.angle_beta_esd               ? 
_cell.angle_gamma                  120.000 
_cell.angle_gamma_esd              ? 
_cell.entry_id                     9ND4 
_cell.details                      ? 
_cell.formula_units_Z              ? 
_cell.length_a                     98.097 
_cell.length_a_esd                 ? 
_cell.length_b                     98.097 
_cell.length_b_esd                 ? 
_cell.length_c                     116.395 
_cell.length_c_esd                 ? 
_cell.volume                       970010.440 
_cell.volume_esd                   ? 
_cell.Z_PDB                        9 
_cell.reciprocal_angle_alpha       ? 
_cell.reciprocal_angle_beta        ? 
_cell.reciprocal_angle_gamma       ? 
_cell.reciprocal_angle_alpha_esd   ? 
_cell.reciprocal_angle_beta_esd    ? 
_cell.reciprocal_angle_gamma_esd   ? 
_cell.reciprocal_length_a          ? 
_cell.reciprocal_length_b          ? 
_cell.reciprocal_length_c          ? 
_cell.reciprocal_length_a_esd      ? 
_cell.reciprocal_length_b_esd      ? 
_cell.reciprocal_length_c_esd      ? 
_cell.pdbx_unique_axis             ? 
_cell.pdbx_esd_method              ? 
# 
_symmetry.entry_id                         9ND4 
_symmetry.cell_setting                     ? 
_symmetry.Int_Tables_number                146 
_symmetry.space_group_name_Hall            'H 3' 
_symmetry.space_group_name_H-M             'H 3' 
_symmetry.pdbx_full_space_group_name_H-M   ? 
# 
_exptl.absorpt_coefficient_mu     ? 
_exptl.absorpt_correction_T_max   ? 
_exptl.absorpt_correction_T_min   ? 
_exptl.absorpt_correction_type    ? 
_exptl.absorpt_process_details    ? 
_exptl.entry_id                   9ND4 
_exptl.crystals_number            1 
_exptl.details                    ? 
_exptl.method                     'X-RAY DIFFRACTION' 
_exptl.method_details             ? 
# 
_exptl_crystal.colour                       ? 
_exptl_crystal.density_diffrn               ? 
_exptl_crystal.density_Matthews             ? 
_exptl_crystal.density_method               ? 
_exptl_crystal.density_percent_sol          ? 
_exptl_crystal.description                  ? 
_exptl_crystal.F_000                        ? 
_exptl_crystal.id                           1 
_exptl_crystal.preparation                  ? 
_exptl_crystal.size_max                     ? 
_exptl_crystal.size_mid                     ? 
_exptl_crystal.size_min                     ? 
_exptl_crystal.size_rad                     ? 
_exptl_crystal.colour_lustre                ? 
_exptl_crystal.colour_modifier              ? 
_exptl_crystal.colour_primary               ? 
_exptl_crystal.density_meas                 ? 
_exptl_crystal.density_meas_esd             ? 
_exptl_crystal.density_meas_gt              ? 
_exptl_crystal.density_meas_lt              ? 
_exptl_crystal.density_meas_temp            ? 
_exptl_crystal.density_meas_temp_esd        ? 
_exptl_crystal.density_meas_temp_gt         ? 
_exptl_crystal.density_meas_temp_lt         ? 
_exptl_crystal.pdbx_crystal_image_url       ? 
_exptl_crystal.pdbx_crystal_image_format    ? 
_exptl_crystal.pdbx_mosaicity               ? 
_exptl_crystal.pdbx_mosaicity_esd           ? 
_exptl_crystal.pdbx_mosaic_method           ? 
_exptl_crystal.pdbx_mosaic_block_size       ? 
_exptl_crystal.pdbx_mosaic_block_size_esd   ? 
# 
_exptl_crystal_grow.apparatus       ? 
_exptl_crystal_grow.atmosphere      ? 
_exptl_crystal_grow.crystal_id      1 
_exptl_crystal_grow.details         ? 
_exptl_crystal_grow.method          'VAPOR DIFFUSION, HANGING DROP' 
_exptl_crystal_grow.method_ref      ? 
_exptl_crystal_grow.pH              ? 
_exptl_crystal_grow.pressure        ? 
_exptl_crystal_grow.pressure_esd    ? 
_exptl_crystal_grow.seeding         ? 
_exptl_crystal_grow.seeding_ref     ? 
_exptl_crystal_grow.temp_details    '338-293 at 0.4/hr' 
_exptl_crystal_grow.temp_esd        ? 
_exptl_crystal_grow.time            ? 
_exptl_crystal_grow.pdbx_details    '100 mM MOPS, 1.25 M magnesium sulfate' 
_exptl_crystal_grow.pdbx_pH_range   ? 
_exptl_crystal_grow.temp            293 
# 
_diffrn.ambient_environment              ? 
_diffrn.ambient_temp                     100 
_diffrn.ambient_temp_details             ? 
_diffrn.ambient_temp_esd                 ? 
_diffrn.crystal_id                       1 
_diffrn.crystal_support                  ? 
_diffrn.crystal_treatment                ? 
_diffrn.details                          ? 
_diffrn.id                               1 
_diffrn.ambient_pressure                 ? 
_diffrn.ambient_pressure_esd             ? 
_diffrn.ambient_pressure_gt              ? 
_diffrn.ambient_pressure_lt              ? 
_diffrn.ambient_temp_gt                  ? 
_diffrn.ambient_temp_lt                  ? 
_diffrn.pdbx_serial_crystal_experiment   N 
# 
_diffrn_detector.details                      ? 
_diffrn_detector.detector                     PIXEL 
_diffrn_detector.diffrn_id                    1 
_diffrn_detector.type                         'DECTRIS EIGER X 9M' 
_diffrn_detector.area_resol_mean              ? 
_diffrn_detector.dtime                        ? 
_diffrn_detector.pdbx_frames_total            ? 
_diffrn_detector.pdbx_collection_time_total   ? 
_diffrn_detector.pdbx_collection_date         2022-11-13 
_diffrn_detector.pdbx_frequency               ? 
_diffrn_detector.id                           ? 
_diffrn_detector.number_of_axes               ? 
# 
_diffrn_radiation.collimation                      ? 
_diffrn_radiation.diffrn_id                        1 
_diffrn_radiation.filter_edge                      ? 
_diffrn_radiation.inhomogeneity                    ? 
_diffrn_radiation.monochromator                    ? 
_diffrn_radiation.polarisn_norm                    ? 
_diffrn_radiation.polarisn_ratio                   ? 
_diffrn_radiation.probe                            ? 
_diffrn_radiation.type                             ? 
_diffrn_radiation.xray_symbol                      ? 
_diffrn_radiation.wavelength_id                    1 
_diffrn_radiation.pdbx_monochromatic_or_laue_m_l   M 
_diffrn_radiation.pdbx_wavelength_list             ? 
_diffrn_radiation.pdbx_wavelength                  ? 
_diffrn_radiation.pdbx_diffrn_protocol             'SINGLE WAVELENGTH' 
_diffrn_radiation.pdbx_analyzer                    ? 
_diffrn_radiation.pdbx_scattering_type             x-ray 
# 
_diffrn_radiation_wavelength.id           1 
_diffrn_radiation_wavelength.wavelength   1.000000 
_diffrn_radiation_wavelength.wt           1.0 
# 
_diffrn_source.current                     ? 
_diffrn_source.details                     ? 
_diffrn_source.diffrn_id                   1 
_diffrn_source.power                       ? 
_diffrn_source.size                        ? 
_diffrn_source.source                      SYNCHROTRON 
_diffrn_source.target                      ? 
_diffrn_source.type                        'APS BEAMLINE 17-ID' 
_diffrn_source.voltage                     ? 
_diffrn_source.take-off_angle              ? 
_diffrn_source.pdbx_wavelength_list        1.000000 
_diffrn_source.pdbx_wavelength             ? 
_diffrn_source.pdbx_synchrotron_beamline   17-ID 
_diffrn_source.pdbx_synchrotron_site       APS 
# 
_reflns.B_iso_Wilson_estimate                          476.86 
_reflns.entry_id                                       9ND4 
_reflns.data_reduction_details                         ? 
_reflns.data_reduction_method                          ? 
_reflns.d_resolution_high                              5.30 
_reflns.d_resolution_low                               68.621 
_reflns.details                                        ? 
_reflns.limit_h_max                                    ? 
_reflns.limit_h_min                                    ? 
_reflns.limit_k_max                                    ? 
_reflns.limit_k_min                                    ? 
_reflns.limit_l_max                                    ? 
_reflns.limit_l_min                                    ? 
_reflns.number_all                                     ? 
_reflns.number_obs                                     1412 
_reflns.observed_criterion                             ? 
_reflns.observed_criterion_F_max                       ? 
_reflns.observed_criterion_F_min                       ? 
_reflns.observed_criterion_I_max                       ? 
_reflns.observed_criterion_I_min                       ? 
_reflns.observed_criterion_sigma_F                     ? 
_reflns.observed_criterion_sigma_I                     ? 
_reflns.percent_possible_obs                           93.2 
_reflns.R_free_details                                 ? 
_reflns.Rmerge_F_all                                   ? 
_reflns.Rmerge_F_obs                                   ? 
_reflns.Friedel_coverage                               ? 
_reflns.number_gt                                      ? 
_reflns.threshold_expression                           ? 
_reflns.pdbx_redundancy                                10.5 
_reflns.pdbx_netI_over_av_sigmaI                       ? 
_reflns.pdbx_netI_over_sigmaI                          13.3 
_reflns.pdbx_res_netI_over_av_sigmaI_2                 ? 
_reflns.pdbx_res_netI_over_sigmaI_2                    ? 
_reflns.pdbx_chi_squared                               ? 
_reflns.pdbx_scaling_rejects                           ? 
_reflns.pdbx_d_res_high_opt                            ? 
_reflns.pdbx_d_res_low_opt                             ? 
_reflns.pdbx_d_res_opt_method                          ? 
_reflns.phase_calculation_details                      ? 
_reflns.pdbx_Rrim_I_all                                ? 
_reflns.pdbx_Rpim_I_all                                ? 
_reflns.pdbx_d_opt                                     ? 
_reflns.pdbx_number_measured_all                       ? 
_reflns.pdbx_diffrn_id                                 1 
_reflns.pdbx_ordinal                                   1 
_reflns.pdbx_CC_half                                   0.999 
_reflns.pdbx_CC_star                                   ? 
_reflns.pdbx_R_split                                   ? 
_reflns.pdbx_Rmerge_I_obs                              ? 
_reflns.pdbx_Rmerge_I_all                              ? 
_reflns.pdbx_Rsym_value                                ? 
_reflns.pdbx_CC_split_method                           ? 
_reflns.pdbx_aniso_diffraction_limit_axis_1_ortho[1]   ? 
_reflns.pdbx_aniso_diffraction_limit_axis_1_ortho[2]   ? 
_reflns.pdbx_aniso_diffraction_limit_axis_1_ortho[3]   ? 
_reflns.pdbx_aniso_diffraction_limit_axis_2_ortho[1]   ? 
_reflns.pdbx_aniso_diffraction_limit_axis_2_ortho[2]   ? 
_reflns.pdbx_aniso_diffraction_limit_axis_2_ortho[3]   ? 
_reflns.pdbx_aniso_diffraction_limit_axis_3_ortho[1]   ? 
_reflns.pdbx_aniso_diffraction_limit_axis_3_ortho[2]   ? 
_reflns.pdbx_aniso_diffraction_limit_axis_3_ortho[3]   ? 
_reflns.pdbx_aniso_diffraction_limit_1                 ? 
_reflns.pdbx_aniso_diffraction_limit_2                 ? 
_reflns.pdbx_aniso_diffraction_limit_3                 ? 
_reflns.pdbx_aniso_B_tensor_eigenvector_1_ortho[1]     ? 
_reflns.pdbx_aniso_B_tensor_eigenvector_1_ortho[2]     ? 
_reflns.pdbx_aniso_B_tensor_eigenvector_1_ortho[3]     ? 
_reflns.pdbx_aniso_B_tensor_eigenvector_2_ortho[1]     ? 
_reflns.pdbx_aniso_B_tensor_eigenvector_2_ortho[2]     ? 
_reflns.pdbx_aniso_B_tensor_eigenvector_2_ortho[3]     ? 
_reflns.pdbx_aniso_B_tensor_eigenvector_3_ortho[1]     ? 
_reflns.pdbx_aniso_B_tensor_eigenvector_3_ortho[2]     ? 
_reflns.pdbx_aniso_B_tensor_eigenvector_3_ortho[3]     ? 
_reflns.pdbx_aniso_B_tensor_eigenvalue_1               ? 
_reflns.pdbx_aniso_B_tensor_eigenvalue_2               ? 
_reflns.pdbx_aniso_B_tensor_eigenvalue_3               ? 
_reflns.pdbx_orthogonalization_convention              ? 
_reflns.pdbx_percent_possible_ellipsoidal              ? 
_reflns.pdbx_percent_possible_spherical                ? 
_reflns.pdbx_percent_possible_ellipsoidal_anomalous    ? 
_reflns.pdbx_percent_possible_spherical_anomalous      ? 
_reflns.pdbx_redundancy_anomalous                      ? 
_reflns.pdbx_CC_half_anomalous                         ? 
_reflns.pdbx_absDiff_over_sigma_anomalous              ? 
_reflns.pdbx_percent_possible_anomalous                ? 
_reflns.pdbx_observed_signal_threshold                 ? 
_reflns.pdbx_signal_type                               ? 
_reflns.pdbx_signal_details                            ? 
_reflns.pdbx_signal_software_id                        ? 
# 
loop_
_reflns_shell.d_res_high 
_reflns_shell.d_res_low 
_reflns_shell.meanI_over_sigI_all 
_reflns_shell.meanI_over_sigI_obs 
_reflns_shell.number_measured_all 
_reflns_shell.number_measured_obs 
_reflns_shell.number_possible 
_reflns_shell.number_unique_all 
_reflns_shell.number_unique_obs 
_reflns_shell.percent_possible_obs 
_reflns_shell.Rmerge_F_all 
_reflns_shell.Rmerge_F_obs 
_reflns_shell.meanI_over_sigI_gt 
_reflns_shell.meanI_over_uI_all 
_reflns_shell.meanI_over_uI_gt 
_reflns_shell.number_measured_gt 
_reflns_shell.number_unique_gt 
_reflns_shell.percent_possible_gt 
_reflns_shell.Rmerge_F_gt 
_reflns_shell.Rmerge_I_gt 
_reflns_shell.pdbx_redundancy 
_reflns_shell.pdbx_chi_squared 
_reflns_shell.pdbx_netI_over_sigmaI_all 
_reflns_shell.pdbx_netI_over_sigmaI_obs 
_reflns_shell.pdbx_Rrim_I_all 
_reflns_shell.pdbx_Rpim_I_all 
_reflns_shell.pdbx_rejects 
_reflns_shell.pdbx_ordinal 
_reflns_shell.pdbx_diffrn_id 
_reflns_shell.pdbx_CC_half 
_reflns_shell.pdbx_CC_star 
_reflns_shell.pdbx_R_split 
_reflns_shell.percent_possible_all 
_reflns_shell.Rmerge_I_all 
_reflns_shell.Rmerge_I_obs 
_reflns_shell.pdbx_Rsym_value 
_reflns_shell.pdbx_percent_possible_ellipsoidal 
_reflns_shell.pdbx_percent_possible_spherical 
_reflns_shell.pdbx_percent_possible_ellipsoidal_anomalous 
_reflns_shell.pdbx_percent_possible_spherical_anomalous 
_reflns_shell.pdbx_redundancy_anomalous 
_reflns_shell.pdbx_CC_half_anomalous 
_reflns_shell.pdbx_absDiff_over_sigma_anomalous 
_reflns_shell.pdbx_percent_possible_anomalous 
5.301  5.711  ? ? ? ? ? ? 203 ? ? ? ? ? ? ? ? ? ? ? ? ? ? ? ? ? ? 1 1 0.083 ? ? ? ? ? ? ? ? ? ? ? ? ? ? 
10.447 68.621 ? ? ? ? ? ? 202 ? ? ? ? ? ? ? ? ? ? ? ? ? ? ? ? ? ? 2 1 0.999 ? ? ? ? ? ? ? ? ? ? ? ? ? ? 
# 
_refine.aniso_B[1][1]                            ? 
_refine.aniso_B[1][2]                            ? 
_refine.aniso_B[1][3]                            ? 
_refine.aniso_B[2][2]                            ? 
_refine.aniso_B[2][3]                            ? 
_refine.aniso_B[3][3]                            ? 
_refine.B_iso_max                                ? 
_refine.B_iso_mean                               523.72 
_refine.B_iso_min                                ? 
_refine.correlation_coeff_Fo_to_Fc               ? 
_refine.correlation_coeff_Fo_to_Fc_free          ? 
_refine.details                                  ? 
_refine.diff_density_max                         ? 
_refine.diff_density_max_esd                     ? 
_refine.diff_density_min                         ? 
_refine.diff_density_min_esd                     ? 
_refine.diff_density_rms                         ? 
_refine.diff_density_rms_esd                     ? 
_refine.entry_id                                 9ND4 
_refine.pdbx_refine_id                           'X-RAY DIFFRACTION' 
_refine.ls_abs_structure_details                 ? 
_refine.ls_abs_structure_Flack                   ? 
_refine.ls_abs_structure_Flack_esd               ? 
_refine.ls_abs_structure_Rogers                  ? 
_refine.ls_abs_structure_Rogers_esd              ? 
_refine.ls_d_res_high                            5.30 
_refine.ls_d_res_low                             39.90 
_refine.ls_extinction_coef                       ? 
_refine.ls_extinction_coef_esd                   ? 
_refine.ls_extinction_expression                 ? 
_refine.ls_extinction_method                     ? 
_refine.ls_goodness_of_fit_all                   ? 
_refine.ls_goodness_of_fit_all_esd               ? 
_refine.ls_goodness_of_fit_obs                   ? 
_refine.ls_goodness_of_fit_obs_esd               ? 
_refine.ls_hydrogen_treatment                    ? 
_refine.ls_matrix_type                           ? 
_refine.ls_number_constraints                    ? 
_refine.ls_number_parameters                     ? 
_refine.ls_number_reflns_all                     ? 
_refine.ls_number_reflns_obs                     1397 
_refine.ls_number_reflns_R_free                  137 
_refine.ls_number_reflns_R_work                  1260 
_refine.ls_number_restraints                     ? 
_refine.ls_percent_reflns_obs                    92.15 
_refine.ls_percent_reflns_R_free                 9.81 
_refine.ls_R_factor_all                          ? 
_refine.ls_R_factor_obs                          0.1261 
_refine.ls_R_factor_R_free                       0.1452 
_refine.ls_R_factor_R_free_error                 ? 
_refine.ls_R_factor_R_free_error_details         ? 
_refine.ls_R_factor_R_work                       0.1237 
_refine.ls_R_Fsqd_factor_obs                     ? 
_refine.ls_R_I_factor_obs                        ? 
_refine.ls_redundancy_reflns_all                 ? 
_refine.ls_redundancy_reflns_obs                 ? 
_refine.ls_restrained_S_all                      ? 
_refine.ls_restrained_S_obs                      ? 
_refine.ls_shift_over_esd_max                    ? 
_refine.ls_shift_over_esd_mean                   ? 
_refine.ls_structure_factor_coef                 ? 
_refine.ls_weighting_details                     ? 
_refine.ls_weighting_scheme                      ? 
_refine.ls_wR_factor_all                         ? 
_refine.ls_wR_factor_obs                         ? 
_refine.ls_wR_factor_R_free                      ? 
_refine.ls_wR_factor_R_work                      ? 
_refine.occupancy_max                            ? 
_refine.occupancy_min                            ? 
_refine.solvent_model_details                    'FLAT BULK SOLVENT MODEL' 
_refine.solvent_model_param_bsol                 ? 
_refine.solvent_model_param_ksol                 ? 
_refine.correlation_coeff_I_to_Fcsqd_work        ? 
_refine.correlation_coeff_I_to_Fcsqd_free        ? 
_refine.pdbx_R_complete                          ? 
_refine.ls_R_factor_gt                           ? 
_refine.ls_goodness_of_fit_gt                    ? 
_refine.ls_goodness_of_fit_ref                   ? 
_refine.ls_shift_over_su_max                     ? 
_refine.ls_shift_over_su_max_lt                  ? 
_refine.ls_shift_over_su_mean                    ? 
_refine.ls_shift_over_su_mean_lt                 ? 
_refine.pdbx_ls_sigma_I                          ? 
_refine.pdbx_ls_sigma_F                          1.97 
_refine.pdbx_ls_sigma_Fsqd                       ? 
_refine.pdbx_data_cutoff_high_absF               ? 
_refine.pdbx_data_cutoff_high_rms_absF           ? 
_refine.pdbx_data_cutoff_low_absF                ? 
_refine.pdbx_isotropic_thermal_model             ? 
_refine.pdbx_ls_cross_valid_method               'FREE R-VALUE' 
_refine.pdbx_method_to_determine_struct          'MOLECULAR REPLACEMENT' 
_refine.pdbx_starting_model                      ? 
_refine.pdbx_stereochemistry_target_values       'GeoStd + Monomer Library + CDL v1.2' 
_refine.pdbx_R_Free_selection_details            ? 
_refine.pdbx_stereochem_target_val_spec_case     ? 
_refine.pdbx_overall_ESU_R                       ? 
_refine.pdbx_overall_ESU_R_Free                  ? 
_refine.pdbx_solvent_vdw_probe_radii             1.1000 
_refine.pdbx_solvent_ion_probe_radii             ? 
_refine.pdbx_solvent_shrinkage_radii             0.9000 
_refine.pdbx_real_space_R                        ? 
_refine.pdbx_density_correlation                 ? 
_refine.pdbx_pd_number_of_powder_patterns        ? 
_refine.pdbx_pd_number_of_points                 ? 
_refine.pdbx_pd_meas_number_of_points            ? 
_refine.pdbx_pd_proc_ls_prof_R_factor            ? 
_refine.pdbx_pd_proc_ls_prof_wR_factor           ? 
_refine.pdbx_pd_Marquardt_correlation_coeff      ? 
_refine.pdbx_pd_Fsqrd_R_factor                   ? 
_refine.pdbx_pd_ls_matrix_band_width             ? 
_refine.pdbx_overall_phase_error                 30.3025 
_refine.pdbx_overall_SU_R_free_Cruickshank_DPI   ? 
_refine.pdbx_overall_SU_R_free_Blow_DPI          ? 
_refine.pdbx_overall_SU_R_Blow_DPI               ? 
_refine.pdbx_TLS_residual_ADP_flag               ? 
_refine.pdbx_diffrn_id                           1 
_refine.overall_SU_B                             ? 
_refine.overall_SU_ML                            0.3110 
_refine.overall_SU_R_Cruickshank_DPI             ? 
_refine.overall_SU_R_free                        ? 
_refine.overall_FOM_free_R_set                   ? 
_refine.overall_FOM_work_R_set                   ? 
_refine.pdbx_average_fsc_overall                 ? 
_refine.pdbx_average_fsc_work                    ? 
_refine.pdbx_average_fsc_free                    ? 
# 
_refine_hist.pdbx_refine_id                   'X-RAY DIFFRACTION' 
_refine_hist.cycle_id                         LAST 
_refine_hist.details                          ? 
_refine_hist.d_res_high                       5.30 
_refine_hist.d_res_low                        39.90 
_refine_hist.number_atoms_solvent             0 
_refine_hist.number_atoms_total               855 
_refine_hist.number_reflns_all                ? 
_refine_hist.number_reflns_obs                ? 
_refine_hist.number_reflns_R_free             ? 
_refine_hist.number_reflns_R_work             ? 
_refine_hist.R_factor_all                     ? 
_refine_hist.R_factor_obs                     ? 
_refine_hist.R_factor_R_free                  ? 
_refine_hist.R_factor_R_work                  ? 
_refine_hist.pdbx_number_residues_total       ? 
_refine_hist.pdbx_B_iso_mean_ligand           ? 
_refine_hist.pdbx_B_iso_mean_solvent          ? 
_refine_hist.pdbx_number_atoms_protein        0 
_refine_hist.pdbx_number_atoms_nucleic_acid   855 
_refine_hist.pdbx_number_atoms_ligand         0 
_refine_hist.pdbx_number_atoms_lipid          ? 
_refine_hist.pdbx_number_atoms_carb           ? 
_refine_hist.pdbx_pseudo_atom_details         ? 
# 
loop_
_refine_ls_restr.pdbx_refine_id 
_refine_ls_restr.criterion 
_refine_ls_restr.dev_ideal 
_refine_ls_restr.dev_ideal_target 
_refine_ls_restr.number 
_refine_ls_restr.rejects 
_refine_ls_restr.type 
_refine_ls_restr.weight 
_refine_ls_restr.pdbx_restraint_function 
'X-RAY DIFFRACTION' ? 0.0060  ? 956  ? f_bond_d           ? ? 
'X-RAY DIFFRACTION' ? 0.8645  ? 1467 ? f_angle_d          ? ? 
'X-RAY DIFFRACTION' ? 0.0448  ? 166  ? f_chiral_restr     ? ? 
'X-RAY DIFFRACTION' ? 0.0051  ? 42   ? f_plane_restr      ? ? 
'X-RAY DIFFRACTION' ? 37.3625 ? 442  ? f_dihedral_angle_d ? ? 
# 
_refine_ls_shell.pdbx_refine_id                      'X-RAY DIFFRACTION' 
_refine_ls_shell.d_res_high                          5.30 
_refine_ls_shell.d_res_low                           39.90 
_refine_ls_shell.number_reflns_all                   ? 
_refine_ls_shell.number_reflns_obs                   ? 
_refine_ls_shell.number_reflns_R_free                137 
_refine_ls_shell.number_reflns_R_work                1260 
_refine_ls_shell.percent_reflns_obs                  92.15 
_refine_ls_shell.percent_reflns_R_free               ? 
_refine_ls_shell.R_factor_all                        ? 
_refine_ls_shell.R_factor_obs                        ? 
_refine_ls_shell.R_factor_R_free_error               ? 
_refine_ls_shell.R_factor_R_work                     0.1237 
_refine_ls_shell.redundancy_reflns_all               ? 
_refine_ls_shell.redundancy_reflns_obs               ? 
_refine_ls_shell.wR_factor_all                       ? 
_refine_ls_shell.wR_factor_obs                       ? 
_refine_ls_shell.wR_factor_R_free                    ? 
_refine_ls_shell.wR_factor_R_work                    ? 
_refine_ls_shell.pdbx_R_complete                     ? 
_refine_ls_shell.correlation_coeff_Fo_to_Fc          ? 
_refine_ls_shell.correlation_coeff_Fo_to_Fc_free     ? 
_refine_ls_shell.correlation_coeff_I_to_Fcsqd_work   ? 
_refine_ls_shell.correlation_coeff_I_to_Fcsqd_free   ? 
_refine_ls_shell.pdbx_total_number_of_bins_used      ? 
_refine_ls_shell.pdbx_phase_error                    ? 
_refine_ls_shell.pdbx_fsc_work                       ? 
_refine_ls_shell.pdbx_fsc_free                       ? 
_refine_ls_shell.R_factor_R_free                     0.1452 
# 
_struct.entry_id                     9ND4 
_struct.title                        
'[0,8,11-2] Shifted tensegrity triangle with an (arm,center,arm) distribution of (0,8,11) base pairs and 2 nt sticky ends' 
_struct.pdbx_model_details           ? 
_struct.pdbx_formula_weight          ? 
_struct.pdbx_formula_weight_method   ? 
_struct.pdbx_model_type_details      ? 
_struct.pdbx_CASP_flag               N 
# 
_struct_keywords.entry_id        9ND4 
_struct_keywords.text            'tensegrity triangle, DNA' 
_struct_keywords.pdbx_keywords   DNA 
# 
loop_
_struct_asym.id 
_struct_asym.pdbx_blank_PDB_chainid_flag 
_struct_asym.pdbx_modified 
_struct_asym.entity_id 
_struct_asym.details 
A N N 1 ? 
B N N 2 ? 
C N N 3 ? 
D N N 4 ? 
# 
loop_
_struct_ref.id 
_struct_ref.db_name 
_struct_ref.db_code 
_struct_ref.pdbx_db_accession 
_struct_ref.pdbx_db_isoform 
_struct_ref.entity_id 
_struct_ref.pdbx_seq_one_letter_code 
_struct_ref.pdbx_align_begin 
1 PDB 9ND4 9ND4 ? 1 ? 1 
2 PDB 9ND4 9ND4 ? 2 ? 1 
3 PDB 9ND4 9ND4 ? 3 ? 1 
4 PDB 9ND4 9ND4 ? 4 ? 1 
# 
loop_
_struct_ref_seq.align_id 
_struct_ref_seq.ref_id 
_struct_ref_seq.pdbx_PDB_id_code 
_struct_ref_seq.pdbx_strand_id 
_struct_ref_seq.seq_align_beg 
_struct_ref_seq.pdbx_seq_align_beg_ins_code 
_struct_ref_seq.seq_align_end 
_struct_ref_seq.pdbx_seq_align_end_ins_code 
_struct_ref_seq.pdbx_db_accession 
_struct_ref_seq.db_align_beg 
_struct_ref_seq.pdbx_db_align_beg_ins_code 
_struct_ref_seq.db_align_end 
_struct_ref_seq.pdbx_db_align_end_ins_code 
_struct_ref_seq.pdbx_auth_seq_align_beg 
_struct_ref_seq.pdbx_auth_seq_align_end 
1 1 9ND4 A 1 ? 8  ? 9ND4 16 ? 23 ? 16 23 
2 2 9ND4 B 1 ? 6  ? 9ND4 3  ? 8  ? 3  8  
3 3 9ND4 C 1 ? 15 ? 9ND4 9  ? 23 ? 9  23 
4 4 9ND4 D 1 ? 13 ? 9ND4 1  ? 13 ? 1  13 
# 
_pdbx_struct_assembly.id                   1 
_pdbx_struct_assembly.details              author_defined_assembly 
_pdbx_struct_assembly.method_details       ? 
_pdbx_struct_assembly.oligomeric_details   dodecameric 
_pdbx_struct_assembly.oligomeric_count     12 
# 
loop_
_pdbx_struct_assembly_gen.assembly_id 
_pdbx_struct_assembly_gen.oper_expression 
_pdbx_struct_assembly_gen.asym_id_list 
1 1 A,B,C,D 
1 2 A,B,C,D 
1 3 A,B,C,D 
# 
_pdbx_struct_assembly_auth_evidence.id                     1 
_pdbx_struct_assembly_auth_evidence.assembly_id            1 
_pdbx_struct_assembly_auth_evidence.experimental_support   'native gel electrophoresis' 
_pdbx_struct_assembly_auth_evidence.details                ? 
# 
loop_
_pdbx_struct_oper_list.id 
_pdbx_struct_oper_list.type 
_pdbx_struct_oper_list.name 
_pdbx_struct_oper_list.symmetry_operation 
_pdbx_struct_oper_list.matrix[1][1] 
_pdbx_struct_oper_list.matrix[1][2] 
_pdbx_struct_oper_list.matrix[1][3] 
_pdbx_struct_oper_list.vector[1] 
_pdbx_struct_oper_list.matrix[2][1] 
_pdbx_struct_oper_list.matrix[2][2] 
_pdbx_struct_oper_list.matrix[2][3] 
_pdbx_struct_oper_list.vector[2] 
_pdbx_struct_oper_list.matrix[3][1] 
_pdbx_struct_oper_list.matrix[3][2] 
_pdbx_struct_oper_list.matrix[3][3] 
_pdbx_struct_oper_list.vector[3] 
1 'identity operation'         1_555 x,y,z     1.0000000000 0.0000000000  0.0000000000 0.0000000000   0.0000000000  1.0000000000  0.0000000000  0.0000000000   0.0000000000 0.0000000000  1.0000000000 0.0000000000   
2 'crystal symmetry operation' 2_555 -y,x-y,z  0.1977973153 0.4483482918  0.8716995075 3.7125196431   -0.7856943946 -0.4592279912 0.4144803619  -41.8736755508 0.5861403760 -0.7668725196 0.2614306759 -13.2436311809 
3 'crystal symmetry operation' 3_555 -x+y,-x,z 0.1977973153 -0.7856943946 0.5861403760 -25.8716116210 0.4483482918  -0.4592279912 -0.7668725196 -31.0502425600 0.8716995075 0.4144803619  0.2614306759 17.5819061021 
# 
loop_
_struct_conn.id 
_struct_conn.conn_type_id 
_struct_conn.pdbx_leaving_atom_flag 
_struct_conn.pdbx_PDB_id 
_struct_conn.ptnr1_label_asym_id 
_struct_conn.ptnr1_label_comp_id 
_struct_conn.ptnr1_label_seq_id 
_struct_conn.ptnr1_label_atom_id 
_struct_conn.pdbx_ptnr1_label_alt_id 
_struct_conn.pdbx_ptnr1_PDB_ins_code 
_struct_conn.pdbx_ptnr1_standard_comp_id 
_struct_conn.ptnr1_symmetry 
_struct_conn.ptnr2_label_asym_id 
_struct_conn.ptnr2_label_comp_id 
_struct_conn.ptnr2_label_seq_id 
_struct_conn.ptnr2_label_atom_id 
_struct_conn.pdbx_ptnr2_label_alt_id 
_struct_conn.pdbx_ptnr2_PDB_ins_code 
_struct_conn.ptnr1_auth_asym_id 
_struct_conn.ptnr1_auth_comp_id 
_struct_conn.ptnr1_auth_seq_id 
_struct_conn.ptnr2_auth_asym_id 
_struct_conn.ptnr2_auth_comp_id 
_struct_conn.ptnr2_auth_seq_id 
_struct_conn.ptnr2_symmetry 
_struct_conn.pdbx_ptnr3_label_atom_id 
_struct_conn.pdbx_ptnr3_label_seq_id 
_struct_conn.pdbx_ptnr3_label_comp_id 
_struct_conn.pdbx_ptnr3_label_asym_id 
_struct_conn.pdbx_ptnr3_label_alt_id 
_struct_conn.pdbx_ptnr3_PDB_ins_code 
_struct_conn.details 
_struct_conn.pdbx_dist_value 
_struct_conn.pdbx_value_order 
_struct_conn.pdbx_role 
hydrog1  hydrog ? ? A DC 1  N3 ? ? ? 1_555 B DG 6  N1 ? ? A DC 16 B DG 8  1_555 ? ? ? ? ? ? WATSON-CRICK ? ? ? 
hydrog2  hydrog ? ? A DC 1  N4 ? ? ? 1_555 B DG 6  O6 ? ? A DC 16 B DG 8  1_555 ? ? ? ? ? ? WATSON-CRICK ? ? ? 
hydrog3  hydrog ? ? A DC 1  O2 ? ? ? 1_555 B DG 6  N2 ? ? A DC 16 B DG 8  1_555 ? ? ? ? ? ? WATSON-CRICK ? ? ? 
hydrog4  hydrog ? ? A DA 2  N1 ? ? ? 1_555 B DT 5  N3 ? ? A DA 17 B DT 7  1_555 ? ? ? ? ? ? 'DA-DT PAIR' ? ? ? 
hydrog5  hydrog ? ? A DC 3  N3 ? ? ? 1_555 B DG 4  N1 ? ? A DC 18 B DG 6  1_555 ? ? ? ? ? ? WATSON-CRICK ? ? ? 
hydrog6  hydrog ? ? A DC 3  N4 ? ? ? 1_555 B DG 4  O6 ? ? A DC 18 B DG 6  1_555 ? ? ? ? ? ? WATSON-CRICK ? ? ? 
hydrog7  hydrog ? ? A DC 3  O2 ? ? ? 1_555 B DG 4  N2 ? ? A DC 18 B DG 6  1_555 ? ? ? ? ? ? WATSON-CRICK ? ? ? 
hydrog8  hydrog ? ? A DA 4  N1 ? ? ? 1_555 B DT 3  N3 ? ? A DA 19 B DT 5  1_555 ? ? ? ? ? ? WATSON-CRICK ? ? ? 
hydrog9  hydrog ? ? A DA 4  N6 ? ? ? 1_555 B DT 3  O4 ? ? A DA 19 B DT 5  1_555 ? ? ? ? ? ? WATSON-CRICK ? ? ? 
hydrog10 hydrog ? ? A DC 5  N3 ? ? ? 1_555 C DG 4  N1 ? ? A DC 20 C DG 12 1_555 ? ? ? ? ? ? WATSON-CRICK ? ? ? 
hydrog11 hydrog ? ? A DC 5  N4 ? ? ? 1_555 C DG 4  O6 ? ? A DC 20 C DG 12 1_555 ? ? ? ? ? ? WATSON-CRICK ? ? ? 
hydrog12 hydrog ? ? A DC 5  O2 ? ? ? 1_555 C DG 4  N2 ? ? A DC 20 C DG 12 1_555 ? ? ? ? ? ? WATSON-CRICK ? ? ? 
hydrog13 hydrog ? ? A DC 6  N3 ? ? ? 1_555 C DG 3  N1 ? ? A DC 21 C DG 11 1_555 ? ? ? ? ? ? WATSON-CRICK ? ? ? 
hydrog14 hydrog ? ? A DC 6  N4 ? ? ? 1_555 C DG 3  O6 ? ? A DC 21 C DG 11 1_555 ? ? ? ? ? ? WATSON-CRICK ? ? ? 
hydrog15 hydrog ? ? A DC 6  O2 ? ? ? 1_555 C DG 3  N2 ? ? A DC 21 C DG 11 1_555 ? ? ? ? ? ? WATSON-CRICK ? ? ? 
hydrog16 hydrog ? ? A DG 7  N1 ? ? ? 1_555 C DC 2  N3 ? ? A DG 22 C DC 10 1_555 ? ? ? ? ? ? WATSON-CRICK ? ? ? 
hydrog17 hydrog ? ? A DG 7  N2 ? ? ? 1_555 C DC 2  O2 ? ? A DG 22 C DC 10 1_555 ? ? ? ? ? ? WATSON-CRICK ? ? ? 
hydrog18 hydrog ? ? A DG 7  O6 ? ? ? 1_555 C DC 2  N4 ? ? A DG 22 C DC 10 1_555 ? ? ? ? ? ? WATSON-CRICK ? ? ? 
hydrog19 hydrog ? ? A DT 8  N3 ? ? ? 1_555 C DA 1  N1 ? ? A DT 23 C DA 9  1_555 ? ? ? ? ? ? WATSON-CRICK ? ? ? 
hydrog20 hydrog ? ? A DT 8  O4 ? ? ? 1_555 C DA 1  N6 ? ? A DT 23 C DA 9  1_555 ? ? ? ? ? ? WATSON-CRICK ? ? ? 
hydrog21 hydrog ? ? C DA 5  N1 ? ? ? 1_555 D DT 13 N3 ? ? C DA 13 D DT 13 1_555 ? ? ? ? ? ? WATSON-CRICK ? ? ? 
hydrog22 hydrog ? ? C DA 5  N6 ? ? ? 1_555 D DT 13 O4 ? ? C DA 13 D DT 13 1_555 ? ? ? ? ? ? WATSON-CRICK ? ? ? 
hydrog23 hydrog ? ? C DC 6  N3 ? ? ? 1_555 D DG 12 N1 ? ? C DC 14 D DG 12 1_555 ? ? ? ? ? ? WATSON-CRICK ? ? ? 
hydrog24 hydrog ? ? C DC 6  N4 ? ? ? 1_555 D DG 12 O6 ? ? C DC 14 D DG 12 1_555 ? ? ? ? ? ? WATSON-CRICK ? ? ? 
hydrog25 hydrog ? ? C DC 6  O2 ? ? ? 1_555 D DG 12 N2 ? ? C DC 14 D DG 12 1_555 ? ? ? ? ? ? WATSON-CRICK ? ? ? 
hydrog26 hydrog ? ? C DA 7  N1 ? ? ? 1_555 D DT 11 N3 ? ? C DA 15 D DT 11 1_555 ? ? ? ? ? ? WATSON-CRICK ? ? ? 
hydrog27 hydrog ? ? C DA 7  N6 ? ? ? 1_555 D DT 11 O4 ? ? C DA 15 D DT 11 1_555 ? ? ? ? ? ? WATSON-CRICK ? ? ? 
hydrog28 hydrog ? ? C DG 8  N1 ? ? ? 1_555 D DC 10 N3 ? ? C DG 16 D DC 10 1_555 ? ? ? ? ? ? WATSON-CRICK ? ? ? 
hydrog29 hydrog ? ? C DG 8  N2 ? ? ? 1_555 D DC 10 O2 ? ? C DG 16 D DC 10 1_555 ? ? ? ? ? ? WATSON-CRICK ? ? ? 
hydrog30 hydrog ? ? C DG 8  O6 ? ? ? 1_555 D DC 10 N4 ? ? C DG 16 D DC 10 1_555 ? ? ? ? ? ? WATSON-CRICK ? ? ? 
hydrog31 hydrog ? ? C DC 9  N3 ? ? ? 1_555 D DG 9  N1 ? ? C DC 17 D DG 9  1_555 ? ? ? ? ? ? WATSON-CRICK ? ? ? 
hydrog32 hydrog ? ? C DC 9  N4 ? ? ? 1_555 D DG 9  O6 ? ? C DC 17 D DG 9  1_555 ? ? ? ? ? ? WATSON-CRICK ? ? ? 
hydrog33 hydrog ? ? C DC 9  O2 ? ? ? 1_555 D DG 9  N2 ? ? C DC 17 D DG 9  1_555 ? ? ? ? ? ? WATSON-CRICK ? ? ? 
hydrog34 hydrog ? ? C DA 10 N1 ? ? ? 1_555 D DT 8  N3 ? ? C DA 18 D DT 8  1_555 ? ? ? ? ? ? WATSON-CRICK ? ? ? 
hydrog35 hydrog ? ? C DA 10 N6 ? ? ? 1_555 D DT 8  O4 ? ? C DA 18 D DT 8  1_555 ? ? ? ? ? ? WATSON-CRICK ? ? ? 
hydrog36 hydrog ? ? C DG 11 N1 ? ? ? 1_555 D DC 7  N3 ? ? C DG 19 D DC 7  1_555 ? ? ? ? ? ? WATSON-CRICK ? ? ? 
hydrog37 hydrog ? ? C DG 11 N2 ? ? ? 1_555 D DC 7  O2 ? ? C DG 19 D DC 7  1_555 ? ? ? ? ? ? WATSON-CRICK ? ? ? 
hydrog38 hydrog ? ? C DG 11 O6 ? ? ? 1_555 D DC 7  N4 ? ? C DG 19 D DC 7  1_555 ? ? ? ? ? ? WATSON-CRICK ? ? ? 
hydrog39 hydrog ? ? C DT 12 N3 ? ? ? 1_555 D DA 6  N1 ? ? C DT 20 D DA 6  1_555 ? ? ? ? ? ? WATSON-CRICK ? ? ? 
hydrog40 hydrog ? ? C DT 12 O4 ? ? ? 1_555 D DA 6  N6 ? ? C DT 20 D DA 6  1_555 ? ? ? ? ? ? WATSON-CRICK ? ? ? 
hydrog41 hydrog ? ? C DG 13 N1 ? ? ? 1_555 D DC 5  N3 ? ? C DG 21 D DC 5  1_555 ? ? ? ? ? ? WATSON-CRICK ? ? ? 
hydrog42 hydrog ? ? C DG 13 N2 ? ? ? 1_555 D DC 5  O2 ? ? C DG 21 D DC 5  1_555 ? ? ? ? ? ? WATSON-CRICK ? ? ? 
hydrog43 hydrog ? ? C DG 13 O6 ? ? ? 1_555 D DC 5  N4 ? ? C DG 21 D DC 5  1_555 ? ? ? ? ? ? WATSON-CRICK ? ? ? 
hydrog44 hydrog ? ? C DC 14 N3 ? ? ? 1_555 D DG 4  N1 ? ? C DC 22 D DG 4  1_555 ? ? ? ? ? ? WATSON-CRICK ? ? ? 
hydrog45 hydrog ? ? C DC 14 N4 ? ? ? 1_555 D DG 4  O6 ? ? C DC 22 D DG 4  1_555 ? ? ? ? ? ? WATSON-CRICK ? ? ? 
hydrog46 hydrog ? ? C DC 14 O2 ? ? ? 1_555 D DG 4  N2 ? ? C DC 22 D DG 4  1_555 ? ? ? ? ? ? WATSON-CRICK ? ? ? 
hydrog47 hydrog ? ? C DA 15 N1 ? ? ? 1_555 D DT 3  N3 ? ? C DA 23 D DT 3  1_555 ? ? ? ? ? ? WATSON-CRICK ? ? ? 
hydrog48 hydrog ? ? C DA 15 N6 ? ? ? 1_555 D DT 3  O4 ? ? C DA 23 D DT 3  1_555 ? ? ? ? ? ? WATSON-CRICK ? ? ? 
# 
_struct_conn_type.id          hydrog 
_struct_conn_type.criteria    ? 
_struct_conn_type.reference   ? 
# 
_pdbx_entry_details.entry_id                   9ND4 
_pdbx_entry_details.compound_details           ? 
_pdbx_entry_details.source_details             ? 
_pdbx_entry_details.nonpolymer_details         ? 
_pdbx_entry_details.sequence_details           ? 
_pdbx_entry_details.has_ligand_of_interest     ? 
_pdbx_entry_details.has_protein_modification   N 
# 
loop_
_pdbx_validate_rmsd_angle.id 
_pdbx_validate_rmsd_angle.PDB_model_num 
_pdbx_validate_rmsd_angle.auth_atom_id_1 
_pdbx_validate_rmsd_angle.auth_asym_id_1 
_pdbx_validate_rmsd_angle.auth_comp_id_1 
_pdbx_validate_rmsd_angle.auth_seq_id_1 
_pdbx_validate_rmsd_angle.PDB_ins_code_1 
_pdbx_validate_rmsd_angle.label_alt_id_1 
_pdbx_validate_rmsd_angle.auth_atom_id_2 
_pdbx_validate_rmsd_angle.auth_asym_id_2 
_pdbx_validate_rmsd_angle.auth_comp_id_2 
_pdbx_validate_rmsd_angle.auth_seq_id_2 
_pdbx_validate_rmsd_angle.PDB_ins_code_2 
_pdbx_validate_rmsd_angle.label_alt_id_2 
_pdbx_validate_rmsd_angle.auth_atom_id_3 
_pdbx_validate_rmsd_angle.auth_asym_id_3 
_pdbx_validate_rmsd_angle.auth_comp_id_3 
_pdbx_validate_rmsd_angle.auth_seq_id_3 
_pdbx_validate_rmsd_angle.PDB_ins_code_3 
_pdbx_validate_rmsd_angle.label_alt_id_3 
_pdbx_validate_rmsd_angle.angle_value 
_pdbx_validate_rmsd_angle.angle_target_value 
_pdbx_validate_rmsd_angle.angle_deviation 
_pdbx_validate_rmsd_angle.angle_standard_deviation 
_pdbx_validate_rmsd_angle.linker_flag 
1 1 "O4'" A DC 21 ? ? "C1'" A DC 21 ? ? N1 A DC 21 ? ? 110.64 108.30 2.34 0.30 N 
2 1 "O4'" B DG 6  ? ? "C1'" B DG 6  ? ? N9 B DG 6  ? ? 112.84 108.30 4.54 0.30 N 
# 
loop_
_space_group_symop.id 
_space_group_symop.operation_xyz 
1 x,y,z                 
2 -y,x-y,z              
3 -x+y,-x,z             
4 x+1/3,y+2/3,z+2/3     
5 -y+1/3,x-y+2/3,z+2/3  
6 -x+y+1/3,-x+2/3,z+2/3 
7 x+2/3,y+1/3,z+1/3     
8 -y+2/3,x-y+1/3,z+1/3  
9 -x+y+2/3,-x+1/3,z+1/3 
# 
loop_
_pdbx_refine_tls.id 
_pdbx_refine_tls.pdbx_refine_id 
_pdbx_refine_tls.details 
_pdbx_refine_tls.method 
_pdbx_refine_tls.origin_x 
_pdbx_refine_tls.origin_y 
_pdbx_refine_tls.origin_z 
_pdbx_refine_tls.T[1][1] 
_pdbx_refine_tls.T[1][1]_esd 
_pdbx_refine_tls.T[1][2] 
_pdbx_refine_tls.T[1][2]_esd 
_pdbx_refine_tls.T[1][3] 
_pdbx_refine_tls.T[1][3]_esd 
_pdbx_refine_tls.T[2][2] 
_pdbx_refine_tls.T[2][2]_esd 
_pdbx_refine_tls.T[2][3] 
_pdbx_refine_tls.T[2][3]_esd 
_pdbx_refine_tls.T[3][3] 
_pdbx_refine_tls.T[3][3]_esd 
_pdbx_refine_tls.L[1][1] 
_pdbx_refine_tls.L[1][1]_esd 
_pdbx_refine_tls.L[1][2] 
_pdbx_refine_tls.L[1][2]_esd 
_pdbx_refine_tls.L[1][3] 
_pdbx_refine_tls.L[1][3]_esd 
_pdbx_refine_tls.L[2][2] 
_pdbx_refine_tls.L[2][2]_esd 
_pdbx_refine_tls.L[2][3] 
_pdbx_refine_tls.L[2][3]_esd 
_pdbx_refine_tls.L[3][3] 
_pdbx_refine_tls.L[3][3]_esd 
_pdbx_refine_tls.S[1][1] 
_pdbx_refine_tls.S[1][1]_esd 
_pdbx_refine_tls.S[1][2] 
_pdbx_refine_tls.S[1][2]_esd 
_pdbx_refine_tls.S[1][3] 
_pdbx_refine_tls.S[1][3]_esd 
_pdbx_refine_tls.S[2][1] 
_pdbx_refine_tls.S[2][1]_esd 
_pdbx_refine_tls.S[2][2] 
_pdbx_refine_tls.S[2][2]_esd 
_pdbx_refine_tls.S[2][3] 
_pdbx_refine_tls.S[2][3]_esd 
_pdbx_refine_tls.S[3][1] 
_pdbx_refine_tls.S[3][1]_esd 
_pdbx_refine_tls.S[3][2] 
_pdbx_refine_tls.S[3][2]_esd 
_pdbx_refine_tls.S[3][3] 
_pdbx_refine_tls.S[3][3]_esd 
1 'X-RAY DIFFRACTION' ? refined 5.4063337281  -11.7524921979  6.55360365641 6.68901567769 ? -0.426040838028 ? -2.259132331670 ? 5.17199513980 ? -1.47225935548  ? 4.5570621447  ? -4.59169218390 ? -9.9783308861  ? -2.8982566394   ? 13.78917865114 ? -16.8829358389 ? 7.40718194236  ? -4.01900530297  ? 1.470790608911 ? 4.9709589952   ? 5.35619275998 ? 3.45243054008   ? -2.18691170685  ? -1.19704934839 ? 5.23707555866  ? -2.07101983561 ? 
2 'X-RAY DIFFRACTION' ? refined 10.6759294866 -20.68943543281 6.79777840304 4.59548848850 ? 0.047311458570  ? -1.1079243707   ? 5.40423109597 ? -0.971744693849 ? 5.99971497351 ? -5.92787726144 ? 2.51129114551  ? 0.0973836286    ? 8.28237061150  ? -7.45724748972 ? 6.18389136644  ? -1.060073614137 ? -3.62975229544 ? -2.12987141448 ? -2.1160023569 ? -4.72779966310  ? 14.39618361968  ? -6.8199953263  ? 3.67766792250  ? 6.44311734189  ? 
3 'X-RAY DIFFRACTION' ? refined -4.7690443672 4.6946149709    0.4352379004  8.06877060300 ? 0.078457357955  ? -0.68805835706  ? 6.26497076952 ? 0.577777188146  ? 4.16258921388 ? 8.27585311896  ? -0.33482878067 ? -0.343472304031 ? -0.18630115234 ? 6.24678787752  ? 15.08567265733 ? -2.30258534217  ? 0.13342397540  ? 1.606560361849 ? 1.60029449099 ? 2.70436480879   ? -0.704316968273 ? -3.07313112554 ? -1.45838075173 ? 2.929850618355 ? 
4 'X-RAY DIFFRACTION' ? refined -2.540857221  10.8552230572   -7.4710620537 6.32312565416 ? 0.117797715110  ? -0.2399059046   ? 5.23841447178 ? 1.321367101179  ? 4.91271972069 ? 20.8598590892  ? 4.611964208340 ? 2.7944254763    ? -1.76847723577 ? 0.3083717561   ? -0.1682866183  ? -1.455122300164 ? -1.2176828159  ? 0.834443301471 ? 1.85378106483 ? -0.726823914356 ? -2.237620842025 ? -2.03199052890 ? 0.96831619842  ? 1.729778522921 ? 
# 
loop_
_pdbx_refine_tls_group.id 
_pdbx_refine_tls_group.pdbx_refine_id 
_pdbx_refine_tls_group.refine_tls_id 
_pdbx_refine_tls_group.beg_label_asym_id 
_pdbx_refine_tls_group.beg_label_seq_id 
_pdbx_refine_tls_group.beg_auth_asym_id 
_pdbx_refine_tls_group.beg_auth_seq_id 
_pdbx_refine_tls_group.beg_PDB_ins_code 
_pdbx_refine_tls_group.end_label_asym_id 
_pdbx_refine_tls_group.end_label_seq_id 
_pdbx_refine_tls_group.end_auth_asym_id 
_pdbx_refine_tls_group.end_auth_seq_id 
_pdbx_refine_tls_group.end_PDB_ins_code 
_pdbx_refine_tls_group.selection 
_pdbx_refine_tls_group.selection_details 
1 'X-RAY DIFFRACTION' 1 A ? A 16 ? A ? A 23 ? ? 
;chain 'A' and (resid 16 through 23 )
;
2 'X-RAY DIFFRACTION' 2 B ? B 3  ? B ? B 8  ? ? 
;chain 'B' and (resid 3 through 8 )
;
3 'X-RAY DIFFRACTION' 3 C ? C 9  ? C ? C 23 ? ? 
;chain 'C' and (resid 9 through 23 )
;
4 'X-RAY DIFFRACTION' 4 D ? D 1  ? D ? D 13 ? ? 
;chain 'D' and (resid 1 through 13 )
;
# 
loop_
_chem_comp_atom.comp_id 
_chem_comp_atom.atom_id 
_chem_comp_atom.type_symbol 
_chem_comp_atom.pdbx_aromatic_flag 
_chem_comp_atom.pdbx_stereo_config 
_chem_comp_atom.pdbx_ordinal 
DA OP3    O N N 1   
DA P      P N N 2   
DA OP1    O N N 3   
DA OP2    O N N 4   
DA "O5'"  O N N 5   
DA "C5'"  C N N 6   
DA "C4'"  C N R 7   
DA "O4'"  O N N 8   
DA "C3'"  C N S 9   
DA "O3'"  O N N 10  
DA "C2'"  C N N 11  
DA "C1'"  C N R 12  
DA N9     N Y N 13  
DA C8     C Y N 14  
DA N7     N Y N 15  
DA C5     C Y N 16  
DA C6     C Y N 17  
DA N6     N N N 18  
DA N1     N Y N 19  
DA C2     C Y N 20  
DA N3     N Y N 21  
DA C4     C Y N 22  
DA HOP3   H N N 23  
DA HOP2   H N N 24  
DA "H5'"  H N N 25  
DA "H5''" H N N 26  
DA "H4'"  H N N 27  
DA "H3'"  H N N 28  
DA "HO3'" H N N 29  
DA "H2'"  H N N 30  
DA "H2''" H N N 31  
DA "H1'"  H N N 32  
DA H8     H N N 33  
DA H61    H N N 34  
DA H62    H N N 35  
DA H2     H N N 36  
DC OP3    O N N 37  
DC P      P N N 38  
DC OP1    O N N 39  
DC OP2    O N N 40  
DC "O5'"  O N N 41  
DC "C5'"  C N N 42  
DC "C4'"  C N R 43  
DC "O4'"  O N N 44  
DC "C3'"  C N S 45  
DC "O3'"  O N N 46  
DC "C2'"  C N N 47  
DC "C1'"  C N R 48  
DC N1     N N N 49  
DC C2     C N N 50  
DC O2     O N N 51  
DC N3     N N N 52  
DC C4     C N N 53  
DC N4     N N N 54  
DC C5     C N N 55  
DC C6     C N N 56  
DC HOP3   H N N 57  
DC HOP2   H N N 58  
DC "H5'"  H N N 59  
DC "H5''" H N N 60  
DC "H4'"  H N N 61  
DC "H3'"  H N N 62  
DC "HO3'" H N N 63  
DC "H2'"  H N N 64  
DC "H2''" H N N 65  
DC "H1'"  H N N 66  
DC H41    H N N 67  
DC H42    H N N 68  
DC H5     H N N 69  
DC H6     H N N 70  
DG OP3    O N N 71  
DG P      P N N 72  
DG OP1    O N N 73  
DG OP2    O N N 74  
DG "O5'"  O N N 75  
DG "C5'"  C N N 76  
DG "C4'"  C N R 77  
DG "O4'"  O N N 78  
DG "C3'"  C N S 79  
DG "O3'"  O N N 80  
DG "C2'"  C N N 81  
DG "C1'"  C N R 82  
DG N9     N Y N 83  
DG C8     C Y N 84  
DG N7     N Y N 85  
DG C5     C Y N 86  
DG C6     C N N 87  
DG O6     O N N 88  
DG N1     N N N 89  
DG C2     C N N 90  
DG N2     N N N 91  
DG N3     N N N 92  
DG C4     C Y N 93  
DG HOP3   H N N 94  
DG HOP2   H N N 95  
DG "H5'"  H N N 96  
DG "H5''" H N N 97  
DG "H4'"  H N N 98  
DG "H3'"  H N N 99  
DG "HO3'" H N N 100 
DG "H2'"  H N N 101 
DG "H2''" H N N 102 
DG "H1'"  H N N 103 
DG H8     H N N 104 
DG H1     H N N 105 
DG H21    H N N 106 
DG H22    H N N 107 
DT OP3    O N N 108 
DT P      P N N 109 
DT OP1    O N N 110 
DT OP2    O N N 111 
DT "O5'"  O N N 112 
DT "C5'"  C N N 113 
DT "C4'"  C N R 114 
DT "O4'"  O N N 115 
DT "C3'"  C N S 116 
DT "O3'"  O N N 117 
DT "C2'"  C N N 118 
DT "C1'"  C N R 119 
DT N1     N N N 120 
DT C2     C N N 121 
DT O2     O N N 122 
DT N3     N N N 123 
DT C4     C N N 124 
DT O4     O N N 125 
DT C5     C N N 126 
DT C7     C N N 127 
DT C6     C N N 128 
DT HOP3   H N N 129 
DT HOP2   H N N 130 
DT "H5'"  H N N 131 
DT "H5''" H N N 132 
DT "H4'"  H N N 133 
DT "H3'"  H N N 134 
DT "HO3'" H N N 135 
DT "H2'"  H N N 136 
DT "H2''" H N N 137 
DT "H1'"  H N N 138 
DT H3     H N N 139 
DT H71    H N N 140 
DT H72    H N N 141 
DT H73    H N N 142 
DT H6     H N N 143 
# 
loop_
_chem_comp_bond.comp_id 
_chem_comp_bond.atom_id_1 
_chem_comp_bond.atom_id_2 
_chem_comp_bond.value_order 
_chem_comp_bond.pdbx_aromatic_flag 
_chem_comp_bond.pdbx_stereo_config 
_chem_comp_bond.pdbx_ordinal 
DA OP3   P      sing N N 1   
DA OP3   HOP3   sing N N 2   
DA P     OP1    doub N N 3   
DA P     OP2    sing N N 4   
DA P     "O5'"  sing N N 5   
DA OP2   HOP2   sing N N 6   
DA "O5'" "C5'"  sing N N 7   
DA "C5'" "C4'"  sing N N 8   
DA "C5'" "H5'"  sing N N 9   
DA "C5'" "H5''" sing N N 10  
DA "C4'" "O4'"  sing N N 11  
DA "C4'" "C3'"  sing N N 12  
DA "C4'" "H4'"  sing N N 13  
DA "O4'" "C1'"  sing N N 14  
DA "C3'" "O3'"  sing N N 15  
DA "C3'" "C2'"  sing N N 16  
DA "C3'" "H3'"  sing N N 17  
DA "O3'" "HO3'" sing N N 18  
DA "C2'" "C1'"  sing N N 19  
DA "C2'" "H2'"  sing N N 20  
DA "C2'" "H2''" sing N N 21  
DA "C1'" N9     sing N N 22  
DA "C1'" "H1'"  sing N N 23  
DA N9    C8     sing Y N 24  
DA N9    C4     sing Y N 25  
DA C8    N7     doub Y N 26  
DA C8    H8     sing N N 27  
DA N7    C5     sing Y N 28  
DA C5    C6     sing Y N 29  
DA C5    C4     doub Y N 30  
DA C6    N6     sing N N 31  
DA C6    N1     doub Y N 32  
DA N6    H61    sing N N 33  
DA N6    H62    sing N N 34  
DA N1    C2     sing Y N 35  
DA C2    N3     doub Y N 36  
DA C2    H2     sing N N 37  
DA N3    C4     sing Y N 38  
DC OP3   P      sing N N 39  
DC OP3   HOP3   sing N N 40  
DC P     OP1    doub N N 41  
DC P     OP2    sing N N 42  
DC P     "O5'"  sing N N 43  
DC OP2   HOP2   sing N N 44  
DC "O5'" "C5'"  sing N N 45  
DC "C5'" "C4'"  sing N N 46  
DC "C5'" "H5'"  sing N N 47  
DC "C5'" "H5''" sing N N 48  
DC "C4'" "O4'"  sing N N 49  
DC "C4'" "C3'"  sing N N 50  
DC "C4'" "H4'"  sing N N 51  
DC "O4'" "C1'"  sing N N 52  
DC "C3'" "O3'"  sing N N 53  
DC "C3'" "C2'"  sing N N 54  
DC "C3'" "H3'"  sing N N 55  
DC "O3'" "HO3'" sing N N 56  
DC "C2'" "C1'"  sing N N 57  
DC "C2'" "H2'"  sing N N 58  
DC "C2'" "H2''" sing N N 59  
DC "C1'" N1     sing N N 60  
DC "C1'" "H1'"  sing N N 61  
DC N1    C2     sing N N 62  
DC N1    C6     sing N N 63  
DC C2    O2     doub N N 64  
DC C2    N3     sing N N 65  
DC N3    C4     doub N N 66  
DC C4    N4     sing N N 67  
DC C4    C5     sing N N 68  
DC N4    H41    sing N N 69  
DC N4    H42    sing N N 70  
DC C5    C6     doub N N 71  
DC C5    H5     sing N N 72  
DC C6    H6     sing N N 73  
DG OP3   P      sing N N 74  
DG OP3   HOP3   sing N N 75  
DG P     OP1    doub N N 76  
DG P     OP2    sing N N 77  
DG P     "O5'"  sing N N 78  
DG OP2   HOP2   sing N N 79  
DG "O5'" "C5'"  sing N N 80  
DG "C5'" "C4'"  sing N N 81  
DG "C5'" "H5'"  sing N N 82  
DG "C5'" "H5''" sing N N 83  
DG "C4'" "O4'"  sing N N 84  
DG "C4'" "C3'"  sing N N 85  
DG "C4'" "H4'"  sing N N 86  
DG "O4'" "C1'"  sing N N 87  
DG "C3'" "O3'"  sing N N 88  
DG "C3'" "C2'"  sing N N 89  
DG "C3'" "H3'"  sing N N 90  
DG "O3'" "HO3'" sing N N 91  
DG "C2'" "C1'"  sing N N 92  
DG "C2'" "H2'"  sing N N 93  
DG "C2'" "H2''" sing N N 94  
DG "C1'" N9     sing N N 95  
DG "C1'" "H1'"  sing N N 96  
DG N9    C8     sing Y N 97  
DG N9    C4     sing Y N 98  
DG C8    N7     doub Y N 99  
DG C8    H8     sing N N 100 
DG N7    C5     sing Y N 101 
DG C5    C6     sing N N 102 
DG C5    C4     doub Y N 103 
DG C6    O6     doub N N 104 
DG C6    N1     sing N N 105 
DG N1    C2     sing N N 106 
DG N1    H1     sing N N 107 
DG C2    N2     sing N N 108 
DG C2    N3     doub N N 109 
DG N2    H21    sing N N 110 
DG N2    H22    sing N N 111 
DG N3    C4     sing N N 112 
DT OP3   P      sing N N 113 
DT OP3   HOP3   sing N N 114 
DT P     OP1    doub N N 115 
DT P     OP2    sing N N 116 
DT P     "O5'"  sing N N 117 
DT OP2   HOP2   sing N N 118 
DT "O5'" "C5'"  sing N N 119 
DT "C5'" "C4'"  sing N N 120 
DT "C5'" "H5'"  sing N N 121 
DT "C5'" "H5''" sing N N 122 
DT "C4'" "O4'"  sing N N 123 
DT "C4'" "C3'"  sing N N 124 
DT "C4'" "H4'"  sing N N 125 
DT "O4'" "C1'"  sing N N 126 
DT "C3'" "O3'"  sing N N 127 
DT "C3'" "C2'"  sing N N 128 
DT "C3'" "H3'"  sing N N 129 
DT "O3'" "HO3'" sing N N 130 
DT "C2'" "C1'"  sing N N 131 
DT "C2'" "H2'"  sing N N 132 
DT "C2'" "H2''" sing N N 133 
DT "C1'" N1     sing N N 134 
DT "C1'" "H1'"  sing N N 135 
DT N1    C2     sing N N 136 
DT N1    C6     sing N N 137 
DT C2    O2     doub N N 138 
DT C2    N3     sing N N 139 
DT N3    C4     sing N N 140 
DT N3    H3     sing N N 141 
DT C4    O4     doub N N 142 
DT C4    C5     sing N N 143 
DT C5    C7     sing N N 144 
DT C5    C6     doub N N 145 
DT C7    H71    sing N N 146 
DT C7    H72    sing N N 147 
DT C7    H73    sing N N 148 
DT C6    H6     sing N N 149 
# 
loop_
_ndb_struct_conf_na.entry_id 
_ndb_struct_conf_na.feature 
9ND4 'double helix'        
9ND4 'b-form double helix' 
# 
loop_
_ndb_struct_na_base_pair.model_number 
_ndb_struct_na_base_pair.i_label_asym_id 
_ndb_struct_na_base_pair.i_label_comp_id 
_ndb_struct_na_base_pair.i_label_seq_id 
_ndb_struct_na_base_pair.i_symmetry 
_ndb_struct_na_base_pair.j_label_asym_id 
_ndb_struct_na_base_pair.j_label_comp_id 
_ndb_struct_na_base_pair.j_label_seq_id 
_ndb_struct_na_base_pair.j_symmetry 
_ndb_struct_na_base_pair.shear 
_ndb_struct_na_base_pair.stretch 
_ndb_struct_na_base_pair.stagger 
_ndb_struct_na_base_pair.buckle 
_ndb_struct_na_base_pair.propeller 
_ndb_struct_na_base_pair.opening 
_ndb_struct_na_base_pair.pair_number 
_ndb_struct_na_base_pair.pair_name 
_ndb_struct_na_base_pair.i_auth_asym_id 
_ndb_struct_na_base_pair.i_auth_seq_id 
_ndb_struct_na_base_pair.i_PDB_ins_code 
_ndb_struct_na_base_pair.j_auth_asym_id 
_ndb_struct_na_base_pair.j_auth_seq_id 
_ndb_struct_na_base_pair.j_PDB_ins_code 
_ndb_struct_na_base_pair.hbond_type_28 
_ndb_struct_na_base_pair.hbond_type_12 
1 A DC 1  1_555 B DG 6  1_555 0.178  -0.190 0.519  1.091   -7.562  -1.827 1  A_DC16:DG8_B  A 16 ? B 8  ? 19 1 
1 A DA 2  1_555 B DT 5  1_555 1.503  0.056  0.380  2.841   -24.657 16.342 2  A_DA17:DT7_B  A 17 ? B 7  ? ?  ? 
1 A DC 3  1_555 B DG 4  1_555 0.180  -0.078 -0.098 -9.163  -13.873 1.986  3  A_DC18:DG6_B  A 18 ? B 6  ? 19 1 
1 A DA 4  1_555 B DT 3  1_555 0.109  -0.204 -0.706 -2.082  -12.908 -2.971 4  A_DA19:DT5_B  A 19 ? B 5  ? 20 1 
1 C DA 1  1_555 A DT 8  1_555 0.184  -0.144 0.272  4.673   -15.627 -6.233 5  C_DA9:DT23_A  C 9  ? A 23 ? 20 1 
1 C DC 2  1_555 A DG 7  1_555 0.207  -0.139 0.546  -5.143  -4.364  -1.746 6  C_DC10:DG22_A C 10 ? A 22 ? 19 1 
1 C DG 3  1_555 A DC 6  1_555 -0.109 -0.168 -0.243 -0.066  -4.449  -2.481 7  C_DG11:DC21_A C 11 ? A 21 ? 19 1 
1 C DG 4  1_555 A DC 5  1_555 -0.210 -0.194 -0.374 1.493   -3.616  1.041  8  C_DG12:DC20_A C 12 ? A 20 ? 19 1 
1 C DA 5  1_555 D DT 13 1_555 0.026  -0.205 0.154  -1.887  1.567   0.616  9  C_DA13:DT13_D C 13 ? D 13 ? 20 1 
1 C DC 6  1_555 D DG 12 1_555 0.268  -0.169 -0.028 3.390   2.732   2.857  10 C_DC14:DG12_D C 14 ? D 12 ? 19 1 
1 C DA 7  1_555 D DT 11 1_555 0.303  -0.192 -0.781 -2.007  -2.158  -3.961 11 C_DA15:DT11_D C 15 ? D 11 ? 20 1 
1 C DG 8  1_555 D DC 10 1_555 -0.170 -0.262 -0.821 -1.072  -3.561  0.944  12 C_DG16:DC10_D C 16 ? D 10 ? 19 1 
1 C DC 9  1_555 D DG 9  1_555 0.165  -0.340 -0.855 -2.697  -0.022  -3.079 13 C_DC17:DG9_D  C 17 ? D 9  ? 19 1 
1 C DA 10 1_555 D DT 8  1_555 0.278  -0.106 0.156  5.753   -5.027  -4.690 14 C_DA18:DT8_D  C 18 ? D 8  ? 20 1 
1 C DG 11 1_555 D DC 7  1_555 -0.277 -0.170 0.285  -1.119  -17.299 0.689  15 C_DG19:DC7_D  C 19 ? D 7  ? 19 1 
1 C DT 12 1_555 D DA 6  1_555 -0.124 -0.042 -0.066 -6.538  -13.814 -3.922 16 C_DT20:DA6_D  C 20 ? D 6  ? 20 1 
1 C DG 13 1_555 D DC 5  1_555 -0.188 -0.571 -1.659 -11.617 -5.010  -0.332 17 C_DG21:DC5_D  C 21 ? D 5  ? 19 1 
1 C DC 14 1_555 D DG 4  1_555 0.233  -0.450 -1.208 -6.401  2.217   0.555  18 C_DC22:DG4_D  C 22 ? D 4  ? 19 1 
1 C DA 15 1_555 D DT 3  1_555 -0.255 -1.386 -2.478 -27.440 -15.581 16.793 19 C_DA23:DT3_D  C 23 ? D 3  ? 20 1 
# 
loop_
_ndb_struct_na_base_pair_step.model_number 
_ndb_struct_na_base_pair_step.i_label_asym_id_1 
_ndb_struct_na_base_pair_step.i_label_comp_id_1 
_ndb_struct_na_base_pair_step.i_label_seq_id_1 
_ndb_struct_na_base_pair_step.i_symmetry_1 
_ndb_struct_na_base_pair_step.j_label_asym_id_1 
_ndb_struct_na_base_pair_step.j_label_comp_id_1 
_ndb_struct_na_base_pair_step.j_label_seq_id_1 
_ndb_struct_na_base_pair_step.j_symmetry_1 
_ndb_struct_na_base_pair_step.i_label_asym_id_2 
_ndb_struct_na_base_pair_step.i_label_comp_id_2 
_ndb_struct_na_base_pair_step.i_label_seq_id_2 
_ndb_struct_na_base_pair_step.i_symmetry_2 
_ndb_struct_na_base_pair_step.j_label_asym_id_2 
_ndb_struct_na_base_pair_step.j_label_comp_id_2 
_ndb_struct_na_base_pair_step.j_label_seq_id_2 
_ndb_struct_na_base_pair_step.j_symmetry_2 
_ndb_struct_na_base_pair_step.shift 
_ndb_struct_na_base_pair_step.slide 
_ndb_struct_na_base_pair_step.rise 
_ndb_struct_na_base_pair_step.tilt 
_ndb_struct_na_base_pair_step.roll 
_ndb_struct_na_base_pair_step.twist 
_ndb_struct_na_base_pair_step.x_displacement 
_ndb_struct_na_base_pair_step.y_displacement 
_ndb_struct_na_base_pair_step.helical_rise 
_ndb_struct_na_base_pair_step.inclination 
_ndb_struct_na_base_pair_step.tip 
_ndb_struct_na_base_pair_step.helical_twist 
_ndb_struct_na_base_pair_step.step_number 
_ndb_struct_na_base_pair_step.step_name 
_ndb_struct_na_base_pair_step.i_auth_asym_id_1 
_ndb_struct_na_base_pair_step.i_auth_seq_id_1 
_ndb_struct_na_base_pair_step.i_PDB_ins_code_1 
_ndb_struct_na_base_pair_step.j_auth_asym_id_1 
_ndb_struct_na_base_pair_step.j_auth_seq_id_1 
_ndb_struct_na_base_pair_step.j_PDB_ins_code_1 
_ndb_struct_na_base_pair_step.i_auth_asym_id_2 
_ndb_struct_na_base_pair_step.i_auth_seq_id_2 
_ndb_struct_na_base_pair_step.i_PDB_ins_code_2 
_ndb_struct_na_base_pair_step.j_auth_asym_id_2 
_ndb_struct_na_base_pair_step.j_auth_seq_id_2 
_ndb_struct_na_base_pair_step.j_PDB_ins_code_2 
1 A DC 1  1_555 B DG 6  1_555 A DA 2  1_555 B DT 5  1_555 -1.075 -0.745 2.978 -1.692  14.676 31.612 -3.198 1.572  2.457 25.284 
2.915   34.814 1  AA_DC16DA17:DT7DG8_BB   A 16 ? B 8  ? A 17 ? B 7  ? 
1 A DA 2  1_555 B DT 5  1_555 A DC 3  1_555 B DG 4  1_555 -0.680 0.178  3.592 2.262   -4.311 29.256 1.334  1.846  3.469 -8.460 
-4.439  29.649 2  AA_DA17DC18:DG6DT7_BB   A 17 ? B 7  ? A 18 ? B 6  ? 
1 A DC 3  1_555 B DG 4  1_555 A DA 4  1_555 B DT 3  1_555 -1.824 1.813  3.118 -4.185  9.631  35.463 1.486  2.281  3.655 15.399 
6.691   36.937 3  AA_DC18DA19:DT5DG6_BB   A 18 ? B 6  ? A 19 ? B 5  ? 
1 C DA 1  1_555 A DT 8  1_555 C DC 2  1_555 A DG 7  1_555 0.522  -1.133 3.475 0.709   0.473  27.408 -2.514 -0.916 3.468 0.999  
-1.497  27.421 4  CC_DA9DC10:DG22DT23_AA  C 9  ? A 23 ? C 10 ? A 22 ? 
1 C DC 2  1_555 A DG 7  1_555 C DG 3  1_555 A DC 6  1_555 -1.008 -0.080 2.980 0.707   3.015  32.798 -0.607 1.887  2.939 5.325  
-1.248  32.940 5  CC_DC10DG11:DC21DG22_AA C 10 ? A 22 ? C 11 ? A 21 ? 
1 C DG 3  1_555 A DC 6  1_555 C DG 4  1_555 A DC 5  1_555 1.584  -0.077 3.086 2.925   -0.832 36.135 -0.012 -2.152 3.201 -1.338 
-4.706  36.258 6  CC_DG11DG12:DC20DC21_AA C 11 ? A 21 ? C 12 ? A 20 ? 
1 C DG 4  1_555 A DC 5  1_555 C DA 5  1_555 D DT 13 1_555 -1.907 0.008  2.994 -11.822 11.284 39.096 -1.150 1.429  3.294 16.037 
16.802  42.250 7  CC_DG12DA13:DT13DC20_DA C 12 ? A 20 ? C 13 ? D 13 ? 
1 C DA 5  1_555 D DT 13 1_555 C DC 6  1_555 D DG 12 1_555 -0.057 -1.275 3.220 2.630   -1.254 33.308 -2.011 0.530  3.251 -2.182 
-4.578  33.432 8  CC_DA13DC14:DG12DT13_DD C 13 ? D 13 ? C 14 ? D 12 ? 
1 C DC 6  1_555 D DG 12 1_555 C DA 7  1_555 D DT 11 1_555 -1.854 0.884  3.492 0.248   -4.051 35.901 2.027  3.026  3.363 -6.547 
-0.401  36.122 9  CC_DC14DA15:DT11DG12_DD C 14 ? D 12 ? C 15 ? D 11 ? 
1 C DA 7  1_555 D DT 11 1_555 C DG 8  1_555 D DC 10 1_555 0.747  -0.382 3.264 -3.889  2.374  30.723 -1.160 -2.127 3.111 4.451  
7.289   31.051 10 CC_DA15DG16:DC10DT11_DD C 15 ? D 11 ? C 16 ? D 10 ? 
1 C DG 8  1_555 D DC 10 1_555 C DC 9  1_555 D DG 9  1_555 -0.065 -1.632 3.253 -0.323  -1.732 33.304 -2.554 0.060  3.331 -3.020 
0.564   33.350 11 CC_DG16DC17:DG9DC10_DD  C 16 ? D 10 ? C 17 ? D 9  ? 
1 C DC 9  1_555 D DG 9  1_555 C DA 10 1_555 D DT 8  1_555 -0.685 -0.009 3.280 -4.389  6.838  35.020 -1.007 0.473  3.280 11.177 
7.175   35.921 12 CC_DC17DA18:DT8DG9_DD   C 17 ? D 9  ? C 18 ? D 8  ? 
1 C DA 10 1_555 D DT 8  1_555 C DG 11 1_555 D DC 7  1_555 0.021  -1.165 3.048 -5.167  7.605  43.066 -2.204 -0.468 2.793 10.221 
6.944   43.991 13 CC_DA18DG19:DC7DT8_DD   C 18 ? D 8  ? C 19 ? D 7  ? 
1 C DG 11 1_555 D DC 7  1_555 C DT 12 1_555 D DA 6  1_555 -1.006 -1.224 3.148 1.001   -0.939 30.607 -2.139 2.093  3.150 -1.778 
-1.895  30.637 14 CC_DG19DT20:DA6DC7_DD   C 19 ? D 7  ? C 20 ? D 6  ? 
1 C DT 12 1_555 D DA 6  1_555 C DG 13 1_555 D DC 5  1_555 -0.407 1.589  3.963 -3.037  -2.441 37.105 2.872  0.155  3.874 -3.823 
4.757   37.302 15 CC_DT20DG21:DC5DA6_DD   C 20 ? D 6  ? C 21 ? D 5  ? 
1 C DG 13 1_555 D DC 5  1_555 C DC 14 1_555 D DG 4  1_555 0.462  -1.313 3.182 -1.982  2.094  26.561 -3.361 -1.491 3.029 4.540  
4.298   26.715 16 CC_DG21DC22:DG4DC5_DD   C 21 ? D 5  ? C 22 ? D 4  ? 
1 C DC 14 1_555 D DG 4  1_555 C DA 15 1_555 D DT 3  1_555 1.197  2.135  4.403 11.711  22.389 45.717 0.108  -0.149 5.035 26.569 
-13.898 51.905 17 CC_DC22DA23:DT3DG4_DD   C 22 ? D 4  ? C 23 ? D 3  ? 
# 
loop_
_pdbx_audit_support.funding_organization 
_pdbx_audit_support.country 
_pdbx_audit_support.grant_number 
_pdbx_audit_support.ordinal 
'Office of Naval Research (ONR)'                   'United States' N000141912596 1 
'Department of Energy (DOE, United States)'        'United States' DE-SC0007991  2 
'National Science Foundation (NSF, United States)' 'United States' CCF-2106790   3 
'National Science Foundation (NSF, United States)' 'United States' GCR-2317843   4 
# 
_pdbx_initial_refinement_model.id               1 
_pdbx_initial_refinement_model.entity_id_list   ? 
_pdbx_initial_refinement_model.type             'experimental model' 
_pdbx_initial_refinement_model.source_name      PDB 
_pdbx_initial_refinement_model.accession_code   8D93 
_pdbx_initial_refinement_model.details          'tensegrity triangle' 
# 
_space_group.name_H-M_alt     'H 3' 
_space_group.name_Hall        'H 3' 
_space_group.IT_number        146 
_space_group.crystal_system   trigonal 
_space_group.id               1 
# 
_atom_sites.entry_id                    9ND4 
_atom_sites.Cartn_transf_matrix[1][1]   ? 
_atom_sites.Cartn_transf_matrix[1][2]   ? 
_atom_sites.Cartn_transf_matrix[1][3]   ? 
_atom_sites.Cartn_transf_matrix[2][1]   ? 
_atom_sites.Cartn_transf_matrix[2][2]   ? 
_atom_sites.Cartn_transf_matrix[2][3]   ? 
_atom_sites.Cartn_transf_matrix[3][1]   ? 
_atom_sites.Cartn_transf_matrix[3][2]   ? 
_atom_sites.Cartn_transf_matrix[3][3]   ? 
_atom_sites.Cartn_transf_vector[1]      ? 
_atom_sites.Cartn_transf_vector[2]      ? 
_atom_sites.Cartn_transf_vector[3]      ? 
_atom_sites.Cartn_transform_axes        ? 
_atom_sites.fract_transf_matrix[1][1]   -0.00819156 
_atom_sites.fract_transf_matrix[1][2]   0.00180282 
_atom_sites.fract_transf_matrix[1][3]   0.00825898 
_atom_sites.fract_transf_matrix[2][1]   -0.00180445 
_atom_sites.fract_transf_matrix[2][2]   0.01083377 
_atom_sites.fract_transf_matrix[2][3]   0.00423436 
_atom_sites.fract_transf_matrix[3][1]   -0.00585953 
_atom_sites.fract_transf_matrix[3][2]   0.00141638 
_atom_sites.fract_transf_matrix[3][3]   -0.00612087 
_atom_sites.fract_transf_vector[1]      -0.028626 
_atom_sites.fract_transf_vector[2]      0.243895 
_atom_sites.fract_transf_vector[3]      0.162407 
_atom_sites.solution_primary            ? 
_atom_sites.solution_secondary          ? 
_atom_sites.solution_hydrogens          ? 
_atom_sites.special_details             ? 
# 
loop_
_atom_type.symbol 
_atom_type.scat_dispersion_real 
_atom_type.scat_dispersion_imag 
_atom_type.scat_Cromer_Mann_a1 
_atom_type.scat_Cromer_Mann_a2 
_atom_type.scat_Cromer_Mann_a3 
_atom_type.scat_Cromer_Mann_a4 
_atom_type.scat_Cromer_Mann_b1 
_atom_type.scat_Cromer_Mann_b2 
_atom_type.scat_Cromer_Mann_b3 
_atom_type.scat_Cromer_Mann_b4 
_atom_type.scat_Cromer_Mann_c 
_atom_type.scat_source 
_atom_type.scat_dispersion_source 
C ? ? 5.96793  ? ? ? 14.89577 ? ? ? 0.0 
;1-Gaussian fit: Grosse-Kunstleve RW, Sauter NK, Adams PD: Newsletter of the IUCr Commission on Crystallographic Computing 2004, 3, 22-31.
;
? 
N ? ? 6.96715  ? ? ? 11.43723 ? ? ? 0.0 
;1-Gaussian fit: Grosse-Kunstleve RW, Sauter NK, Adams PD: Newsletter of the IUCr Commission on Crystallographic Computing 2004, 3, 22-31.
;
? 
O ? ? 7.96527  ? ? ? 9.05267  ? ? ? 0.0 
;1-Gaussian fit: Grosse-Kunstleve RW, Sauter NK, Adams PD: Newsletter of the IUCr Commission on Crystallographic Computing 2004, 3, 22-31.
;
? 
P ? ? 14.90797 ? ? ? 11.91318 ? ? ? 0.0 
;1-Gaussian fit: Grosse-Kunstleve RW, Sauter NK, Adams PD: Newsletter of the IUCr Commission on Crystallographic Computing 2004, 3, 22-31.
;
? 
# 
loop_
_atom_site.group_PDB 
_atom_site.id 
_atom_site.type_symbol 
_atom_site.label_atom_id 
_atom_site.label_alt_id 
_atom_site.label_comp_id 
_atom_site.label_asym_id 
_atom_site.label_entity_id 
_atom_site.label_seq_id 
_atom_site.pdbx_PDB_ins_code 
_atom_site.Cartn_x 
_atom_site.Cartn_y 
_atom_site.Cartn_z 
_atom_site.occupancy 
_atom_site.B_iso_or_equiv 
_atom_site.pdbx_formal_charge 
_atom_site.auth_seq_id 
_atom_site.auth_comp_id 
_atom_site.auth_asym_id 
_atom_site.auth_atom_id 
_atom_site.pdbx_PDB_model_num 
ATOM 1   P P     . DC A 1 1  ? 20.10051  -22.01768 -5.64950  1.000 578.83454 ? 16 DC A P     1 
ATOM 2   O OP1   . DC A 1 1  ? 20.88593  -21.36002 -6.71767  1.000 600.10742 ? 16 DC A OP1   1 
ATOM 3   O OP2   . DC A 1 1  ? 20.64165  -22.12543 -4.27589  1.000 587.67648 ? 16 DC A OP2   1 
ATOM 4   O "O5'" . DC A 1 1  ? 18.65685  -21.33216 -5.57297  1.000 564.68126 ? 16 DC A "O5'" 1 
ATOM 5   C "C5'" . DC A 1 1  ? 17.84064  -21.27119 -6.73690  1.000 551.73510 ? 16 DC A "C5'" 1 
ATOM 6   C "C4'" . DC A 1 1  ? 16.55549  -20.51236 -6.45859  1.000 540.72240 ? 16 DC A "C4'" 1 
ATOM 7   O "O4'" . DC A 1 1  ? 15.59784  -21.36709 -5.77470  1.000 511.55484 ? 16 DC A "O4'" 1 
ATOM 8   C "C3'" . DC A 1 1  ? 16.71495  -19.26589 -5.58502  1.000 558.68777 ? 16 DC A "C3'" 1 
ATOM 9   O "O3'" . DC A 1 1  ? 16.03230  -18.18885 -6.19344  1.000 559.07987 ? 16 DC A "O3'" 1 
ATOM 10  C "C2'" . DC A 1 1  ? 16.06202  -19.67378 -4.25748  1.000 538.07964 ? 16 DC A "C2'" 1 
ATOM 11  C "C1'" . DC A 1 1  ? 14.98895  -20.63187 -4.73838  1.000 509.25208 ? 16 DC A "C1'" 1 
ATOM 12  N N1    . DC A 1 1  ? 14.48065  -21.58868 -3.68255  1.000 484.82396 ? 16 DC A N1    1 
ATOM 13  C C2    . DC A 1 1  ? 13.13637  -21.53688 -3.28847  1.000 463.38732 ? 16 DC A C2    1 
ATOM 14  O O2    . DC A 1 1  ? 12.39017  -20.69881 -3.80870  1.000 466.41802 ? 16 DC A O2    1 
ATOM 15  N N3    . DC A 1 1  ? 12.69281  -22.40819 -2.34392  1.000 442.79220 ? 16 DC A N3    1 
ATOM 16  C C4    . DC A 1 1  ? 13.53393  -23.29635 -1.80653  1.000 441.56441 ? 16 DC A C4    1 
ATOM 17  N N4    . DC A 1 1  ? 13.05636  -24.13449 -0.87913  1.000 420.45591 ? 16 DC A N4    1 
ATOM 18  C C5    . DC A 1 1  ? 14.90156  -23.36451 -2.19667  1.000 462.30235 ? 16 DC A C5    1 
ATOM 19  C C6    . DC A 1 1  ? 15.32802  -22.49441 -3.11810  1.000 484.20105 ? 16 DC A C6    1 
ATOM 20  P P     . DA A 1 2  ? 16.30165  -16.67473 -5.73223  1.000 602.47033 ? 17 DA A P     1 
ATOM 21  O OP1   . DA A 1 2  ? 16.97038  -15.99343 -6.86258  1.000 628.19045 ? 17 DA A OP1   1 
ATOM 22  O OP2   . DA A 1 2  ? 16.95477  -16.68231 -4.40255  1.000 608.50244 ? 17 DA A OP2   1 
ATOM 23  O "O5'" . DA A 1 2  ? 14.82385  -16.08694 -5.56577  1.000 583.96807 ? 17 DA A "O5'" 1 
ATOM 24  C "C5'" . DA A 1 2  ? 13.79804  -16.91761 -5.03623  1.000 558.33687 ? 17 DA A "C5'" 1 
ATOM 25  C "C4'" . DA A 1 2  ? 12.56643  -16.11243 -4.66030  1.000 545.33563 ? 17 DA A "C4'" 1 
ATOM 26  O "O4'" . DA A 1 2  ? 11.75230  -16.91535 -3.78042  1.000 520.72604 ? 17 DA A "O4'" 1 
ATOM 27  C "C3'" . DA A 1 2  ? 12.84394  -14.86979 -3.84283  1.000 553.31727 ? 17 DA A "C3'" 1 
ATOM 28  O "O3'" . DA A 1 2  ? 11.67102  -14.04696 -3.78634  1.000 541.34812 ? 17 DA A "O3'" 1 
ATOM 29  C "C2'" . DA A 1 2  ? 13.12330  -15.49037 -2.48701  1.000 542.12983 ? 17 DA A "C2'" 1 
ATOM 30  C "C1'" . DA A 1 2  ? 12.06297  -16.58860 -2.43697  1.000 518.12218 ? 17 DA A "C1'" 1 
ATOM 31  N N9    . DA A 1 2  ? 12.52718  -17.79039 -1.76576  1.000 508.77274 ? 17 DA A N9    1 
ATOM 32  C C8    . DA A 1 2  ? 13.78933  -18.31285 -1.79597  1.000 522.00387 ? 17 DA A C8    1 
ATOM 33  N N7    . DA A 1 2  ? 13.92293  -19.40570 -1.08738  1.000 509.07452 ? 17 DA A N7    1 
ATOM 34  C C5    . DA A 1 2  ? 12.66376  -19.61272 -0.55511  1.000 486.30499 ? 17 DA A C5    1 
ATOM 35  C C6    . DA A 1 2  ? 12.14840  -20.61173 0.28946   1.000 466.78310 ? 17 DA A C6    1 
ATOM 36  N N6    . DA A 1 2  ? 12.88159  -21.62913 0.76051   1.000 460.79828 ? 17 DA A N6    1 
ATOM 37  N N1    . DA A 1 2  ? 10.84813  -20.52598 0.63428   1.000 454.21348 ? 17 DA A N1    1 
ATOM 38  C C2    . DA A 1 2  ? 10.12154  -19.50740 0.16213   1.000 460.65962 ? 17 DA A C2    1 
ATOM 39  N N3    . DA A 1 2  ? 10.49487  -18.51155 -0.63712  1.000 476.85189 ? 17 DA A N3    1 
ATOM 40  C C4    . DA A 1 2  ? 11.79104  -18.62500 -0.96146  1.000 488.99589 ? 17 DA A C4    1 
ATOM 41  P P     . DC A 1 3  ? 11.72453  -12.49563 -4.21472  1.000 503.43022 ? 18 DC A P     1 
ATOM 42  O OP1   . DC A 1 3  ? 10.34842  -12.07521 -4.55899  1.000 482.21360 ? 18 DC A OP1   1 
ATOM 43  O OP2   . DC A 1 3  ? 12.80743  -12.35252 -5.21271  1.000 528.08198 ? 18 DC A OP2   1 
ATOM 44  O "O5'" . DC A 1 3  ? 12.13066  -11.71428 -2.87347  1.000 510.50499 ? 18 DC A "O5'" 1 
ATOM 45  C "C5'" . DC A 1 3  ? 11.97622  -12.33255 -1.59377  1.000 500.37966 ? 18 DC A "C5'" 1 
ATOM 46  C "C4'" . DC A 1 3  ? 10.51397  -12.50241 -1.22991  1.000 473.99165 ? 18 DC A "C4'" 1 
ATOM 47  O "O4'" . DC A 1 3  ? 10.30488  -13.83715 -0.69940  1.000 460.39981 ? 18 DC A "O4'" 1 
ATOM 48  C "C3'" . DC A 1 3  ? 10.05341  -11.61867 -0.10309  1.000 469.38321 ? 18 DC A "C3'" 1 
ATOM 49  O "O3'" . DC A 1 3  ? 8.64706   -11.71594 -0.00966  1.000 448.84036 ? 18 DC A "O3'" 1 
ATOM 50  C "C2'" . DC A 1 3  ? 10.71569  -12.34136 1.05813   1.000 471.14739 ? 18 DC A "C2'" 1 
ATOM 51  C "C1'" . DC A 1 3  ? 10.30872  -13.77329 0.72381   1.000 456.55897 ? 18 DC A "C1'" 1 
ATOM 52  N N1    . DC A 1 3  ? 11.23108  -14.83773 1.21469   1.000 460.34353 ? 18 DC A N1    1 
ATOM 53  C C2    . DC A 1 3  ? 10.73727  -15.87678 2.02204   1.000 441.70145 ? 18 DC A C2    1 
ATOM 54  O O2    . DC A 1 3  ? 9.55093   -15.87075 2.37145   1.000 427.82737 ? 18 DC A O2    1 
ATOM 55  N N3    . DC A 1 3  ? 11.58799  -16.85582 2.42268   1.000 443.07042 ? 18 DC A N3    1 
ATOM 56  C C4    . DC A 1 3  ? 12.86328  -16.83339 2.03459   1.000 463.26668 ? 18 DC A C4    1 
ATOM 57  N N4    . DC A 1 3  ? 13.66019  -17.82253 2.45535   1.000 463.68633 ? 18 DC A N4    1 
ATOM 58  C C5    . DC A 1 3  ? 13.37840  -15.79712 1.19852   1.000 484.58864 ? 18 DC A C5    1 
ATOM 59  C C6    . DC A 1 3  ? 12.53384  -14.83484 0.81209   1.000 481.67599 ? 18 DC A C6    1 
ATOM 60  P P     . DA A 1 4  ? 7.71891   -10.40655 0.01421   1.000 449.51534 ? 19 DA A P     1 
ATOM 61  O OP1   . DA A 1 4  ? 7.31352   -10.11367 -1.37894  1.000 453.44839 ? 19 DA A OP1   1 
ATOM 62  O OP2   . DA A 1 4  ? 8.39546   -9.35848  0.81413   1.000 462.41517 ? 19 DA A OP2   1 
ATOM 63  O "O5'" . DA A 1 4  ? 6.43540   -10.90882 0.81811   1.000 431.30193 ? 19 DA A "O5'" 1 
ATOM 64  C "C5'" . DA A 1 4  ? 6.60442   -11.76605 1.94063   1.000 425.30551 ? 19 DA A "C5'" 1 
ATOM 65  C "C4'" . DA A 1 4  ? 5.75225   -11.28714 3.09402   1.000 425.19571 ? 19 DA A "C4'" 1 
ATOM 66  O "O4'" . DA A 1 4  ? 6.07975   -12.00713 4.29970   1.000 427.72165 ? 19 DA A "O4'" 1 
ATOM 67  C "C3'" . DA A 1 4  ? 5.93070   -9.82177  3.43912   1.000 434.81060 ? 19 DA A "C3'" 1 
ATOM 68  O "O3'" . DA A 1 4  ? 4.68146   -9.25880  3.82082   1.000 430.27680 ? 19 DA A "O3'" 1 
ATOM 69  C "C2'" . DA A 1 4  ? 6.96476   -9.81249  4.57865   1.000 446.76787 ? 19 DA A "C2'" 1 
ATOM 70  C "C1'" . DA A 1 4  ? 7.02894   -11.27342 5.04511   1.000 440.93875 ? 19 DA A "C1'" 1 
ATOM 71  N N9    . DA A 1 4  ? 8.32177   -11.89013 4.81718   1.000 446.44525 ? 19 DA A N9    1 
ATOM 72  C C8    . DA A 1 4  ? 9.33713   -11.40740 4.04245   1.000 454.52525 ? 19 DA A C8    1 
ATOM 73  N N7    . DA A 1 4  ? 10.38722  -12.18930 4.00964   1.000 461.43220 ? 19 DA A N7    1 
ATOM 74  C C5    . DA A 1 4  ? 10.02982  -13.26257 4.79804   1.000 451.95196 ? 19 DA A C5    1 
ATOM 75  C C6    . DA A 1 4  ? 10.71300  -14.43337 5.15726   1.000 451.60897 ? 19 DA A C6    1 
ATOM 76  N N6    . DA A 1 4  ? 11.94713  -14.71459 4.73201   1.000 458.95041 ? 19 DA A N6    1 
ATOM 77  N N1    . DA A 1 4  ? 10.07946  -15.30228 5.96960   1.000 443.58046 ? 19 DA A N1    1 
ATOM 78  C C2    . DA A 1 4  ? 8.84215   -15.00664 6.39125   1.000 437.09615 ? 19 DA A C2    1 
ATOM 79  N N3    . DA A 1 4  ? 8.09890   -13.93522 6.11662   1.000 437.15935 ? 19 DA A N3    1 
ATOM 80  C C4    . DA A 1 4  ? 8.75783   -13.09748 5.30402   1.000 444.48711 ? 19 DA A C4    1 
ATOM 81  P P     . DC A 1 5  ? 3.98882   -9.60866  5.22886   1.000 439.04860 ? 20 DC A P     1 
ATOM 82  O OP1   . DC A 1 5  ? 4.72974   -8.90103  6.29336   1.000 450.43016 ? 20 DC A OP1   1 
ATOM 83  O OP2   . DC A 1 5  ? 3.74142   -11.06149 5.34421   1.000 428.61830 ? 20 DC A OP2   1 
ATOM 84  O "O5'" . DC A 1 5  ? 2.56150   -8.92564  5.08333   1.000 439.09986 ? 20 DC A "O5'" 1 
ATOM 85  C "C5'" . DC A 1 5  ? 1.71667   -8.82137  6.17797   1.000 438.10985 ? 20 DC A "C5'" 1 
ATOM 86  C "C4'" . DC A 1 5  ? 2.13484   -7.67970  7.07166   1.000 449.61945 ? 20 DC A "C4'" 1 
ATOM 87  O "O4'" . DC A 1 5  ? 1.07779   -6.69529  7.06260   1.000 458.29513 ? 20 DC A "O4'" 1 
ATOM 88  C "C3'" . DC A 1 5  ? 2.25808   -8.08330  8.52345   1.000 444.36880 ? 20 DC A "C3'" 1 
ATOM 89  O "O3'" . DC A 1 5  ? 2.95254   -7.05634  9.30871   1.000 456.74963 ? 20 DC A "O3'" 1 
ATOM 90  C "C2'" . DC A 1 5  ? 0.78345   -8.17931  8.87508   1.000 437.23132 ? 20 DC A "C2'" 1 
ATOM 91  C "C1'" . DC A 1 5  ? 0.24922   -6.92077  8.18429   1.000 452.26985 ? 20 DC A "C1'" 1 
ATOM 92  N N1    . DC A 1 5  ? -1.16266  -7.00321  7.75283   1.000 448.71077 ? 20 DC A N1    1 
ATOM 93  C C2    . DC A 1 5  ? -2.09316  -6.15380  8.34434   1.000 453.97513 ? 20 DC A C2    1 
ATOM 94  O O2    . DC A 1 5  ? -1.70699  -5.36033  9.21346   1.000 461.90759 ? 20 DC A O2    1 
ATOM 95  N N3    . DC A 1 5  ? -3.38773  -6.22149  7.94928   1.000 447.62530 ? 20 DC A N3    1 
ATOM 96  C C4    . DC A 1 5  ? -3.74945  -7.09608  7.01222   1.000 438.39345 ? 20 DC A C4    1 
ATOM 97  N N4    . DC A 1 5  ? -5.02924  -7.12977  6.65242   1.000 429.92999 ? 20 DC A N4    1 
ATOM 98  C C5    . DC A 1 5  ? -2.81141  -7.97000  6.39317   1.000 434.55435 ? 20 DC A C5    1 
ATOM 99  C C6    . DC A 1 5  ? -1.53941  -7.89184  6.79090   1.000 439.13026 ? 20 DC A C6    1 
ATOM 100 P P     . DC A 1 6  ? 2.40857   -6.68966  10.77982  1.000 507.31298 ? 21 DC A P     1 
ATOM 101 O OP1   . DC A 1 6  ? 2.20909   -7.95141  11.52634  1.000 487.48895 ? 21 DC A OP1   1 
ATOM 102 O OP2   . DC A 1 6  ? 1.38100   -5.64701  10.57770  1.000 514.04345 ? 21 DC A OP2   1 
ATOM 103 O "O5'" . DC A 1 6  ? 3.55755   -5.90303  11.54958  1.000 502.78190 ? 21 DC A "O5'" 1 
ATOM 104 C "C5'" . DC A 1 6  ? 3.74936   -6.12361  12.96716  1.000 487.59675 ? 21 DC A "C5'" 1 
ATOM 105 C "C4'" . DC A 1 6  ? 2.53964   -5.73688  13.84344  1.000 486.93655 ? 21 DC A "C4'" 1 
ATOM 106 O "O4'" . DC A 1 6  ? 1.40134   -5.26625  13.06654  1.000 485.40937 ? 21 DC A "O4'" 1 
ATOM 107 C "C3'" . DC A 1 6  ? 1.95436   -6.86996  14.65670  1.000 479.27242 ? 21 DC A "C3'" 1 
ATOM 108 O "O3'" . DC A 1 6  ? 2.77433   -7.18395  15.81233  1.000 489.45618 ? 21 DC A "O3'" 1 
ATOM 109 C "C2'" . DC A 1 6  ? 0.60080   -6.29945  15.03906  1.000 476.86310 ? 21 DC A "C2'" 1 
ATOM 110 C "C1'" . DC A 1 6  ? 0.19713   -5.50133  13.81020  1.000 472.59225 ? 21 DC A "C1'" 1 
ATOM 111 N N1    . DC A 1 6  ? -0.85287  -6.20172  12.93355  1.000 474.55777 ? 21 DC A N1    1 
ATOM 112 C C2    . DC A 1 6  ? -2.21418  -5.83738  13.00301  1.000 471.67115 ? 21 DC A C2    1 
ATOM 113 O O2    . DC A 1 6  ? -2.56900  -4.94626  13.77206  1.000 466.97849 ? 21 DC A O2    1 
ATOM 114 N N3    . DC A 1 6  ? -3.10747  -6.48267  12.20269  1.000 471.17631 ? 21 DC A N3    1 
ATOM 115 C C4    . DC A 1 6  ? -2.69272  -7.44878  11.37766  1.000 474.31980 ? 21 DC A C4    1 
ATOM 116 N N4    . DC A 1 6  ? -3.59607  -8.06872  10.59966  1.000 470.04290 ? 21 DC A N4    1 
ATOM 117 C C5    . DC A 1 6  ? -1.33241  -7.82866  11.31143  1.000 477.18034 ? 21 DC A C5    1 
ATOM 118 C C6    . DC A 1 6  ? -0.46873  -7.19792  12.10214  1.000 477.66784 ? 21 DC A C6    1 
ATOM 119 P P     . DG A 1 7  ? 2.83256   -6.24415  17.12368  1.000 517.64345 ? 22 DG A P     1 
ATOM 120 O OP1   . DG A 1 7  ? 3.02397   -4.83059  16.73476  1.000 530.61354 ? 22 DG A OP1   1 
ATOM 121 O OP2   . DG A 1 7  ? 3.80926   -6.88784  18.03119  1.000 513.45065 ? 22 DG A OP2   1 
ATOM 122 O "O5'" . DG A 1 7  ? 1.38898   -6.37366  17.80782  1.000 511.73148 ? 22 DG A "O5'" 1 
ATOM 123 C "C5'" . DG A 1 7  ? 0.76977   -5.20128  18.35386  1.000 514.76501 ? 22 DG A "C5'" 1 
ATOM 124 C "C4'" . DG A 1 7  ? -0.74553  -5.34113  18.44042  1.000 506.03237 ? 22 DG A "C4'" 1 
ATOM 125 O "O4'" . DG A 1 7  ? -1.29274  -5.82589  17.17728  1.000 504.28239 ? 22 DG A "O4'" 1 
ATOM 126 C "C3'" . DG A 1 7  ? -1.25112  -6.29634  19.52269  1.000 493.84881 ? 22 DG A "C3'" 1 
ATOM 127 O "O3'" . DG A 1 7  ? -2.24815  -5.64433  20.31356  1.000 501.38255 ? 22 DG A "O3'" 1 
ATOM 128 C "C2'" . DG A 1 7  ? -1.84592  -7.44472  18.71041  1.000 481.42930 ? 22 DG A "C2'" 1 
ATOM 129 C "C1'" . DG A 1 7  ? -2.31776  -6.73419  17.45707  1.000 491.09308 ? 22 DG A "C1'" 1 
ATOM 130 N N9    . DG A 1 7  ? -2.49263  -7.65287  16.33609  1.000 488.49047 ? 22 DG A N9    1 
ATOM 131 C C8    . DG A 1 7  ? -1.53212  -8.44476  15.76466  1.000 495.16657 ? 22 DG A C8    1 
ATOM 132 N N7    . DG A 1 7  ? -1.98098  -9.19403  14.80303  1.000 499.65562 ? 22 DG A N7    1 
ATOM 133 C C5    . DG A 1 7  ? -3.33378  -8.89773  14.74359  1.000 493.84293 ? 22 DG A C5    1 
ATOM 134 C C6    . DG A 1 7  ? -4.33995  -9.40966  13.89145  1.000 491.95970 ? 22 DG A C6    1 
ATOM 135 O O6    . DG A 1 7  ? -4.21870  -10.25721 12.99322  1.000 497.67933 ? 22 DG A O6    1 
ATOM 136 N N1    . DG A 1 7  ? -5.58525  -8.84267  14.16148  1.000 478.77415 ? 22 DG A N1    1 
ATOM 137 C C2    . DG A 1 7  ? -5.82224  -7.89781  15.13118  1.000 470.36047 ? 22 DG A C2    1 
ATOM 138 N N2    . DG A 1 7  ? -7.08675  -7.46799  15.24911  1.000 468.17161 ? 22 DG A N2    1 
ATOM 139 N N3    . DG A 1 7  ? -4.88382  -7.41267  15.93778  1.000 472.09989 ? 22 DG A N3    1 
ATOM 140 C C4    . DG A 1 7  ? -3.66848  -7.95343  15.68208  1.000 485.00292 ? 22 DG A C4    1 
ATOM 141 P P     . DT A 1 8  ? -2.26780  -5.78533  21.92014  1.000 538.22741 ? 23 DT A P     1 
ATOM 142 O OP1   . DT A 1 8  ? -3.29946  -4.87242  22.45894  1.000 544.26746 ? 23 DT A OP1   1 
ATOM 143 O OP2   . DT A 1 8  ? -0.86936  -5.60778  22.36903  1.000 538.29575 ? 23 DT A OP2   1 
ATOM 144 O "O5'" . DT A 1 8  ? -2.71682  -7.30476  22.20874  1.000 521.81287 ? 23 DT A "O5'" 1 
ATOM 145 C "C5'" . DT A 1 8  ? -3.74601  -7.96622  21.44003  1.000 508.28796 ? 23 DT A "C5'" 1 
ATOM 146 C "C4'" . DT A 1 8  ? -4.80583  -6.99724  20.93804  1.000 513.40368 ? 23 DT A "C4'" 1 
ATOM 147 O "O4'" . DT A 1 8  ? -4.98244  -7.15718  19.50955  1.000 502.20667 ? 23 DT A "O4'" 1 
ATOM 148 C "C3'" . DT A 1 8  ? -6.18257  -7.20926  21.51655  1.000 511.65442 ? 23 DT A "C3'" 1 
ATOM 149 O "O3'" . DT A 1 8  ? -6.94460  -6.01147  21.41023  1.000 521.17810 ? 23 DT A "O3'" 1 
ATOM 150 C "C2'" . DT A 1 8  ? -6.73179  -8.30225  20.61260  1.000 498.23457 ? 23 DT A "C2'" 1 
ATOM 151 C "C1'" . DT A 1 8  ? -6.14786  -7.92249  19.25692  1.000 494.28924 ? 23 DT A "C1'" 1 
ATOM 152 N N1    . DT A 1 8  ? -5.75536  -9.08051  18.38927  1.000 486.76707 ? 23 DT A N1    1 
ATOM 153 C C2    . DT A 1 8  ? -6.69655  -9.67557  17.58121  1.000 480.86205 ? 23 DT A C2    1 
ATOM 154 O O2    . DT A 1 8  ? -7.86447  -9.33077  17.55114  1.000 480.26028 ? 23 DT A O2    1 
ATOM 155 N N3    . DT A 1 8  ? -6.21193  -10.70207 16.80817  1.000 475.65472 ? 23 DT A N3    1 
ATOM 156 C C4    . DT A 1 8  ? -4.90866  -11.16822 16.75875  1.000 475.08251 ? 23 DT A C4    1 
ATOM 157 O O4    . DT A 1 8  ? -4.56940  -12.09523 16.03927  1.000 470.05608 ? 23 DT A O4    1 
ATOM 158 C C5    . DT A 1 8  ? -3.97820  -10.49676 17.62514  1.000 481.57623 ? 23 DT A C5    1 
ATOM 159 C C7    . DT A 1 8  ? -2.53995  -10.92284 17.66139  1.000 487.87013 ? 23 DT A C7    1 
ATOM 160 C C6    . DT A 1 8  ? -4.43948  -9.49732  18.38488  1.000 487.53670 ? 23 DT A C6    1 
ATOM 161 O "O5'" . DT B 2 1  ? 23.05876  -17.55389 9.26104   1.000 434.97186 ? 3  DT B "O5'" 1 
ATOM 162 C "C5'" . DT B 2 1  ? 23.37907  -18.38256 10.37997  1.000 434.66163 ? 3  DT B "C5'" 1 
ATOM 163 C "C4'" . DT B 2 1  ? 22.20645  -18.48029 11.34594  1.000 428.52227 ? 3  DT B "C4'" 1 
ATOM 164 O "O4'" . DT B 2 1  ? 21.47023  -17.22385 11.34721  1.000 436.69897 ? 3  DT B "O4'" 1 
ATOM 165 C "C3'" . DT B 2 1  ? 21.17232  -19.56249 11.00688  1.000 429.95020 ? 3  DT B "C3'" 1 
ATOM 166 O "O3'" . DT B 2 1  ? 20.65910  -20.14437 12.21225  1.000 448.21882 ? 3  DT B "O3'" 1 
ATOM 167 C "C2'" . DT B 2 1  ? 20.10449  -18.76261 10.27513  1.000 445.88774 ? 3  DT B "C2'" 1 
ATOM 168 C "C1'" . DT B 2 1  ? 20.10914  -17.49896 11.11202  1.000 450.11098 ? 3  DT B "C1'" 1 
ATOM 169 N N1    . DT B 2 1  ? 19.47927  -16.32687 10.45112  1.000 457.96444 ? 3  DT B N1    1 
ATOM 170 C C2    . DT B 2 1  ? 18.34288  -15.79172 11.00258  1.000 484.61765 ? 3  DT B C2    1 
ATOM 171 O O2    . DT B 2 1  ? 17.82468  -16.22991 12.01202  1.000 502.34742 ? 3  DT B O2    1 
ATOM 172 N N3    . DT B 2 1  ? 17.83083  -14.71801 10.33114  1.000 489.24678 ? 3  DT B N3    1 
ATOM 173 C C4    . DT B 2 1  ? 18.33254  -14.13810 9.18236   1.000 470.11275 ? 3  DT B C4    1 
ATOM 174 O O4    . DT B 2 1  ? 17.79928  -13.17092 8.64983   1.000 475.23501 ? 3  DT B O4    1 
ATOM 175 C C5    . DT B 2 1  ? 19.52833  -14.75019 8.65283   1.000 454.36537 ? 3  DT B C5    1 
ATOM 176 C C7    . DT B 2 1  ? 20.16448  -14.20857 7.41009   1.000 449.59276 ? 3  DT B C7    1 
ATOM 177 C C6    . DT B 2 1  ? 20.03779  -15.80457 9.30398   1.000 447.21613 ? 3  DT B C6    1 
ATOM 178 P P     . DC B 2 2  ? 19.37189  -21.11419 12.18229  1.000 379.95873 ? 4  DC B P     1 
ATOM 179 O OP1   . DC B 2 2  ? 19.32578  -21.84772 13.46216  1.000 381.62645 ? 4  DC B OP1   1 
ATOM 180 O OP2   . DC B 2 2  ? 19.38414  -21.87999 10.92074  1.000 370.86704 ? 4  DC B OP2   1 
ATOM 181 O "O5'" . DC B 2 2  ? 18.12825  -20.11182 12.11514  1.000 404.42554 ? 4  DC B "O5'" 1 
ATOM 182 C "C5'" . DC B 2 2  ? 17.29645  -19.92817 13.23684  1.000 424.86137 ? 4  DC B "C5'" 1 
ATOM 183 C "C4'" . DC B 2 2  ? 15.84051  -20.14014 12.86603  1.000 444.10728 ? 4  DC B "C4'" 1 
ATOM 184 O "O4'" . DC B 2 2  ? 15.32550  -18.95627 12.19436  1.000 453.74922 ? 4  DC B "O4'" 1 
ATOM 185 C "C3'" . DC B 2 2  ? 15.56964  -21.31178 11.91361  1.000 436.53507 ? 4  DC B "C3'" 1 
ATOM 186 O "O3'" . DC B 2 2  ? 14.33822  -21.93824 12.27598  1.000 450.64147 ? 4  DC B "O3'" 1 
ATOM 187 C "C2'" . DC B 2 2  ? 15.45262  -20.60898 10.56464  1.000 437.02460 ? 4  DC B "C2'" 1 
ATOM 188 C "C1'" . DC B 2 2  ? 14.70663  -19.35958 10.99050  1.000 456.92570 ? 4  DC B "C1'" 1 
ATOM 189 N N1    . DC B 2 2  ? 14.75954  -18.24502 10.00686  1.000 453.93796 ? 4  DC B N1    1 
ATOM 190 C C2    . DC B 2 2  ? 13.73350  -17.29511 9.98973   1.000 473.79665 ? 4  DC B C2    1 
ATOM 191 O O2    . DC B 2 2  ? 12.79700  -17.40098 10.79267  1.000 494.85074 ? 4  DC B O2    1 
ATOM 192 N N3    . DC B 2 2  ? 13.78576  -16.29438 9.08172   1.000 468.04678 ? 4  DC B N3    1 
ATOM 193 C C4    . DC B 2 2  ? 14.81785  -16.20096 8.24470   1.000 443.52285 ? 4  DC B C4    1 
ATOM 194 N N4    . DC B 2 2  ? 14.82729  -15.18544 7.37761   1.000 436.54257 ? 4  DC B N4    1 
ATOM 195 C C5    . DC B 2 2  ? 15.87280  -17.15660 8.24597   1.000 423.97026 ? 4  DC B C5    1 
ATOM 196 C C6    . DC B 2 2  ? 15.80374  -18.15395 9.13520   1.000 430.09907 ? 4  DC B C6    1 
ATOM 197 P P     . DT B 2 3  ? 14.22060  -23.53736 12.39609  1.000 382.23220 ? 5  DT B P     1 
ATOM 198 O OP1   . DT B 2 3  ? 13.58943  -23.83522 13.69921  1.000 391.65598 ? 5  DT B OP1   1 
ATOM 199 O OP2   . DT B 2 3  ? 15.53738  -24.11518 12.05455  1.000 367.53048 ? 5  DT B OP2   1 
ATOM 200 O "O5'" . DT B 2 3  ? 13.16215  -23.94873 11.26836  1.000 388.46226 ? 5  DT B "O5'" 1 
ATOM 201 C "C5'" . DT B 2 3  ? 12.83995  -23.04573 10.23648  1.000 400.03412 ? 5  DT B "C5'" 1 
ATOM 202 C "C4'" . DT B 2 3  ? 11.71026  -22.12603 10.65438  1.000 426.44288 ? 5  DT B "C4'" 1 
ATOM 203 O "O4'" . DT B 2 3  ? 12.05550  -20.77202 10.29979  1.000 431.08522 ? 5  DT B "O4'" 1 
ATOM 204 C "C3'" . DT B 2 3  ? 10.37315  -22.43710 10.00109  1.000 437.22655 ? 5  DT B "C3'" 1 
ATOM 205 O "O3'" . DT B 2 3  ? 9.39189   -22.73288 10.99836  1.000 445.55386 ? 5  DT B "O3'" 1 
ATOM 206 C "C2'" . DT B 2 3  ? 10.02509  -21.18478 9.18713   1.000 452.19223 ? 5  DT B "C2'" 1 
ATOM 207 C "C1'" . DT B 2 3  ? 10.97639  -20.11785 9.68813   1.000 448.82382 ? 5  DT B "C1'" 1 
ATOM 208 N N1    . DT B 2 3  ? 11.54221  -19.27380 8.60905   1.000 439.49799 ? 5  DT B N1    1 
ATOM 209 C C2    . DT B 2 3  ? 10.95898  -18.06879 8.31132   1.000 449.88680 ? 5  DT B C2    1 
ATOM 210 O O2    . DT B 2 3  ? 9.96549   -17.65475 8.87643   1.000 468.68986 ? 5  DT B O2    1 
ATOM 211 N N3    . DT B 2 3  ? 11.58624  -17.36319 7.31574   1.000 435.49750 ? 5  DT B N3    1 
ATOM 212 C C4    . DT B 2 3  ? 12.71166  -17.74579 6.60703   1.000 413.88073 ? 5  DT B C4    1 
ATOM 213 O O4    . DT B 2 3  ? 13.20827  -17.04877 5.73439   1.000 410.32251 ? 5  DT B O4    1 
ATOM 214 C C5    . DT B 2 3  ? 13.27536  -19.01580 6.98228   1.000 405.46743 ? 5  DT B C5    1 
ATOM 215 C C7    . DT B 2 3  ? 14.49750  -19.53629 6.28515   1.000 389.16897 ? 5  DT B C7    1 
ATOM 216 C C6    . DT B 2 3  ? 12.67117  -19.70731 7.95226   1.000 417.81025 ? 5  DT B C6    1 
ATOM 217 P P     . DG B 2 4  ? 8.61932   -24.14315 10.96918  1.000 435.04578 ? 6  DG B P     1 
ATOM 218 O OP1   . DG B 2 4  ? 8.44941   -24.61723 12.36030  1.000 432.07006 ? 6  DG B OP1   1 
ATOM 219 O OP2   . DG B 2 4  ? 9.30015   -25.01043 9.98170   1.000 419.01688 ? 6  DG B OP2   1 
ATOM 220 O "O5'" . DG B 2 4  ? 7.18783   -23.77095 10.36912  1.000 448.22100 ? 6  DG B "O5'" 1 
ATOM 221 C "C5'" . DG B 2 4  ? 6.80574   -22.40757 10.23933  1.000 474.10076 ? 6  DG B "C5'" 1 
ATOM 222 C "C4'" . DG B 2 4  ? 6.35284   -22.11102 8.82279   1.000 476.10876 ? 6  DG B "C4'" 1 
ATOM 223 O "O4'" . DG B 2 4  ? 7.41927   -21.44179 8.08357   1.000 472.09214 ? 6  DG B "O4'" 1 
ATOM 224 C "C3'" . DG B 2 4  ? 5.98647   -23.34641 7.98733   1.000 459.19276 ? 6  DG B "C3'" 1 
ATOM 225 O "O3'" . DG B 2 4  ? 4.89826   -23.03209 7.15020   1.000 471.62249 ? 6  DG B "O3'" 1 
ATOM 226 C "C2'" . DG B 2 4  ? 7.24338   -23.54471 7.15994   1.000 443.95919 ? 6  DG B "C2'" 1 
ATOM 227 C "C1'" . DG B 2 4  ? 7.54283   -22.09689 6.85228   1.000 456.25041 ? 6  DG B "C1'" 1 
ATOM 228 N N9    . DG B 2 4  ? 8.84555   -21.87971 6.22147   1.000 442.52881 ? 6  DG B N9    1 
ATOM 229 C C8    . DG B 2 4  ? 9.83169   -22.81288 6.04223   1.000 423.87385 ? 6  DG B C8    1 
ATOM 230 N N7    . DG B 2 4  ? 10.86238  -22.35936 5.38736   1.000 413.83307 ? 6  DG B N7    1 
ATOM 231 C C5    . DG B 2 4  ? 10.52473  -21.05039 5.08107   1.000 422.91832 ? 6  DG B C5    1 
ATOM 232 C C6    . DG B 2 4  ? 11.24712  -20.05805 4.37813   1.000 414.77340 ? 6  DG B C6    1 
ATOM 233 O O6    . DG B 2 4  ? 12.37247  -20.14334 3.86633   1.000 402.93420 ? 6  DG B O6    1 
ATOM 234 N N1    . DG B 2 4  ? 10.53740  -18.86421 4.29021   1.000 426.41994 ? 6  DG B N1    1 
ATOM 235 C C2    . DG B 2 4  ? 9.28586   -18.65954 4.82441   1.000 441.70392 ? 6  DG B C2    1 
ATOM 236 N N2    . DG B 2 4  ? 8.75741   -17.44499 4.62998   1.000 450.88567 ? 6  DG B N2    1 
ATOM 237 N N3    . DG B 2 4  ? 8.59928   -19.58096 5.48121   1.000 452.56189 ? 6  DG B N3    1 
ATOM 238 C C4    . DG B 2 4  ? 9.27220   -20.74577 5.57474   1.000 441.22687 ? 6  DG B C4    1 
ATOM 239 P P     . DT B 2 5  ? 3.54167   -23.88297 7.20688   1.000 483.00690 ? 7  DT B P     1 
ATOM 240 O OP1   . DT B 2 5  ? 2.95853   -23.70282 8.55056   1.000 492.66860 ? 7  DT B OP1   1 
ATOM 241 O OP2   . DT B 2 5  ? 3.81802   -25.24107 6.69295   1.000 473.15750 ? 7  DT B OP2   1 
ATOM 242 O "O5'" . DT B 2 5  ? 2.60928   -23.13730 6.15310   1.000 496.03020 ? 7  DT B "O5'" 1 
ATOM 243 C "C5'" . DT B 2 5  ? 3.11958   -22.81248 4.87677   1.000 490.19763 ? 7  DT B "C5'" 1 
ATOM 244 C "C4'" . DT B 2 5  ? 3.15533   -21.30512 4.67425   1.000 510.96458 ? 7  DT B "C4'" 1 
ATOM 245 O "O4'" . DT B 2 5  ? 4.46263   -20.80156 5.06033   1.000 511.83368 ? 7  DT B "O4'" 1 
ATOM 246 C "C3'" . DT B 2 5  ? 2.91481   -20.85164 3.23308   1.000 499.05812 ? 7  DT B "C3'" 1 
ATOM 247 O "O3'" . DT B 2 5  ? 1.55111   -20.40363 3.06960   1.000 515.75185 ? 7  DT B "O3'" 1 
ATOM 248 C "C2'" . DT B 2 5  ? 3.91009   -19.70618 3.02368   1.000 495.06543 ? 7  DT B "C2'" 1 
ATOM 249 C "C1'" . DT B 2 5  ? 5.02636   -20.02207 4.02326   1.000 497.92084 ? 7  DT B "C1'" 1 
ATOM 250 N N1    . DT B 2 5  ? 6.18747   -20.76895 3.43876   1.000 478.77999 ? 7  DT B N1    1 
ATOM 251 C C2    . DT B 2 5  ? 7.07218   -20.11020 2.62439   1.000 463.38990 ? 7  DT B C2    1 
ATOM 252 O O2    . DT B 2 5  ? 6.96409   -18.93356 2.33596   1.000 462.46086 ? 7  DT B O2    1 
ATOM 253 N N3    . DT B 2 5  ? 8.09479   -20.88592 2.14778   1.000 446.44391 ? 7  DT B N3    1 
ATOM 254 C C4    . DT B 2 5  ? 8.31851   -22.22420 2.40763   1.000 440.09051 ? 7  DT B C4    1 
ATOM 255 O O4    . DT B 2 5  ? 9.26871   -22.83563 1.93468   1.000 422.99987 ? 7  DT B O4    1 
ATOM 256 C C5    . DT B 2 5  ? 7.35581   -22.85129 3.27297   1.000 451.37946 ? 7  DT B C5    1 
ATOM 257 C C7    . DT B 2 5  ? 7.48938   -24.30165 3.62638   1.000 436.26304 ? 7  DT B C7    1 
ATOM 258 C C6    . DT B 2 5  ? 6.35066   -22.10272 3.73878   1.000 471.78012 ? 7  DT B C6    1 
ATOM 259 P P     . DG B 2 6  ? 0.41390   -21.39290 2.49500   1.000 522.04295 ? 8  DG B P     1 
ATOM 260 O OP1   . DG B 2 6  ? -0.90588  -20.75125 2.67961   1.000 521.47512 ? 8  DG B OP1   1 
ATOM 261 O OP2   . DG B 2 6  ? 0.63608   -22.72836 3.06785   1.000 522.34271 ? 8  DG B OP2   1 
ATOM 262 O "O5'" . DG B 2 6  ? 0.73862   -21.51598 0.93465   1.000 512.97185 ? 8  DG B "O5'" 1 
ATOM 263 C "C5'" . DG B 2 6  ? 1.74625   -22.42560 0.47513   1.000 510.92738 ? 8  DG B "C5'" 1 
ATOM 264 C "C4'" . DG B 2 6  ? 2.71200   -21.71537 -0.45807  1.000 508.24050 ? 8  DG B "C4'" 1 
ATOM 265 O "O4'" . DG B 2 6  ? 4.01327   -21.59455 0.15420   1.000 510.16858 ? 8  DG B "O4'" 1 
ATOM 266 C "C3'" . DG B 2 6  ? 3.00532   -22.41943 -1.76287  1.000 499.05281 ? 8  DG B "C3'" 1 
ATOM 267 O "O3'" . DG B 2 6  ? 1.93725   -22.22510 -2.67317  1.000 490.30899 ? 8  DG B "O3'" 1 
ATOM 268 C "C2'" . DG B 2 6  ? 4.25435   -21.66902 -2.20682  1.000 489.93430 ? 8  DG B "C2'" 1 
ATOM 269 C "C1'" . DG B 2 6  ? 4.97377   -21.41540 -0.87460  1.000 496.68130 ? 8  DG B "C1'" 1 
ATOM 270 N N9    . DG B 2 6  ? 6.08964   -22.32402 -0.63702  1.000 486.58931 ? 8  DG B N9    1 
ATOM 271 C C8    . DG B 2 6  ? 6.09091   -23.44431 0.15822   1.000 483.15191 ? 8  DG B C8    1 
ATOM 272 N N7    . DG B 2 6  ? 7.23518   -24.06723 0.17381   1.000 466.06695 ? 8  DG B N7    1 
ATOM 273 C C5    . DG B 2 6  ? 8.04329   -23.31022 -0.66509  1.000 459.75562 ? 8  DG B C5    1 
ATOM 274 C C6    . DG B 2 6  ? 9.39369   -23.49052 -1.03124  1.000 442.67718 ? 8  DG B C6    1 
ATOM 275 O O6    . DG B 2 6  ? 10.16598  -24.38993 -0.67723  1.000 431.79669 ? 8  DG B O6    1 
ATOM 276 N N1    . DG B 2 6  ? 9.83397   -22.49142 -1.90192  1.000 436.71840 ? 8  DG B N1    1 
ATOM 277 C C2    . DG B 2 6  ? 9.06192   -21.45116 -2.35581  1.000 443.26293 ? 8  DG B C2    1 
ATOM 278 N N2    . DG B 2 6  ? 9.65968   -20.58489 -3.19008  1.000 434.85141 ? 8  DG B N2    1 
ATOM 279 N N3    . DG B 2 6  ? 7.79264   -21.26918 -2.01410  1.000 459.31033 ? 8  DG B N3    1 
ATOM 280 C C4    . DG B 2 6  ? 7.35258   -22.23284 -1.16815  1.000 469.04059 ? 8  DG B C4    1 
ATOM 281 P P     . DA C 3 1  ? -12.70895 -18.31885 10.20765  1.000 542.53228 ? 9  DA C P     1 
ATOM 282 O OP1   . DA C 3 1  ? -11.78529 -19.46946 10.08263  1.000 545.94385 ? 9  DA C OP1   1 
ATOM 283 O OP2   . DA C 3 1  ? -14.15814 -18.51327 9.98473   1.000 546.59798 ? 9  DA C OP2   1 
ATOM 284 O "O5'" . DA C 3 1  ? -12.52629 -17.64395 11.64994  1.000 545.60296 ? 9  DA C "O5'" 1 
ATOM 285 C "C5'" . DA C 3 1  ? -13.63766 -17.01021 12.29514  1.000 548.60565 ? 9  DA C "C5'" 1 
ATOM 286 C "C4'" . DA C 3 1  ? -13.54220 -15.49416 12.19963  1.000 540.61988 ? 9  DA C "C4'" 1 
ATOM 287 O "O4'" . DA C 3 1  ? -12.31311 -15.04843 12.80474  1.000 538.29260 ? 9  DA C "O4'" 1 
ATOM 288 C "C3'" . DA C 3 1  ? -13.54481 -14.93107 10.77733  1.000 531.47599 ? 9  DA C "C3'" 1 
ATOM 289 O "O3'" . DA C 3 1  ? -14.79397 -14.24390 10.47033  1.000 531.06454 ? 9  DA C "O3'" 1 
ATOM 290 C "C2'" . DA C 3 1  ? -12.32136 -13.99672 10.71124  1.000 524.19031 ? 9  DA C "C2'" 1 
ATOM 291 C "C1'" . DA C 3 1  ? -11.88812 -13.86973 12.16947  1.000 529.33741 ? 9  DA C "C1'" 1 
ATOM 292 N N9    . DA C 3 1  ? -10.44432 -13.77051 12.33801  1.000 526.49082 ? 9  DA C N9    1 
ATOM 293 C C8    . DA C 3 1  ? -9.49318  -14.35727 11.55843  1.000 523.25101 ? 9  DA C C8    1 
ATOM 294 N N7    . DA C 3 1  ? -8.26770  -14.12227 11.94772  1.000 522.04776 ? 9  DA C N7    1 
ATOM 295 C C5    . DA C 3 1  ? -8.42165  -13.31675 13.06000  1.000 524.47837 ? 9  DA C C5    1 
ATOM 296 C C6    . DA C 3 1  ? -7.49116  -12.72001 13.92471  1.000 525.06784 ? 9  DA C C6    1 
ATOM 297 N N6    . DA C 3 1  ? -6.16964  -12.85868 13.78180  1.000 523.28512 ? 9  DA C N6    1 
ATOM 298 N N1    . DA C 3 1  ? -7.96869  -11.97307 14.94179  1.000 528.06433 ? 9  DA C N1    1 
ATOM 299 C C2    . DA C 3 1  ? -9.29472  -11.83829 15.07856  1.000 530.42751 ? 9  DA C C2    1 
ATOM 300 N N3    . DA C 3 1  ? -10.26991 -12.35318 14.32500  1.000 530.40019 ? 9  DA C N3    1 
ATOM 301 C C4    . DA C 3 1  ? -9.75852  -13.08983 13.32206  1.000 527.22842 ? 9  DA C C4    1 
ATOM 302 P P     . DC C 3 2  ? -15.62083 -13.38560 11.56161  1.000 566.51023 ? 10 DC C P     1 
ATOM 303 O OP1   . DC C 3 2  ? -16.15498 -14.23577 12.65199  1.000 568.37334 ? 10 DC C OP1   1 
ATOM 304 O OP2   . DC C 3 2  ? -16.59374 -12.61304 10.76363  1.000 558.31992 ? 10 DC C OP2   1 
ATOM 305 O "O5'" . DC C 3 2  ? -14.57241 -12.31473 12.12145  1.000 551.79860 ? 10 DC C "O5'" 1 
ATOM 306 C "C5'" . DC C 3 2  ? -14.23825 -11.17011 11.33251  1.000 540.08237 ? 10 DC C "C5'" 1 
ATOM 307 C "C4'" . DC C 3 2  ? -13.62863 -10.07162 12.18678  1.000 524.88914 ? 10 DC C "C4'" 1 
ATOM 308 O "O4'" . DC C 3 2  ? -12.23452 -10.38020 12.47443  1.000 530.57175 ? 10 DC C "O4'" 1 
ATOM 309 C "C3'" . DC C 3 2  ? -13.62882 -8.68766  11.53859  1.000 519.28937 ? 10 DC C "C3'" 1 
ATOM 310 O "O3'" . DC C 3 2  ? -14.04141 -7.71974  12.48338  1.000 521.16519 ? 10 DC C "O3'" 1 
ATOM 311 C "C2'" . DC C 3 2  ? -12.16718 -8.49252  11.12775  1.000 510.79107 ? 10 DC C "C2'" 1 
ATOM 312 C "C1'" . DC C 3 2  ? -11.44810 -9.23690  12.23657  1.000 518.12147 ? 10 DC C "C1'" 1 
ATOM 313 N N1    . DC C 3 2  ? -10.05705 -9.67303  11.88359  1.000 525.63200 ? 10 DC C N1    1 
ATOM 314 C C2    . DC C 3 2  ? -8.96571  -9.16080  12.60059  1.000 519.45798 ? 10 DC C C2    1 
ATOM 315 O O2    . DC C 3 2  ? -9.17087  -8.34536  13.50901  1.000 513.72452 ? 10 DC C O2    1 
ATOM 316 N N3    . DC C 3 2  ? -7.71468  -9.56701  12.27292  1.000 525.36706 ? 10 DC C N3    1 
ATOM 317 C C4    . DC C 3 2  ? -7.53749  -10.44741 11.28317  1.000 536.49792 ? 10 DC C C4    1 
ATOM 318 N N4    . DC C 3 2  ? -6.28563  -10.82313 10.99242  1.000 540.36044 ? 10 DC C N4    1 
ATOM 319 C C5    . DC C 3 2  ? -8.63488  -10.98243 10.54850  1.000 544.21510 ? 10 DC C C5    1 
ATOM 320 C C6    . DC C 3 2  ? -9.86381  -10.57402 10.87934  1.000 538.65032 ? 10 DC C C6    1 
ATOM 321 P P     . DG C 3 3  ? -14.83284 -6.40753  12.00426  1.000 518.32318 ? 11 DG C P     1 
ATOM 322 O OP1   . DG C 3 3  ? -16.20862 -6.48693  12.54561  1.000 525.02443 ? 11 DG C OP1   1 
ATOM 323 O OP2   . DG C 3 3  ? -14.63618 -6.27690  10.54312  1.000 512.03322 ? 11 DG C OP2   1 
ATOM 324 O "O5'" . DG C 3 3  ? -14.04790 -5.21382  12.72529  1.000 517.72702 ? 11 DG C "O5'" 1 
ATOM 325 C "C5'" . DG C 3 3  ? -13.72769 -5.31405  14.10631  1.000 522.38615 ? 11 DG C "C5'" 1 
ATOM 326 C "C4'" . DG C 3 3  ? -12.66414 -4.30283  14.50300  1.000 520.43989 ? 11 DG C "C4'" 1 
ATOM 327 O "O4'" . DG C 3 3  ? -11.34220 -4.88551  14.35162  1.000 517.02341 ? 11 DG C "O4'" 1 
ATOM 328 C "C3'" . DG C 3 3  ? -12.64844 -3.01678  13.68673  1.000 516.89635 ? 11 DG C "C3'" 1 
ATOM 329 O "O3'" . DG C 3 3  ? -12.27130 -1.93012  14.52204  1.000 519.34852 ? 11 DG C "O3'" 1 
ATOM 330 C "C2'" . DG C 3 3  ? -11.58158 -3.30540  12.63910  1.000 510.37927 ? 11 DG C "C2'" 1 
ATOM 331 C "C1'" . DG C 3 3  ? -10.57910 -4.10527  13.45329  1.000 511.39891 ? 11 DG C "C1'" 1 
ATOM 332 N N9    . DG C 3 3  ? -9.77034  -5.00340  12.64541  1.000 507.08639 ? 11 DG C N9    1 
ATOM 333 C C8    . DG C 3 3  ? -10.20774 -5.82634  11.64119  1.000 513.38191 ? 11 DG C C8    1 
ATOM 334 N N7    . DG C 3 3  ? -9.25648  -6.52512  11.09243  1.000 525.19109 ? 11 DG C N7    1 
ATOM 335 C C5    . DG C 3 3  ? -8.11351  -6.14117  11.78527  1.000 520.59290 ? 11 DG C C5    1 
ATOM 336 C C6    . DG C 3 3  ? -6.77924  -6.56845  11.63349  1.000 526.73502 ? 11 DG C C6    1 
ATOM 337 O O6    . DG C 3 3  ? -6.33230  -7.39260  10.82962  1.000 536.77828 ? 11 DG C O6    1 
ATOM 338 N N1    . DG C 3 3  ? -5.92189  -5.92965  12.53782  1.000 519.59116 ? 11 DG C N1    1 
ATOM 339 C C2    . DG C 3 3  ? -6.32011  -4.99883  13.46526  1.000 508.00666 ? 11 DG C C2    1 
ATOM 340 N N2    . DG C 3 3  ? -5.35451  -4.48731  14.25335  1.000 507.26332 ? 11 DG C N2    1 
ATOM 341 N N3    . DG C 3 3  ? -7.57313  -4.59400  13.61515  1.000 507.13736 ? 11 DG C N3    1 
ATOM 342 C C4    . DG C 3 3  ? -8.41190  -5.20836  12.74251  1.000 507.46961 ? 11 DG C C4    1 
ATOM 343 P P     . DG C 3 4  ? -12.86022 -0.45909  14.25845  1.000 520.81172 ? 12 DG C P     1 
ATOM 344 O OP1   . DG C 3 4  ? -13.62919 -0.07869  15.46387  1.000 527.64515 ? 12 DG C OP1   1 
ATOM 345 O OP2   . DG C 3 4  ? -13.53396 -0.47538  12.94190  1.000 517.94653 ? 12 DG C OP2   1 
ATOM 346 O "O5'" . DG C 3 4  ? -11.55406 0.46314   14.13708  1.000 518.25533 ? 12 DG C "O5'" 1 
ATOM 347 C "C5'" . DG C 3 4  ? -10.62232 0.24582   13.07550  1.000 512.29338 ? 12 DG C "C5'" 1 
ATOM 348 C "C4'" . DG C 3 4  ? -9.22799  -0.05022  13.61147  1.000 511.15380 ? 12 DG C "C4'" 1 
ATOM 349 O "O4'" . DG C 3 4  ? -8.81136  -1.37318  13.16417  1.000 507.61169 ? 12 DG C "O4'" 1 
ATOM 350 C "C3'" . DG C 3 4  ? -8.14006  0.88722   13.09880  1.000 508.97234 ? 12 DG C "C3'" 1 
ATOM 351 O "O3'" . DG C 3 4  ? -7.03736  0.90597   14.00387  1.000 510.64154 ? 12 DG C "O3'" 1 
ATOM 352 C "C2'" . DG C 3 4  ? -7.75542  0.20208   11.80276  1.000 503.10382 ? 12 DG C "C2'" 1 
ATOM 353 C "C1'" . DG C 3 4  ? -7.70849  -1.23829  12.28376  1.000 502.97315 ? 12 DG C "C1'" 1 
ATOM 354 N N9    . DG C 3 4  ? -7.81531  -2.23061  11.21612  1.000 498.70904 ? 12 DG C N9    1 
ATOM 355 C C8    . DG C 3 4  ? -8.93419  -2.55457  10.48657  1.000 497.76563 ? 12 DG C C8    1 
ATOM 356 N N7    . DG C 3 4  ? -8.72221  -3.48330  9.59545   1.000 494.04033 ? 12 DG C N7    1 
ATOM 357 C C5    . DG C 3 4  ? -7.37573  -3.79387  9.74266   1.000 497.67025 ? 12 DG C C5    1 
ATOM 358 C C6    . DG C 3 4  ? -6.57576  -4.73442  9.04889   1.000 510.71116 ? 12 DG C C6    1 
ATOM 359 O O6    . DG C 3 4  ? -6.91245  -5.50028  8.13634   1.000 519.18479 ? 12 DG C O6    1 
ATOM 360 N N1    . DG C 3 4  ? -5.26009  -4.73336  9.51226   1.000 512.93283 ? 12 DG C N1    1 
ATOM 361 C C2    . DG C 3 4  ? -4.78371  -3.92707  10.51763  1.000 505.66865 ? 12 DG C C2    1 
ATOM 362 N N2    . DG C 3 4  ? -3.48803  -4.06312  10.82938  1.000 508.62668 ? 12 DG C N2    1 
ATOM 363 N N3    . DG C 3 4  ? -5.52267  -3.04439  11.17439  1.000 495.60286 ? 12 DG C N3    1 
ATOM 364 C C4    . DG C 3 4  ? -6.80380  -3.03430  10.73467  1.000 495.36969 ? 12 DG C C4    1 
ATOM 365 P P     . DA C 3 5  ? -6.23405  2.27425   14.26400  1.000 513.06527 ? 13 DA C P     1 
ATOM 366 O OP1   . DA C 3 5  ? -6.31094  2.55279   15.71386  1.000 518.70231 ? 13 DA C OP1   1 
ATOM 367 O OP2   . DA C 3 5  ? -6.74379  3.26662   13.29177  1.000 512.64043 ? 13 DA C OP2   1 
ATOM 368 O "O5'" . DA C 3 5  ? -4.71058  1.94031   13.87713  1.000 509.88809 ? 13 DA C "O5'" 1 
ATOM 369 C "C5'" . DA C 3 5  ? -3.69346  2.92855   14.09442  1.000 512.18313 ? 13 DA C "C5'" 1 
ATOM 370 C "C4'" . DA C 3 5  ? -2.31533  2.42550   13.68318  1.000 509.42824 ? 13 DA C "C4'" 1 
ATOM 371 O "O4'" . DA C 3 5  ? -2.44676  1.13770   13.03407  1.000 504.79533 ? 13 DA C "O4'" 1 
ATOM 372 C "C3'" . DA C 3 5  ? -1.59494  3.30481   12.66551  1.000 508.27072 ? 13 DA C "C3'" 1 
ATOM 373 O "O3'" . DA C 3 5  ? -0.16918  3.10475   12.73698  1.000 508.40727 ? 13 DA C "O3'" 1 
ATOM 374 C "C2'" . DA C 3 5  ? -2.15864  2.76536   11.36766  1.000 502.93922 ? 13 DA C "C2'" 1 
ATOM 375 C "C1'" . DA C 3 5  ? -2.13137  1.27288   11.66106  1.000 500.55305 ? 13 DA C "C1'" 1 
ATOM 376 N N9    . DA C 3 5  ? -3.10499  0.52283   10.89254  1.000 496.91907 ? 13 DA C N9    1 
ATOM 377 C C8    . DA C 3 5  ? -4.45545  0.51928   11.06579  1.000 498.02524 ? 13 DA C C8    1 
ATOM 378 N N7    . DA C 3 5  ? -5.09313  -0.25097  10.22211  1.000 494.80988 ? 13 DA C N7    1 
ATOM 379 C C5    . DA C 3 5  ? -4.09082  -0.79039  9.44437   1.000 506.78712 ? 13 DA C C5    1 
ATOM 380 C C6    . DA C 3 5  ? -4.11494  -1.68660  8.36854   1.000 517.04559 ? 13 DA C C6    1 
ATOM 381 N N6    . DA C 3 5  ? -5.23986  -2.21491  7.88108   1.000 517.99987 ? 13 DA C N6    1 
ATOM 382 N N1    . DA C 3 5  ? -2.93612  -2.02349  7.81156   1.000 524.79906 ? 13 DA C N1    1 
ATOM 383 C C2    . DA C 3 5  ? -1.81121  -1.49278  8.30349   1.000 522.01571 ? 13 DA C C2    1 
ATOM 384 N N3    . DA C 3 5  ? -1.66491  -0.63668  9.31115   1.000 513.90938 ? 13 DA C N3    1 
ATOM 385 C C4    . DA C 3 5  ? -2.85637  -0.32404  9.84317   1.000 506.84931 ? 13 DA C C4    1 
ATOM 386 P P     . DC C 3 6  ? 0.83847   4.23212   12.17912  1.000 510.39092 ? 14 DC C P     1 
ATOM 387 O OP1   . DC C 3 6  ? 1.77204   4.57661   13.27446  1.000 515.48242 ? 14 DC C OP1   1 
ATOM 388 O OP2   . DC C 3 6  ? 0.01266   5.29059   11.55511  1.000 511.50058 ? 14 DC C OP2   1 
ATOM 389 O "O5'" . DC C 3 6  ? 1.65916   3.49385   11.01354  1.000 505.51266 ? 14 DC C "O5'" 1 
ATOM 390 C "C5'" . DC C 3 6  ? 0.97722   2.62980   10.11898  1.000 500.06614 ? 14 DC C "C5'" 1 
ATOM 391 C "C4'" . DC C 3 6  ? 1.81240   2.28074   8.90251   1.000 504.56730 ? 14 DC C "C4'" 1 
ATOM 392 O "O4'" . DC C 3 6  ? 1.03818   1.37955   8.07507   1.000 507.62321 ? 14 DC C "O4'" 1 
ATOM 393 C "C3'" . DC C 3 6  ? 2.12482   3.44263   7.97393   1.000 507.60942 ? 14 DC C "C3'" 1 
ATOM 394 O "O3'" . DC C 3 6  ? 3.14488   3.04938   7.05060   1.000 515.05067 ? 14 DC C "O3'" 1 
ATOM 395 C "C2'" . DC C 3 6  ? 0.79225   3.58068   7.26390   1.000 507.89198 ? 14 DC C "C2'" 1 
ATOM 396 C "C1'" . DC C 3 6  ? 0.50225   2.10846   6.98499   1.000 511.19276 ? 14 DC C "C1'" 1 
ATOM 397 N N1    . DC C 3 6  ? -0.94335  1.77640   6.82741   1.000 509.94104 ? 14 DC C N1    1 
ATOM 398 C C2    . DC C 3 6  ? -1.30215  0.81900   5.88794   1.000 517.05704 ? 14 DC C C2    1 
ATOM 399 O O2    . DC C 3 6  ? -0.40458  0.28175   5.23527   1.000 522.80016 ? 14 DC C O2    1 
ATOM 400 N N3    . DC C 3 6  ? -2.60890  0.50734   5.72290   1.000 517.06164 ? 14 DC C N3    1 
ATOM 401 C C4    . DC C 3 6  ? -3.53658  1.12161   6.46011   1.000 508.34558 ? 14 DC C C4    1 
ATOM 402 N N4    . DC C 3 6  ? -4.81609  0.78282   6.26334   1.000 506.03562 ? 14 DC C N4    1 
ATOM 403 C C5    . DC C 3 6  ? -3.19053  2.11106   7.43136   1.000 499.84613 ? 14 DC C C5    1 
ATOM 404 C C6    . DC C 3 6  ? -1.89118  2.40589   7.58059   1.000 501.81029 ? 14 DC C C6    1 
ATOM 405 P P     . DA C 3 7  ? 4.41626   3.99212   6.77251   1.000 502.00537 ? 15 DA C P     1 
ATOM 406 O OP1   . DA C 3 7  ? 5.33578   3.84030   7.92319   1.000 510.70151 ? 15 DA C OP1   1 
ATOM 407 O OP2   . DA C 3 7  ? 3.90666   5.33177   6.40021   1.000 502.88010 ? 15 DA C OP2   1 
ATOM 408 O "O5'" . DA C 3 7  ? 5.10436   3.35013   5.47160   1.000 509.72449 ? 15 DA C "O5'" 1 
ATOM 409 C "C5'" . DA C 3 7  ? 5.64905   2.03288   5.52497   1.000 515.57140 ? 15 DA C "C5'" 1 
ATOM 410 C "C4'" . DA C 3 7  ? 5.65937   1.36801   4.15146   1.000 517.70325 ? 15 DA C "C4'" 1 
ATOM 411 O "O4'" . DA C 3 7  ? 4.32578   0.91343   3.81212   1.000 514.31044 ? 15 DA C "O4'" 1 
ATOM 412 C "C3'" . DA C 3 7  ? 6.10395   2.24509   2.98586   1.000 525.93364 ? 15 DA C "C3'" 1 
ATOM 413 O "O3'" . DA C 3 7  ? 6.73529   1.42955   1.98679   1.000 527.21235 ? 15 DA C "O3'" 1 
ATOM 414 C "C2'" . DA C 3 7  ? 4.78044   2.81525   2.48738   1.000 526.35771 ? 15 DA C "C2'" 1 
ATOM 415 C "C1'" . DA C 3 7  ? 3.83685   1.63324   2.69589   1.000 519.83848 ? 15 DA C "C1'" 1 
ATOM 416 N N9    . DA C 3 7  ? 2.46137   2.02133   2.98660   1.000 516.71396 ? 15 DA C N9    1 
ATOM 417 C C8    . DA C 3 7  ? 2.04440   2.96741   3.87944   1.000 510.07509 ? 15 DA C C8    1 
ATOM 418 N N7    . DA C 3 7  ? 0.74060   3.09480   3.94374   1.000 506.67969 ? 15 DA C N7    1 
ATOM 419 C C5    . DA C 3 7  ? 0.27024   2.16052   3.03767   1.000 512.76684 ? 15 DA C C5    1 
ATOM 420 C C6    . DA C 3 7  ? -1.02953  1.79505   2.64185   1.000 513.30786 ? 15 DA C C6    1 
ATOM 421 N N6    . DA C 3 7  ? -2.13069  2.36339   3.13817   1.000 505.27150 ? 15 DA C N6    1 
ATOM 422 N N1    . DA C 3 7  ? -1.15187  0.82410   1.70806   1.000 521.64658 ? 15 DA C N1    1 
ATOM 423 C C2    . DA C 3 7  ? -0.04108  0.26314   1.21787   1.000 527.35648 ? 15 DA C C2    1 
ATOM 424 N N3    . DA C 3 7  ? 1.23043   0.52167   1.51591   1.000 525.46758 ? 15 DA C N3    1 
ATOM 425 C C4    . DA C 3 7  ? 1.31716   1.48686   2.44203   1.000 519.01230 ? 15 DA C C4    1 
ATOM 426 P P     . DG C 3 8  ? 7.59455   2.08489   0.79287   1.000 540.92368 ? 16 DG C P     1 
ATOM 427 O OP1   . DG C 3 8  ? 9.00972   1.72764   1.03856   1.000 537.99406 ? 16 DG C OP1   1 
ATOM 428 O OP2   . DG C 3 8  ? 7.22091   3.51086   0.64679   1.000 543.69331 ? 16 DG C OP2   1 
ATOM 429 O "O5'" . DG C 3 8  ? 7.09725   1.29269   -0.50983  1.000 543.62527 ? 16 DG C "O5'" 1 
ATOM 430 C "C5'" . DG C 3 8  ? 6.60048   2.00888   -1.64408  1.000 549.48768 ? 16 DG C "C5'" 1 
ATOM 431 C "C4'" . DG C 3 8  ? 5.22705   1.49723   -2.04623  1.000 553.35524 ? 16 DG C "C4'" 1 
ATOM 432 O "O4'" . DG C 3 8  ? 4.29080   1.78446   -0.99968  1.000 554.84215 ? 16 DG C "O4'" 1 
ATOM 433 C "C3'" . DG C 3 8  ? 4.62650   2.14595   -3.29102  1.000 557.99275 ? 16 DG C "C3'" 1 
ATOM 434 O "O3'" . DG C 3 8  ? 4.91834   1.35933   -4.43558  1.000 554.69894 ? 16 DG C "O3'" 1 
ATOM 435 C "C2'" . DG C 3 8  ? 3.11454   2.16441   -3.00968  1.000 564.01249 ? 16 DG C "C2'" 1 
ATOM 436 C "C1'" . DG C 3 8  ? 2.99847   1.74343   -1.54411  1.000 561.19327 ? 16 DG C "C1'" 1 
ATOM 437 N N9    . DG C 3 8  ? 2.12441   2.60777   -0.75285  1.000 557.85744 ? 16 DG C N9    1 
ATOM 438 C C8    . DG C 3 8  ? 2.49614   3.51617   0.20757   1.000 551.74873 ? 16 DG C C8    1 
ATOM 439 N N7    . DG C 3 8  ? 1.48714   4.13771   0.75498   1.000 546.12028 ? 16 DG C N7    1 
ATOM 440 C C5    . DG C 3 8  ? 0.37745   3.60966   0.11001   1.000 549.48326 ? 16 DG C C5    1 
ATOM 441 C C6    . DG C 3 8  ? -0.99600  3.89956   0.27206   1.000 543.59809 ? 16 DG C C6    1 
ATOM 442 O O6    . DG C 3 8  ? -1.51983  4.70594   1.04874   1.000 534.07619 ? 16 DG C O6    1 
ATOM 443 N N1    . DG C 3 8  ? -1.79011  3.13654   -0.58583  1.000 548.60527 ? 16 DG C N1    1 
ATOM 444 C C2    . DG C 3 8  ? -1.30805  2.21166   -1.48159  1.000 558.54130 ? 16 DG C C2    1 
ATOM 445 N N2    . DG C 3 8  ? -2.21915  1.57587   -2.23188  1.000 561.86265 ? 16 DG C N2    1 
ATOM 446 N N3    . DG C 3 8  ? -0.02524  1.93662   -1.64265  1.000 562.57964 ? 16 DG C N3    1 
ATOM 447 C C4    . DG C 3 8  ? 0.75575   2.66772   -0.81837  1.000 558.28403 ? 16 DG C C4    1 
ATOM 448 P P     . DC C 3 9  ? 4.89416   2.00411   -5.90904  1.000 566.80413 ? 17 DC C P     1 
ATOM 449 O OP1   . DC C 3 9  ? 4.61008   0.89707   -6.84588  1.000 564.18125 ? 17 DC C OP1   1 
ATOM 450 O OP2   . DC C 3 9  ? 6.11056   2.83060   -6.06771  1.000 560.74872 ? 17 DC C OP2   1 
ATOM 451 O "O5'" . DC C 3 9  ? 3.62804   2.98345   -5.91385  1.000 575.94115 ? 17 DC C "O5'" 1 
ATOM 452 C "C5'" . DC C 3 9  ? 2.77118   3.02806   -7.05054  1.000 580.48733 ? 17 DC C "C5'" 1 
ATOM 453 C "C4'" . DC C 3 9  ? 1.42533   2.39734   -6.73663  1.000 583.75904 ? 17 DC C "C4'" 1 
ATOM 454 O "O4'" . DC C 3 9  ? 1.09484   2.67351   -5.36518  1.000 589.18486 ? 17 DC C "O4'" 1 
ATOM 455 C "C3'" . DC C 3 9  ? 0.26744   2.92733   -7.57263  1.000 586.93076 ? 17 DC C "C3'" 1 
ATOM 456 O "O3'" . DC C 3 9  ? -0.02473  2.01446   -8.63394  1.000 580.66784 ? 17 DC C "O3'" 1 
ATOM 457 C "C2'" . DC C 3 9  ? -0.91037  3.04091   -6.59027  1.000 591.04684 ? 17 DC C "C2'" 1 
ATOM 458 C "C1'" . DC C 3 9  ? -0.29517  2.81107   -5.20675  1.000 588.18666 ? 17 DC C "C1'" 1 
ATOM 459 N N1    . DC C 3 9  ? -0.53790  3.91141   -4.18300  1.000 581.39358 ? 17 DC C N1    1 
ATOM 460 C C2    . DC C 3 9  ? -1.84248  4.34465   -3.87398  1.000 574.96665 ? 17 DC C C2    1 
ATOM 461 O O2    . DC C 3 9  ? -2.81351  3.85152   -4.46631  1.000 577.48554 ? 17 DC C O2    1 
ATOM 462 N N3    . DC C 3 9  ? -2.00177  5.31224   -2.93066  1.000 564.70341 ? 17 DC C N3    1 
ATOM 463 C C4    . DC C 3 9  ? -0.93610  5.82682   -2.30871  1.000 562.37377 ? 17 DC C C4    1 
ATOM 464 N N4    . DC C 3 9  ? -1.13867  6.77193   -1.38782  1.000 552.02046 ? 17 DC C N4    1 
ATOM 465 C C5    . DC C 3 9  ? 0.38469   5.39333   -2.60142  1.000 568.92577 ? 17 DC C C5    1 
ATOM 466 C C6    . DC C 3 9  ? 0.53486   4.44428   -3.52697  1.000 578.12926 ? 17 DC C C6    1 
ATOM 467 P P     . DA C 3 10 ? 0.47268   2.31710   -10.13319 1.000 581.73233 ? 18 DA C P     1 
ATOM 468 O OP1   . DA C 3 10 ? 0.21346   1.10207   -10.93500 1.000 565.04617 ? 18 DA C OP1   1 
ATOM 469 O OP2   . DA C 3 10 ? 1.83828   2.88475   -10.07836 1.000 578.98809 ? 18 DA C OP2   1 
ATOM 470 O "O5'" . DA C 3 10 ? -0.51077  3.46825   -10.64342 1.000 586.09581 ? 18 DA C "O5'" 1 
ATOM 471 C "C5'" . DA C 3 10 ? -1.53942  3.16022   -11.57631 1.000 572.87710 ? 18 DA C "C5'" 1 
ATOM 472 C "C4'" . DA C 3 10 ? -2.90921  3.36280   -10.95699 1.000 564.74863 ? 18 DA C "C4'" 1 
ATOM 473 O "O4'" . DA C 3 10 ? -2.75916  3.77625   -9.57506  1.000 577.00487 ? 18 DA C "O4'" 1 
ATOM 474 C "C3'" . DA C 3 10 ? -3.77084  4.43330   -11.62866 1.000 554.09163 ? 18 DA C "C3'" 1 
ATOM 475 O "O3'" . DA C 3 10 ? -5.11907  3.98590   -11.70665 1.000 537.90864 ? 18 DA C "O3'" 1 
ATOM 476 C "C2'" . DA C 3 10 ? -3.62988  5.62952   -10.69133 1.000 568.33122 ? 18 DA C "C2'" 1 
ATOM 477 C "C1'" . DA C 3 10 ? -3.52775  4.93365   -9.34563  1.000 577.64935 ? 18 DA C "C1'" 1 
ATOM 478 N N9    . DA C 3 10 ? -2.86322  5.72962   -8.32227  1.000 593.75614 ? 18 DA C N9    1 
ATOM 479 C C8    . DA C 3 10 ? -1.52926  5.75181   -8.03780  1.000 603.14290 ? 18 DA C C8    1 
ATOM 480 N N7    . DA C 3 10 ? -1.20970  6.55219   -7.05176  1.000 607.38480 ? 18 DA C N7    1 
ATOM 481 C C5    . DA C 3 10 ? -2.41938  7.10796   -6.67425  1.000 598.19668 ? 18 DA C C5    1 
ATOM 482 C C6    . DA C 3 10 ? -2.75993  8.04564   -5.68611  1.000 588.92865 ? 18 DA C C6    1 
ATOM 483 N N6    . DA C 3 10 ? -1.86296  8.60455   -4.87401  1.000 589.68890 ? 18 DA C N6    1 
ATOM 484 N N1    . DA C 3 10 ? -4.06244  8.38943   -5.56754  1.000 576.30784 ? 18 DA C N1    1 
ATOM 485 C C2    . DA C 3 10 ? -4.95457  7.81738   -6.38423  1.000 571.74676 ? 18 DA C C2    1 
ATOM 486 N N3    . DA C 3 10 ? -4.75058  6.92662   -7.35386  1.000 577.19137 ? 18 DA C N3    1 
ATOM 487 C C4    . DA C 3 10 ? -3.44954  6.60889   -7.44417  1.000 591.63281 ? 18 DA C C4    1 
ATOM 488 P P     . DG C 3 11 ? -6.18578  4.77383   -12.61177 1.000 572.39610 ? 19 DG C P     1 
ATOM 489 O OP1   . DG C 3 11 ? -7.28451  3.83679   -12.92896 1.000 553.84054 ? 19 DG C OP1   1 
ATOM 490 O OP2   . DG C 3 11 ? -5.45915  5.45871   -13.70401 1.000 571.53557 ? 19 DG C OP2   1 
ATOM 491 O "O5'" . DG C 3 11 ? -6.75588  5.89875   -11.63622 1.000 579.73754 ? 19 DG C "O5'" 1 
ATOM 492 C "C5'" . DG C 3 11 ? -7.38467  7.03547   -12.18516 1.000 568.69968 ? 19 DG C "C5'" 1 
ATOM 493 C "C4'" . DG C 3 11 ? -8.26091  7.72372   -11.16009 1.000 568.88100 ? 19 DG C "C4'" 1 
ATOM 494 O "O4'" . DG C 3 11 ? -7.50306  7.94980   -9.94371  1.000 586.47219 ? 19 DG C "O4'" 1 
ATOM 495 C "C3'" . DG C 3 11 ? -8.74391  9.09873   -11.56902 1.000 568.45367 ? 19 DG C "C3'" 1 
ATOM 496 O "O3'" . DG C 3 11 ? -9.91103  9.41624   -10.82808 1.000 559.06944 ? 19 DG C "O3'" 1 
ATOM 497 C "C2'" . DG C 3 11 ? -7.55879  9.96537   -11.15008 1.000 588.69482 ? 19 DG C "C2'" 1 
ATOM 498 C "C1'" . DG C 3 11 ? -7.22675  9.33525   -9.80561  1.000 593.94536 ? 19 DG C "C1'" 1 
ATOM 499 N N9    . DG C 3 11 ? -5.83733  9.47324   -9.37101  1.000 614.46639 ? 19 DG C N9    1 
ATOM 500 C C8    . DG C 3 11 ? -4.76570  8.72833   -9.79504  1.000 626.36765 ? 19 DG C C8    1 
ATOM 501 N N7    . DG C 3 11 ? -3.64673  9.04287   -9.20383  1.000 642.54159 ? 19 DG C N7    1 
ATOM 502 C C5    . DG C 3 11 ? -3.99877  10.05333  -8.31842  1.000 639.26461 ? 19 DG C C5    1 
ATOM 503 C C6    . DG C 3 11 ? -3.20334  10.77942  -7.39987  1.000 645.20457 ? 19 DG C C6    1 
ATOM 504 O O6    . DG C 3 11 ? -1.98821  10.67505  -7.17869  1.000 658.55563 ? 19 DG C O6    1 
ATOM 505 N N1    . DG C 3 11 ? -3.95800  11.70843  -6.68903  1.000 632.77129 ? 19 DG C N1    1 
ATOM 506 C C2    . DG C 3 11 ? -5.30918  11.90763  -6.84268  1.000 617.64859 ? 19 DG C C2    1 
ATOM 507 N N2    . DG C 3 11 ? -5.86145  12.85400  -6.06959  1.000 607.02367 ? 19 DG C N2    1 
ATOM 508 N N3    . DG C 3 11 ? -6.06616  11.23317  -7.69662  1.000 611.29281 ? 19 DG C N3    1 
ATOM 509 C C4    . DG C 3 11 ? -5.34688  10.32154  -8.39745  1.000 622.14154 ? 19 DG C C4    1 
ATOM 510 P P     . DT C 3 12 ? -10.92540 10.54254  -11.35461 1.000 536.22509 ? 20 DT C P     1 
ATOM 511 O OP1   . DT C 3 12 ? -12.22995 10.33130  -10.68811 1.000 541.46929 ? 20 DT C OP1   1 
ATOM 512 O OP2   . DT C 3 12 ? -10.84899 10.54685  -12.83191 1.000 536.72279 ? 20 DT C OP2   1 
ATOM 513 O "O5'" . DT C 3 12 ? -10.29427 11.89937  -10.79917 1.000 538.75979 ? 20 DT C "O5'" 1 
ATOM 514 C "C5'" . DT C 3 12 ? -10.18970 12.11133  -9.39038  1.000 540.37516 ? 20 DT C "C5'" 1 
ATOM 515 C "C4'" . DT C 3 12 ? -9.82265  13.55074  -9.09850  1.000 549.96308 ? 20 DT C "C4'" 1 
ATOM 516 O "O4'" . DT C 3 12 ? -8.44998  13.62195  -8.61307  1.000 562.84162 ? 20 DT C "O4'" 1 
ATOM 517 C "C3'" . DT C 3 12 ? -9.87154  14.47347  -10.31423 1.000 558.26334 ? 20 DT C "C3'" 1 
ATOM 518 O "O3'" . DT C 3 12 ? -10.18894 15.79763  -9.89673  1.000 569.36678 ? 20 DT C "O3'" 1 
ATOM 519 C "C2'" . DT C 3 12 ? -8.42821  14.39791  -10.79761 1.000 572.72884 ? 20 DT C "C2'" 1 
ATOM 520 C "C1'" . DT C 3 12 ? -7.72089  14.48763  -9.45584  1.000 577.54672 ? 20 DT C "C1'" 1 
ATOM 521 N N1    . DT C 3 12 ? -6.27885  14.07287  -9.46892  1.000 594.39395 ? 20 DT C N1    1 
ATOM 522 C C2    . DT C 3 12 ? -5.40037  14.66437  -8.58170  1.000 602.88149 ? 20 DT C C2    1 
ATOM 523 O O2    . DT C 3 12 ? -5.73545  15.52042  -7.78026  1.000 596.46009 ? 20 DT C O2    1 
ATOM 524 N N3    . DT C 3 12 ? -4.10741  14.21099  -8.66841  1.000 617.47369 ? 20 DT C N3    1 
ATOM 525 C C4    . DT C 3 12 ? -3.61879  13.24897  -9.53348  1.000 627.65550 ? 20 DT C C4    1 
ATOM 526 O O4    . DT C 3 12 ? -2.44295  12.90739  -9.53719  1.000 644.95615 ? 20 DT C O4    1 
ATOM 527 C C5    . DT C 3 12 ? -4.58957  12.67421  -10.43483 1.000 614.46605 ? 20 DT C C5    1 
ATOM 528 C C7    . DT C 3 12 ? -4.17202  11.62251  -11.41875 1.000 615.75336 ? 20 DT C C7    1 
ATOM 529 C C6    . DT C 3 12 ? -5.85697  13.10797  -10.35964 1.000 599.57174 ? 20 DT C C6    1 
ATOM 530 P P     . DG C 3 13 ? -11.70695 16.26615  -9.63531  1.000 580.96415 ? 21 DG C P     1 
ATOM 531 O OP1   . DG C 3 13 ? -12.42143 15.25043  -8.83237  1.000 580.31176 ? 21 DG C OP1   1 
ATOM 532 O OP2   . DG C 3 13 ? -12.27836 16.70897  -10.92474 1.000 585.50144 ? 21 DG C OP2   1 
ATOM 533 O "O5'" . DG C 3 13 ? -11.51918 17.56543  -8.72564  1.000 592.02788 ? 21 DG C "O5'" 1 
ATOM 534 C "C5'" . DG C 3 13 ? -10.60304 17.52871  -7.63275  1.000 589.18611 ? 21 DG C "C5'" 1 
ATOM 535 C "C4'" . DG C 3 13 ? -9.78069  18.81025  -7.54382  1.000 598.92453 ? 21 DG C "C4'" 1 
ATOM 536 O "O4'" . DG C 3 13 ? -8.37884  18.52023  -7.80578  1.000 593.38160 ? 21 DG C "O4'" 1 
ATOM 537 C "C3'" . DG C 3 13 ? -10.14444 19.90612  -8.53676  1.000 612.71561 ? 21 DG C "C3'" 1 
ATOM 538 O "O3'" . DG C 3 13 ? -9.80204  21.16276  -7.96604  1.000 627.40328 ? 21 DG C "O3'" 1 
ATOM 539 C "C2'" . DG C 3 13 ? -9.23045  19.56773  -9.70789  1.000 609.96033 ? 21 DG C "C2'" 1 
ATOM 540 C "C1'" . DG C 3 13 ? -7.95587  19.22689  -8.96127  1.000 602.46338 ? 21 DG C "C1'" 1 
ATOM 541 N N9    . DG C 3 13 ? -7.04788  18.36645  -9.69789  1.000 602.12486 ? 21 DG C N9    1 
ATOM 542 C C8    . DG C 3 13 ? -7.37274  17.49074  -10.69969 1.000 596.75937 ? 21 DG C C8    1 
ATOM 543 N N7    . DG C 3 13 ? -6.35046  16.82883  -11.16113 1.000 606.74565 ? 21 DG C N7    1 
ATOM 544 C C5    . DG C 3 13 ? -5.27813  17.29661  -10.41476 1.000 617.83264 ? 21 DG C C5    1 
ATOM 545 C C6    . DG C 3 13 ? -3.91526  16.94389  -10.47437 1.000 638.34862 ? 21 DG C C6    1 
ATOM 546 O O6    . DG C 3 13 ? -3.36758  16.12091  -11.22187 1.000 648.45073 ? 21 DG C O6    1 
ATOM 547 N N1    . DG C 3 13 ? -3.15941  17.66185  -9.54627  1.000 645.92804 ? 21 DG C N1    1 
ATOM 548 C C2    . DG C 3 13 ? -3.66876  18.59179  -8.66601  1.000 634.93925 ? 21 DG C C2    1 
ATOM 549 N N2    . DG C 3 13 ? -2.77923  19.18972  -7.85559  1.000 642.54054 ? 21 DG C N2    1 
ATOM 550 N N3    . DG C 3 13 ? -4.94601  18.93204  -8.60686  1.000 617.30552 ? 21 DG C N3    1 
ATOM 551 C C4    . DG C 3 13 ? -5.69121  18.24069  -9.50882  1.000 611.51522 ? 21 DG C C4    1 
ATOM 552 P P     . DC C 3 14 ? -10.16105 22.55034  -8.69650  1.000 630.25797 ? 22 DC C P     1 
ATOM 553 O OP1   . DC C 3 14 ? -11.05571 23.28168  -7.77393  1.000 631.19907 ? 22 DC C OP1   1 
ATOM 554 O OP2   . DC C 3 14 ? -10.60535 22.29177  -10.08297 1.000 633.40203 ? 22 DC C OP2   1 
ATOM 555 O "O5'" . DC C 3 14 ? -8.75140  23.31045  -8.77078  1.000 628.99402 ? 22 DC C "O5'" 1 
ATOM 556 C "C5'" . DC C 3 14 ? -7.74455  22.85884  -9.68291  1.000 627.61489 ? 22 DC C "C5'" 1 
ATOM 557 C "C4'" . DC C 3 14 ? -6.35578  23.00063  -9.08239  1.000 624.28267 ? 22 DC C "C4'" 1 
ATOM 558 O "O4'" . DC C 3 14 ? -5.55665  21.83072  -9.41071  1.000 620.81422 ? 22 DC C "O4'" 1 
ATOM 559 C "C3'" . DC C 3 14 ? -5.54749  24.17900  -9.60466  1.000 625.77843 ? 22 DC C "C3'" 1 
ATOM 560 O "O3'" . DC C 3 14 ? -4.60090  24.55913  -8.62587  1.000 623.85089 ? 22 DC C "O3'" 1 
ATOM 561 C "C2'" . DC C 3 14 ? -4.85675  23.55980  -10.81082 1.000 624.34581 ? 22 DC C "C2'" 1 
ATOM 562 C "C1'" . DC C 3 14 ? -4.45335  22.23249  -10.20172 1.000 620.04128 ? 22 DC C "C1'" 1 
ATOM 563 N N1    . DC C 3 14 ? -4.14273  21.15096  -11.17979 1.000 617.85768 ? 22 DC C N1    1 
ATOM 564 C C2    . DC C 3 14 ? -2.82823  20.70226  -11.29057 1.000 620.51086 ? 22 DC C C2    1 
ATOM 565 O O2    . DC C 3 14 ? -1.95333  21.23892  -10.59707 1.000 632.20755 ? 22 DC C O2    1 
ATOM 566 N N3    . DC C 3 14 ? -2.53929  19.70998  -12.16554 1.000 616.20972 ? 22 DC C N3    1 
ATOM 567 C C4    . DC C 3 14 ? -3.51502  19.15744  -12.89084 1.000 600.34829 ? 22 DC C C4    1 
ATOM 568 N N4    . DC C 3 14 ? -3.18059  18.17947  -13.73939 1.000 591.10291 ? 22 DC C N4    1 
ATOM 569 C C5    . DC C 3 14 ? -4.86981  19.59542  -12.78681 1.000 605.77640 ? 22 DC C C5    1 
ATOM 570 C C6    . DC C 3 14 ? -5.13775  20.58249  -11.92146 1.000 615.56781 ? 22 DC C C6    1 
ATOM 571 P P     . DA C 3 15 ? -4.00224  26.04584  -8.61753  1.000 626.36971 ? 23 DA C P     1 
ATOM 572 O OP1   . DA C 3 15 ? -3.33753  26.24506  -7.31030  1.000 624.69964 ? 23 DA C OP1   1 
ATOM 573 O OP2   . DA C 3 15 ? -5.08479  26.94696  -9.06861  1.000 630.82489 ? 23 DA C OP2   1 
ATOM 574 O "O5'" . DA C 3 15 ? -2.89048  26.03298  -9.76540  1.000 625.60874 ? 23 DA C "O5'" 1 
ATOM 575 C "C5'" . DA C 3 15 ? -2.19988  27.23138  -10.08183 1.000 627.98861 ? 23 DA C "C5'" 1 
ATOM 576 C "C4'" . DA C 3 15 ? -0.75132  26.94878  -10.41660 1.000 625.11330 ? 23 DA C "C4'" 1 
ATOM 577 O "O4'" . DA C 3 15 ? -0.64847  25.64179  -11.02412 1.000 621.56264 ? 23 DA C "O4'" 1 
ATOM 578 C "C3'" . DA C 3 15 ? -0.13544  27.90675  -11.42120 1.000 627.59819 ? 23 DA C "C3'" 1 
ATOM 579 O "O3'" . DA C 3 15 ? 1.27850   27.94577  -11.25518 1.000 625.42192 ? 23 DA C "O3'" 1 
ATOM 580 C "C2'" . DA C 3 15 ? -0.52744  27.27246  -12.74875 1.000 627.15478 ? 23 DA C "C2'" 1 
ATOM 581 C "C1'" . DA C 3 15 ? -0.46554  25.77768  -12.42079 1.000 622.32896 ? 23 DA C "C1'" 1 
ATOM 582 N N9    . DA C 3 15 ? -1.49203  24.99419  -13.10050 1.000 622.58156 ? 23 DA C N9    1 
ATOM 583 C C8    . DA C 3 15 ? -2.83904  25.23650  -13.12945 1.000 626.28715 ? 23 DA C C8    1 
ATOM 584 N N7    . DA C 3 15 ? -3.51931  24.35634  -13.82950 1.000 626.13740 ? 23 DA C N7    1 
ATOM 585 C C5    . DA C 3 15 ? -2.54920  23.48102  -14.29065 1.000 621.66566 ? 23 DA C C5    1 
ATOM 586 C C6    . DA C 3 15 ? -2.61332  22.32435  -15.09188 1.000 619.17888 ? 23 DA C C6    1 
ATOM 587 N N6    . DA C 3 15 ? -3.75287  21.83385  -15.59019 1.000 621.49661 ? 23 DA C N6    1 
ATOM 588 N N1    . DA C 3 15 ? -1.45560  21.68832  -15.36080 1.000 614.30131 ? 23 DA C N1    1 
ATOM 589 C C2    . DA C 3 15 ? -0.31690  22.18313  -14.86421 1.000 612.54812 ? 23 DA C C2    1 
ATOM 590 N N3    . DA C 3 15 ? -0.13222  23.25438  -14.10170 1.000 614.98778 ? 23 DA C N3    1 
ATOM 591 C C4    . DA C 3 15 ? -1.29614  23.86437  -13.84963 1.000 619.36925 ? 23 DA C C4    1 
ATOM 592 O "O5'" . DG D 4 1  ? -6.67985  15.99268  -24.24864 1.000 433.66503 ? 1  DG D "O5'" 1 
ATOM 593 C "C5'" . DG D 4 1  ? -6.89037  17.38904  -24.45447 1.000 440.33394 ? 1  DG D "C5'" 1 
ATOM 594 C "C4'" . DG D 4 1  ? -5.98442  17.92091  -25.55827 1.000 448.82285 ? 1  DG D "C4'" 1 
ATOM 595 O "O4'" . DG D 4 1  ? -6.43163  19.24512  -25.96965 1.000 455.79596 ? 1  DG D "O4'" 1 
ATOM 596 C "C3'" . DG D 4 1  ? -4.52163  18.10587  -25.16978 1.000 453.63455 ? 1  DG D "C3'" 1 
ATOM 597 O "O3'" . DG D 4 1  ? -3.78491  16.88931  -25.36650 1.000 450.43892 ? 1  DG D "O3'" 1 
ATOM 598 C "C2'" . DG D 4 1  ? -4.08111  19.18055  -26.14995 1.000 463.55695 ? 1  DG D "C2'" 1 
ATOM 599 C "C1'" . DG D 4 1  ? -5.30504  20.08578  -26.17650 1.000 464.96319 ? 1  DG D "C1'" 1 
ATOM 600 N N9    . DG D 4 1  ? -5.31129  21.15452  -25.16376 1.000 468.82781 ? 1  DG D N9    1 
ATOM 601 C C8    . DG D 4 1  ? -6.41927  21.66909  -24.53747 1.000 467.27612 ? 1  DG D C8    1 
ATOM 602 N N7    . DG D 4 1  ? -6.15167  22.62752  -23.69785 1.000 472.71545 ? 1  DG D N7    1 
ATOM 603 C C5    . DG D 4 1  ? -4.77187  22.76911  -23.76380 1.000 477.80990 ? 1  DG D C5    1 
ATOM 604 C C6    . DG D 4 1  ? -3.91601  23.66456  -23.07286 1.000 485.01867 ? 1  DG D C6    1 
ATOM 605 O O6    . DG D 4 1  ? -4.22248  24.53009  -22.24082 1.000 488.92024 ? 1  DG D O6    1 
ATOM 606 N N1    . DG D 4 1  ? -2.58221  23.48444  -23.42394 1.000 488.12273 ? 1  DG D N1    1 
ATOM 607 C C2    . DG D 4 1  ? -2.12850  22.56132  -24.33093 1.000 485.21997 ? 1  DG D C2    1 
ATOM 608 N N2    . DG D 4 1  ? -0.80094  22.54378  -24.53827 1.000 489.34563 ? 1  DG D N2    1 
ATOM 609 N N3    . DG D 4 1  ? -2.91900  21.71907  -24.99745 1.000 479.16573 ? 1  DG D N3    1 
ATOM 610 C C4    . DG D 4 1  ? -4.22975  21.87550  -24.66313 1.000 475.47363 ? 1  DG D C4    1 
ATOM 611 P P     . DA D 4 2  ? -2.49822  16.55361  -24.45857 1.000 456.63668 ? 2  DA D P     1 
ATOM 612 O OP1   . DA D 4 2  ? -1.47137  15.96799  -25.34954 1.000 457.26479 ? 2  DA D OP1   1 
ATOM 613 O OP2   . DA D 4 2  ? -2.97930  15.77210  -23.29662 1.000 452.75742 ? 2  DA D OP2   1 
ATOM 614 O "O5'" . DA D 4 2  ? -1.99499  17.98629  -23.93699 1.000 466.96411 ? 2  DA D "O5'" 1 
ATOM 615 C "C5'" . DA D 4 2  ? -0.95679  18.69012  -24.63124 1.000 473.14948 ? 2  DA D "C5'" 1 
ATOM 616 C "C4'" . DA D 4 2  ? 0.27488   18.83349  -23.75249 1.000 479.58427 ? 2  DA D "C4'" 1 
ATOM 617 O "O4'" . DA D 4 2  ? 0.22297   20.08438  -23.02632 1.000 485.88294 ? 2  DA D "O4'" 1 
ATOM 618 C "C3'" . DA D 4 2  ? 0.44296   17.72662  -22.72287 1.000 477.11170 ? 2  DA D "C3'" 1 
ATOM 619 O "O3'" . DA D 4 2  ? 1.74417   17.16441  -22.80288 1.000 479.91508 ? 2  DA D "O3'" 1 
ATOM 620 C "C2'" . DA D 4 2  ? 0.19035   18.38243  -21.35864 1.000 484.51939 ? 2  DA D "C2'" 1 
ATOM 621 C "C1'" . DA D 4 2  ? -0.00351  19.86616  -21.64764 1.000 486.51333 ? 2  DA D "C1'" 1 
ATOM 622 N N9    . DA D 4 2  ? -1.34209  20.34633  -21.31896 1.000 486.67213 ? 2  DA D N9    1 
ATOM 623 C C8    . DA D 4 2  ? -2.52033  19.68072  -21.50115 1.000 477.40411 ? 2  DA D C8    1 
ATOM 624 N N7    . DA D 4 2  ? -3.57716  20.35932  -21.12569 1.000 479.21802 ? 2  DA D N7    1 
ATOM 625 C C5    . DA D 4 2  ? -3.05756  21.55601  -20.66904 1.000 491.57137 ? 2  DA D C5    1 
ATOM 626 C C6    . DA D 4 2  ? -3.66357  22.70154  -20.12192 1.000 500.27908 ? 2  DA D C6    1 
ATOM 627 N N6    . DA D 4 2  ? -4.98529  22.83424  -19.96329 1.000 497.37507 ? 2  DA D N6    1 
ATOM 628 N N1    . DA D 4 2  ? -2.85830  23.72023  -19.77031 1.000 511.94095 ? 2  DA D N1    1 
ATOM 629 C C2    . DA D 4 2  ? -1.54007  23.57734  -19.92363 1.000 516.34276 ? 2  DA D C2    1 
ATOM 630 N N3    . DA D 4 2  ? -0.85483  22.55815  -20.43120 1.000 509.05230 ? 2  DA D N3    1 
ATOM 631 C C4    . DA D 4 2  ? -1.68129  21.56688  -20.78381 1.000 495.61290 ? 2  DA D C4    1 
ATOM 632 P P     . DT D 4 3  ? 2.15577   15.96046  -21.82154 1.000 493.38520 ? 3  DT D P     1 
ATOM 633 O OP1   . DT D 4 3  ? 3.25466   15.21359  -22.47090 1.000 497.24694 ? 3  DT D OP1   1 
ATOM 634 O OP2   . DT D 4 3  ? 0.92234   15.24005  -21.43281 1.000 479.80298 ? 3  DT D OP2   1 
ATOM 635 O "O5'" . DT D 4 3  ? 2.70680   16.70914  -20.52000 1.000 504.73314 ? 3  DT D "O5'" 1 
ATOM 636 C "C5'" . DT D 4 3  ? 3.64401   17.77042  -20.65707 1.000 519.13458 ? 3  DT D "C5'" 1 
ATOM 637 C "C4'" . DT D 4 3  ? 3.68126   18.62871  -19.40536 1.000 528.72620 ? 3  DT D "C4'" 1 
ATOM 638 O "O4'" . DT D 4 3  ? 2.47355   19.43841  -19.31863 1.000 526.92378 ? 3  DT D "O4'" 1 
ATOM 639 C "C3'" . DT D 4 3  ? 3.76506   17.85212  -18.08476 1.000 527.26150 ? 3  DT D "C3'" 1 
ATOM 640 O "O3'" . DT D 4 3  ? 4.67805   18.49874  -17.20843 1.000 542.49878 ? 3  DT D "O3'" 1 
ATOM 641 C "C2'" . DT D 4 3  ? 2.33845   17.94840  -17.55496 1.000 523.12535 ? 3  DT D "C2'" 1 
ATOM 642 C "C1'" . DT D 4 3  ? 1.98241   19.35152  -18.00379 1.000 531.00380 ? 3  DT D "C1'" 1 
ATOM 643 N N1    . DT D 4 3  ? 0.51490   19.65348  -17.99099 1.000 522.85059 ? 3  DT D N1    1 
ATOM 644 C C2    . DT D 4 3  ? 0.10799   20.96273  -17.90193 1.000 538.09885 ? 3  DT D C2    1 
ATOM 645 O O2    . DT D 4 3  ? 0.88305   21.89973  -17.84476 1.000 558.20270 ? 3  DT D O2    1 
ATOM 646 N N3    . DT D 4 3  ? -1.24823  21.14146  -17.87900 1.000 527.50331 ? 3  DT D N3    1 
ATOM 647 C C4    . DT D 4 3  ? -2.22216  20.16210  -17.93919 1.000 502.02631 ? 3  DT D C4    1 
ATOM 648 O O4    . DT D 4 3  ? -3.42044  20.42671  -17.91887 1.000 499.07307 ? 3  DT D O4    1 
ATOM 649 C C5    . DT D 4 3  ? -1.73059  18.80782  -18.02794 1.000 492.51837 ? 3  DT D C5    1 
ATOM 650 C C7    . DT D 4 3  ? -2.69335  17.66019  -18.09594 1.000 480.98434 ? 3  DT D C7    1 
ATOM 651 C C6    . DT D 4 3  ? -0.40064  18.61908  -18.04084 1.000 500.22963 ? 3  DT D C6    1 
ATOM 652 P P     . DG D 4 4  ? 5.96084   17.72089  -16.62974 1.000 539.15242 ? 4  DG D P     1 
ATOM 653 O OP1   . DG D 4 4  ? 7.04412   17.83136  -17.63078 1.000 542.52369 ? 4  DG D OP1   1 
ATOM 654 O OP2   . DG D 4 4  ? 5.53206   16.38169  -16.16523 1.000 529.82008 ? 4  DG D OP2   1 
ATOM 655 O "O5'" . DG D 4 4  ? 6.37183   18.59482  -15.35465 1.000 552.21250 ? 4  DG D "O5'" 1 
ATOM 656 C "C5'" . DG D 4 4  ? 7.39820   18.15461  -14.47202 1.000 553.63388 ? 4  DG D "C5'" 1 
ATOM 657 C "C4'" . DG D 4 4  ? 7.23255   18.80816  -13.11411 1.000 560.67576 ? 4  DG D "C4'" 1 
ATOM 658 O "O4'" . DG D 4 4  ? 5.91054   19.39263  -13.03842 1.000 557.46938 ? 4  DG D "O4'" 1 
ATOM 659 C "C3'" . DG D 4 4  ? 7.30052   17.85477  -11.93482 1.000 559.11392 ? 4  DG D "C3'" 1 
ATOM 660 O "O3'" . DG D 4 4  ? 7.63296   18.56888  -10.74838 1.000 572.02511 ? 4  DG D "O3'" 1 
ATOM 661 C "C2'" . DG D 4 4  ? 5.87408   17.32637  -11.88493 1.000 547.89535 ? 4  DG D "C2'" 1 
ATOM 662 C "C1'" . DG D 4 4  ? 5.06897   18.57188  -12.24710 1.000 550.91038 ? 4  DG D "C1'" 1 
ATOM 663 N N9    . DG D 4 4  ? 3.85790   18.27586  -13.00139 1.000 538.30144 ? 4  DG D N9    1 
ATOM 664 C C8    . DG D 4 4  ? 3.69190   17.29982  -13.95498 1.000 527.12137 ? 4  DG D C8    1 
ATOM 665 N N7    . DG D 4 4  ? 2.48936   17.25943  -14.45596 1.000 517.17630 ? 4  DG D N7    1 
ATOM 666 C C5    . DG D 4 4  ? 1.81405   18.27682  -13.79279 1.000 522.08249 ? 4  DG D C5    1 
ATOM 667 C C6    . DG D 4 4  ? 0.47514   18.71076  -13.92296 1.000 517.62086 ? 4  DG D C6    1 
ATOM 668 O O6    . DG D 4 4  ? -0.41561  18.27246  -14.66087 1.000 503.14952 ? 4  DG D O6    1 
ATOM 669 N N1    . DG D 4 4  ? 0.19732   19.76284  -13.05357 1.000 534.17093 ? 4  DG D N1    1 
ATOM 670 C C2    . DG D 4 4  ? 1.10402   20.33469  -12.19977 1.000 553.08264 ? 4  DG D C2    1 
ATOM 671 N N2    . DG D 4 4  ? 0.64047   21.33812  -11.44546 1.000 565.12377 ? 4  DG D N2    1 
ATOM 672 N N3    . DG D 4 4  ? 2.35769   19.93444  -12.06479 1.000 556.84889 ? 4  DG D N3    1 
ATOM 673 C C4    . DG D 4 4  ? 2.64217   18.90376  -12.89670 1.000 540.21041 ? 4  DG D C4    1 
ATOM 674 P P     . DC D 4 5  ? 7.69438   17.81082  -9.33093  1.000 587.95016 ? 5  DC D P     1 
ATOM 675 O OP1   . DC D 4 5  ? 8.75724   18.45728  -8.52983  1.000 601.77244 ? 5  DC D OP1   1 
ATOM 676 O OP2   . DC D 4 5  ? 7.75893   16.35337  -9.58066  1.000 577.39880 ? 5  DC D OP2   1 
ATOM 677 O "O5'" . DC D 4 5  ? 6.27686   18.13380  -8.66116  1.000 594.14964 ? 5  DC D "O5'" 1 
ATOM 678 C "C5'" . DC D 4 5  ? 5.93277   19.47879  -8.34019  1.000 608.10904 ? 5  DC D "C5'" 1 
ATOM 679 C "C4'" . DC D 4 5  ? 4.54174   19.55390  -7.73644  1.000 612.10400 ? 5  DC D "C4'" 1 
ATOM 680 O "O4'" . DC D 4 5  ? 3.55548   19.36907  -8.76797  1.000 598.42060 ? 5  DC D "O4'" 1 
ATOM 681 C "C3'" . DC D 4 5  ? 4.23987   18.48978  -6.67531  1.000 612.93089 ? 5  DC D "C3'" 1 
ATOM 682 O "O3'" . DC D 4 5  ? 4.15785   19.08834  -5.39777  1.000 623.88481 ? 5  DC D "O3'" 1 
ATOM 683 C "C2'" . DC D 4 5  ? 2.88983   17.88849  -7.09421  1.000 599.86725 ? 5  DC D "C2'" 1 
ATOM 684 C "C1'" . DC D 4 5  ? 2.40146   18.84366  -8.17317  1.000 594.75554 ? 5  DC D "C1'" 1 
ATOM 685 N N1    . DC D 4 5  ? 1.60000   18.17018  -9.21272  1.000 577.07255 ? 5  DC D N1    1 
ATOM 686 C C2    . DC D 4 5  ? 0.30991   18.62092  -9.48702  1.000 569.81600 ? 5  DC D C2    1 
ATOM 687 O O2    . DC D 4 5  ? -0.16491  19.55341  -8.83515  1.000 577.14275 ? 5  DC D O2    1 
ATOM 688 N N3    . DC D 4 5  ? -0.42604  17.97630  -10.41261 1.000 551.35098 ? 5  DC D N3    1 
ATOM 689 C C4    . DC D 4 5  ? 0.10128   16.95567  -11.08934 1.000 540.38412 ? 5  DC D C4    1 
ATOM 690 N N4    . DC D 4 5  ? -0.66259  16.36647  -12.00565 1.000 524.43871 ? 5  DC D N4    1 
ATOM 691 C C5    . DC D 4 5  ? 1.41990   16.48056  -10.83308 1.000 546.36178 ? 5  DC D C5    1 
ATOM 692 C C6    . DC D 4 5  ? 2.12759   17.11258  -9.89368  1.000 564.58039 ? 5  DC D C6    1 
ATOM 693 P P     . DA D 4 6  ? 5.39682   18.98723  -4.38265  1.000 640.90279 ? 6  DA D P     1 
ATOM 694 O OP1   . DA D 4 6  ? 6.33579   20.07869  -4.72584  1.000 648.12185 ? 6  DA D OP1   1 
ATOM 695 O OP2   . DA D 4 6  ? 5.86690   17.58398  -4.38286  1.000 636.32607 ? 6  DA D OP2   1 
ATOM 696 O "O5'" . DA D 4 6  ? 4.74415   19.28748  -2.95371  1.000 644.02094 ? 6  DA D "O5'" 1 
ATOM 697 C "C5'" . DA D 4 6  ? 3.75079   18.41232  -2.42221  1.000 635.97095 ? 6  DA D "C5'" 1 
ATOM 698 C "C4'" . DA D 4 6  ? 2.39857   19.10208  -2.36218  1.000 626.30944 ? 6  DA D "C4'" 1 
ATOM 699 O "O4'" . DA D 4 6  ? 1.64684   18.79688  -3.56452  1.000 617.36992 ? 6  DA D "O4'" 1 
ATOM 700 C "C3'" . DA D 4 6  ? 1.51122   18.67482  -1.20133  1.000 619.23319 ? 6  DA D "C3'" 1 
ATOM 701 O "O3'" . DA D 4 6  ? 0.68788   19.75972  -0.78583  1.000 617.49003 ? 6  DA D "O3'" 1 
ATOM 702 C "C2'" . DA D 4 6  ? 0.68924   17.54009  -1.80212  1.000 609.84127 ? 6  DA D "C2'" 1 
ATOM 703 C "C1'" . DA D 4 6  ? 0.52930   17.98211  -3.25471  1.000 605.56864 ? 6  DA D "C1'" 1 
ATOM 704 N N9    . DA D 4 6  ? 0.50990   16.86446  -4.19193  1.000 598.64113 ? 6  DA D N9    1 
ATOM 705 C C8    . DA D 4 6  ? 1.48799   15.92711  -4.35997  1.000 605.10302 ? 6  DA D C8    1 
ATOM 706 N N7    . DA D 4 6  ? 1.21159   15.02906  -5.27293  1.000 595.35050 ? 6  DA D N7    1 
ATOM 707 C C5    . DA D 4 6  ? -0.03795  15.40251  -5.74045  1.000 583.31293 ? 6  DA D C5    1 
ATOM 708 C C6    . DA D 4 6  ? -0.88461  14.85033  -6.72062  1.000 567.24012 ? 6  DA D C6    1 
ATOM 709 N N6    . DA D 4 6  ? -0.57226  13.76235  -7.42512  1.000 559.27725 ? 6  DA D N6    1 
ATOM 710 N N1    . DA D 4 6  ? -2.06669  15.46111  -6.94747  1.000 554.82928 ? 6  DA D N1    1 
ATOM 711 C C2    . DA D 4 6  ? -2.37330  16.55505  -6.23423  1.000 556.90096 ? 6  DA D C2    1 
ATOM 712 N N3    . DA D 4 6  ? -1.65652  17.16748  -5.28571  1.000 570.72825 ? 6  DA D N3    1 
ATOM 713 C C4    . DA D 4 6  ? -0.48787  16.53373  -5.08634  1.000 584.34084 ? 6  DA D C4    1 
ATOM 714 P P     . DC D 4 7  ? -0.16967  19.65354  0.57001   1.000 636.37594 ? 7  DC D P     1 
ATOM 715 O OP1   . DC D 4 7  ? -0.21571  20.99783  1.18622   1.000 650.00920 ? 7  DC D OP1   1 
ATOM 716 O OP2   . DC D 4 7  ? 0.34465   18.50413  1.34738   1.000 640.70307 ? 7  DC D OP2   1 
ATOM 717 O "O5'" . DC D 4 7  ? -1.63579  19.27203  0.06334   1.000 610.71411 ? 7  DC D "O5'" 1 
ATOM 718 C "C5'" . DC D 4 7  ? -2.15803  17.97548  0.31224   1.000 604.32073 ? 7  DC D "C5'" 1 
ATOM 719 C "C4'" . DC D 4 7  ? -3.11864  17.56839  -0.78647  1.000 586.59649 ? 7  DC D "C4'" 1 
ATOM 720 O "O4'" . DC D 4 7  ? -2.38964  16.94366  -1.85444  1.000 593.41941 ? 7  DC D "O4'" 1 
ATOM 721 C "C3'" . DC D 4 7  ? -4.14350  16.52740  -0.38557  1.000 565.69282 ? 7  DC D "C3'" 1 
ATOM 722 O "O3'" . DC D 4 7  ? -5.27462  17.16114  0.19882   1.000 556.07220 ? 7  DC D "O3'" 1 
ATOM 723 C "C2'" . DC D 4 7  ? -4.49999  15.86305  -1.72129  1.000 558.03618 ? 7  DC D "C2'" 1 
ATOM 724 C "C1'" . DC D 4 7  ? -3.29242  16.17620  -2.61642  1.000 576.35853 ? 7  DC D "C1'" 1 
ATOM 725 N N1    . DC D 4 7  ? -2.59324  14.96008  -3.13403  1.000 582.61396 ? 7  DC D N1    1 
ATOM 726 C C2    . DC D 4 7  ? -3.19916  14.20779  -4.13984  1.000 571.93933 ? 7  DC D C2    1 
ATOM 727 O O2    . DC D 4 7  ? -4.29929  14.56789  -4.57835  1.000 554.08479 ? 7  DC D O2    1 
ATOM 728 N N3    . DC D 4 7  ? -2.56517  13.10958  -4.61160  1.000 579.37662 ? 7  DC D N3    1 
ATOM 729 C C4    . DC D 4 7  ? -1.37689  12.75575  -4.11243  1.000 595.71130 ? 7  DC D C4    1 
ATOM 730 N N4    . DC D 4 7  ? -0.79359  11.66311  -4.61735  1.000 597.95419 ? 7  DC D N4    1 
ATOM 731 C C5    . DC D 4 7  ? -0.73827  13.51006  -3.08283  1.000 606.26905 ? 7  DC D C5    1 
ATOM 732 C C6    . DC D 4 7  ? -1.37603  14.59656  -2.62801  1.000 599.67675 ? 7  DC D C6    1 
ATOM 733 P P     . DT D 4 8  ? -6.38173  16.28249  0.96058   1.000 588.65995 ? 8  DT D P     1 
ATOM 734 O OP1   . DT D 4 8  ? -7.31019  17.19994  1.65655   1.000 593.65572 ? 8  DT D OP1   1 
ATOM 735 O OP2   . DT D 4 8  ? -5.67056  15.22600  1.71302   1.000 594.40291 ? 8  DT D OP2   1 
ATOM 736 O "O5'" . DT D 4 8  ? -7.17721  15.56766  -0.22335  1.000 562.97251 ? 8  DT D "O5'" 1 
ATOM 737 C "C5'" . DT D 4 8  ? -7.63416  14.24276  -0.05691  1.000 545.44800 ? 8  DT D "C5'" 1 
ATOM 738 C "C4'" . DT D 4 8  ? -8.62955  13.86793  -1.13962  1.000 523.50187 ? 8  DT D "C4'" 1 
ATOM 739 O "O4'" . DT D 4 8  ? -7.93998  13.68227  -2.39596  1.000 531.51890 ? 8  DT D "O4'" 1 
ATOM 740 C "C3'" . DT D 4 8  ? -9.41324  12.59422  -0.85449  1.000 505.80372 ? 8  DT D "C3'" 1 
ATOM 741 O "O3'" . DT D 4 8  ? -10.81787 12.87709  -0.84083  1.000 488.73990 ? 8  DT D "O3'" 1 
ATOM 742 C "C2'" . DT D 4 8  ? -9.03323  11.60433  -1.96452  1.000 505.56093 ? 8  DT D "C2'" 1 
ATOM 743 C "C1'" . DT D 4 8  ? -8.03976  12.34942  -2.84791  1.000 526.29694 ? 8  DT D "C1'" 1 
ATOM 744 N N1    . DT D 4 8  ? -6.66713  11.77042  -2.87183  1.000 553.06863 ? 8  DT D N1    1 
ATOM 745 C C2    . DT D 4 8  ? -6.35632  10.77602  -3.77297  1.000 557.72527 ? 8  DT D C2    1 
ATOM 746 O O2    . DT D 4 8  ? -7.16521  10.30058  -4.55194  1.000 540.82773 ? 8  DT D O2    1 
ATOM 747 N N3    . DT D 4 8  ? -5.05022  10.35107  -3.71277  1.000 581.38454 ? 8  DT D N3    1 
ATOM 748 C C4    . DT D 4 8  ? -4.05776  10.82113  -2.87284  1.000 598.33086 ? 8  DT D C4    1 
ATOM 749 O O4    . DT D 4 8  ? -2.91712  10.38326  -2.88669  1.000 615.57872 ? 8  DT D O4    1 
ATOM 750 C C5    . DT D 4 8  ? -4.45733  11.86447  -1.97070  1.000 592.64337 ? 8  DT D C5    1 
ATOM 751 C C7    . DT D 4 8  ? -3.47037  12.44951  -1.00878  1.000 609.02308 ? 8  DT D C7    1 
ATOM 752 C C6    . DT D 4 8  ? -5.71873  12.28539  -2.01958  1.000 571.44256 ? 8  DT D C6    1 
ATOM 753 P P     . DG D 4 9  ? -11.80266 12.01141  0.09078   1.000 507.67269 ? 9  DG D P     1 
ATOM 754 O OP1   . DG D 4 9  ? -13.02359 12.79348  0.38781   1.000 501.37541 ? 9  DG D OP1   1 
ATOM 755 O OP2   . DG D 4 9  ? -10.98925 11.49626  1.21361   1.000 518.38829 ? 9  DG D OP2   1 
ATOM 756 O "O5'" . DG D 4 9  ? -12.17169 10.75719  -0.82321  1.000 486.00607 ? 9  DG D "O5'" 1 
ATOM 757 C "C5'" . DG D 4 9  ? -11.57901 9.49685   -0.54225  1.000 488.24353 ? 9  DG D "C5'" 1 
ATOM 758 C "C4'" . DG D 4 9  ? -11.50797 8.63831   -1.78641  1.000 475.57488 ? 9  DG D "C4'" 1 
ATOM 759 O "O4'" . DG D 4 9  ? -10.20337 8.79783   -2.40508  1.000 504.56102 ? 9  DG D "O4'" 1 
ATOM 760 C "C3'" . DG D 4 9  ? -11.63969 7.14989   -1.52488  1.000 467.01747 ? 9  DG D "C3'" 1 
ATOM 761 O "O3'" . DG D 4 9  ? -12.12960 6.49531   -2.68004  1.000 453.83045 ? 9  DG D "O3'" 1 
ATOM 762 C "C2'" . DG D 4 9  ? -10.20026 6.76123   -1.24045  1.000 499.09025 ? 9  DG D "C2'" 1 
ATOM 763 C "C1'" . DG D 4 9  ? -9.46772  7.59555   -2.28194  1.000 518.98007 ? 9  DG D "C1'" 1 
ATOM 764 N N9    . DG D 4 9  ? -8.10659  7.92634   -1.88384  1.000 544.83078 ? 9  DG D N9    1 
ATOM 765 C C8    . DG D 4 9  ? -7.73027  8.81717   -0.91574  1.000 547.55686 ? 9  DG D C8    1 
ATOM 766 N N7    . DG D 4 9  ? -6.44226  8.90754   -0.76634  1.000 570.09956 ? 9  DG D N7    1 
ATOM 767 C C5    . DG D 4 9  ? -5.93142  8.00802   -1.68366  1.000 583.30566 ? 9  DG D C5    1 
ATOM 768 C C6    . DG D 4 9  ? -4.59484  7.67224   -1.97156  1.000 605.66361 ? 9  DG D C6    1 
ATOM 769 O O6    . DG D 4 9  ? -3.57168  8.12742   -1.44878  1.000 617.39549 ? 9  DG D O6    1 
ATOM 770 N N1    . DG D 4 9  ? -4.50387  6.71344   -2.97268  1.000 611.98190 ? 9  DG D N1    1 
ATOM 771 C C2    . DG D 4 9  ? -5.57695  6.14617   -3.61652  1.000 598.62955 ? 9  DG D C2    1 
ATOM 772 N N2    . DG D 4 9  ? -5.28411  5.23091   -4.55327  1.000 603.95168 ? 9  DG D N2    1 
ATOM 773 N N3    . DG D 4 9  ? -6.84256  6.45063   -3.35605  1.000 575.29618 ? 9  DG D N3    1 
ATOM 774 C C4    . DG D 4 9  ? -6.94211  7.38610   -2.38314  1.000 569.13557 ? 9  DG D C4    1 
ATOM 775 P P     . DC D 4 10 ? -12.38175 4.90825   -2.65139  1.000 457.90006 ? 10 DC D P     1 
ATOM 776 O OP1   . DC D 4 10 ? -13.24835 4.56783   -3.79877  1.000 440.62179 ? 10 DC D OP1   1 
ATOM 777 O OP2   . DC D 4 10 ? -12.78615 4.52562   -1.27919  1.000 459.91813 ? 10 DC D OP2   1 
ATOM 778 O "O5'" . DC D 4 10 ? -10.92904 4.28394   -2.87567  1.000 485.82577 ? 10 DC D "O5'" 1 
ATOM 779 C "C5'" . DC D 4 10 ? -10.43288 4.05359   -4.17679  1.000 497.79745 ? 10 DC D "C5'" 1 
ATOM 780 C "C4'" . DC D 4 10 ? -9.31920  3.03268   -4.11992  1.000 522.99179 ? 10 DC D "C4'" 1 
ATOM 781 O "O4'" . DC D 4 10 ? -8.11272  3.66016   -3.61539  1.000 552.75301 ? 10 DC D "O4'" 1 
ATOM 782 C "C3'" . DC D 4 10 ? -9.60083  1.83808   -3.19889  1.000 519.84170 ? 10 DC D "C3'" 1 
ATOM 783 O "O3'" . DC D 4 10 ? -9.38434  0.62141   -3.89942  1.000 521.55272 ? 10 DC D "O3'" 1 
ATOM 784 C "C2'" . DC D 4 10 ? -8.60356  2.01832   -2.05452  1.000 541.99837 ? 10 DC D "C2'" 1 
ATOM 785 C "C1'" . DC D 4 10 ? -7.47695  2.76584   -2.74043  1.000 565.70467 ? 10 DC D "C1'" 1 
ATOM 786 N N1    . DC D 4 10 ? -6.62125  3.53800   -1.79775  1.000 581.51231 ? 10 DC D N1    1 
ATOM 787 C C2    . DC D 4 10 ? -5.22863  3.40579   -1.85385  1.000 606.75055 ? 10 DC D C2    1 
ATOM 788 O O2    . DC D 4 10 ? -4.72468  2.64765   -2.68977  1.000 616.01096 ? 10 DC D O2    1 
ATOM 789 N N3    . DC D 4 10 ? -4.46602  4.11286   -0.98240  1.000 617.92098 ? 10 DC D N3    1 
ATOM 790 C C4    . DC D 4 10 ? -5.04435  4.91877   -0.09106  1.000 607.29178 ? 10 DC D C4    1 
ATOM 791 N N4    . DC D 4 10 ? -4.25374  5.59881   0.74758   1.000 618.35911 ? 10 DC D N4    1 
ATOM 792 C C5    . DC D 4 10 ? -6.46059  5.06515   -0.01947  1.000 582.75093 ? 10 DC D C5    1 
ATOM 793 C C6    . DC D 4 10 ? -7.20186  4.36307   -0.88227  1.000 569.03312 ? 10 DC D C6    1 
ATOM 794 P P     . DT D 4 11 ? -9.84856  -0.78138  -3.26812  1.000 480.09469 ? 11 DT D P     1 
ATOM 795 O OP1   . DT D 4 11 ? -10.84325 -1.37747  -4.18326  1.000 452.70471 ? 11 DT D OP1   1 
ATOM 796 O OP2   . DT D 4 11 ? -10.20950 -0.59323  -1.84240  1.000 472.74485 ? 11 DT D OP2   1 
ATOM 797 O "O5'" . DT D 4 11 ? -8.52023  -1.65849  -3.33374  1.000 508.20573 ? 11 DT D "O5'" 1 
ATOM 798 C "C5'" . DT D 4 11 ? -7.54117  -1.39809  -4.34279  1.000 523.44451 ? 11 DT D "C5'" 1 
ATOM 799 C "C4'" . DT D 4 11 ? -6.31792  -2.26696  -4.12454  1.000 541.02507 ? 11 DT D "C4'" 1 
ATOM 800 O "O4'" . DT D 4 11 ? -5.29715  -1.50519  -3.41855  1.000 566.41247 ? 11 DT D "O4'" 1 
ATOM 801 C "C3'" . DT D 4 11 ? -6.58255  -3.49868  -3.27246  1.000 543.94138 ? 11 DT D "C3'" 1 
ATOM 802 O "O3'" . DT D 4 11 ? -5.77639  -4.58344  -3.69531  1.000 546.17640 ? 11 DT D "O3'" 1 
ATOM 803 C "C2'" . DT D 4 11 ? -6.20497  -3.02485  -1.87790  1.000 552.31359 ? 11 DT D "C2'" 1 
ATOM 804 C "C1'" . DT D 4 11 ? -5.02742  -2.10518  -2.16656  1.000 571.20477 ? 11 DT D "C1'" 1 
ATOM 805 N N1    . DT D 4 11 ? -4.85501  -1.02840  -1.13585  1.000 568.73043 ? 11 DT D N1    1 
ATOM 806 C C2    . DT D 4 11 ? -3.58581  -0.62663  -0.76690  1.000 586.71294 ? 11 DT D C2    1 
ATOM 807 O O2    . DT D 4 11 ? -2.56715  -1.08513  -1.25596  1.000 603.40875 ? 11 DT D O2    1 
ATOM 808 N N3    . DT D 4 11 ? -3.55881  0.36420   0.18753   1.000 583.67061 ? 11 DT D N3    1 
ATOM 809 C C4    . DT D 4 11 ? -4.64303  0.95894   0.80663   1.000 565.26303 ? 11 DT D C4    1 
ATOM 810 O O4    . DT D 4 11 ? -4.52367  1.83650   1.65346   1.000 565.29071 ? 11 DT D O4    1 
ATOM 811 C C5    . DT D 4 11 ? -5.93281  0.48426   0.38258   1.000 545.36741 ? 11 DT D C5    1 
ATOM 812 C C7    . DT D 4 11 ? -7.17827  1.06059   0.98871   1.000 522.19788 ? 11 DT D C7    1 
ATOM 813 C C6    . DT D 4 11 ? -5.97731  -0.47551  -0.55291  1.000 547.89220 ? 11 DT D C6    1 
ATOM 814 P P     . DG D 4 12 ? -6.43799  -6.03426  -3.88793  1.000 471.93411 ? 12 DG D P     1 
ATOM 815 O OP1   . DG D 4 12 ? -6.55698  -6.28312  -5.34006  1.000 463.69236 ? 12 DG D OP1   1 
ATOM 816 O OP2   . DG D 4 12 ? -7.64194  -6.09227  -3.03090  1.000 453.36111 ? 12 DG D OP2   1 
ATOM 817 O "O5'" . DG D 4 12 ? -5.35402  -7.03760  -3.28231  1.000 483.20323 ? 12 DG D "O5'" 1 
ATOM 818 C "C5'" . DG D 4 12 ? -4.98031  -6.93980  -1.92340  1.000 502.94943 ? 12 DG D "C5'" 1 
ATOM 819 C "C4'" . DG D 4 12 ? -3.61019  -6.30971  -1.78977  1.000 522.12895 ? 12 DG D "C4'" 1 
ATOM 820 O "O4'" . DG D 4 12 ? -3.74669  -4.96558  -1.25978  1.000 530.78254 ? 12 DG D "O4'" 1 
ATOM 821 C "C3'" . DG D 4 12 ? -2.66652  -7.03693  -0.84104  1.000 535.33072 ? 12 DG D "C3'" 1 
ATOM 822 O "O3'" . DG D 4 12 ? -1.33263  -6.91235  -1.30198  1.000 542.44703 ? 12 DG D "O3'" 1 
ATOM 823 C "C2'" . DG D 4 12 ? -2.87852  -6.29542  0.47183   1.000 545.37291 ? 12 DG D "C2'" 1 
ATOM 824 C "C1'" . DG D 4 12 ? -3.08735  -4.86808  -0.01549  1.000 544.85906 ? 12 DG D "C1'" 1 
ATOM 825 N N9    . DG D 4 12 ? -3.91104  -4.06889  0.88368   1.000 531.71302 ? 12 DG D N9    1 
ATOM 826 C C8    . DG D 4 12 ? -5.28213  -4.04041  0.95152   1.000 512.79444 ? 12 DG D C8    1 
ATOM 827 N N7    . DG D 4 12 ? -5.74329  -3.22204  1.85624   1.000 502.91308 ? 12 DG D N7    1 
ATOM 828 C C5    . DG D 4 12 ? -4.60094  -2.68053  2.42944   1.000 517.31432 ? 12 DG D C5    1 
ATOM 829 C C6    . DG D 4 12 ? -4.46781  -1.73536  3.47085   1.000 516.52716 ? 12 DG D C6    1 
ATOM 830 O O6    . DG D 4 12 ? -5.36077  -1.16997  4.11579   1.000 502.35689 ? 12 DG D O6    1 
ATOM 831 N N1    . DG D 4 12 ? -3.12841  -1.46150  3.74427   1.000 534.24960 ? 12 DG D N1    1 
ATOM 832 C C2    . DG D 4 12 ? -2.06500  -2.03110  3.08949   1.000 549.25303 ? 12 DG D C2    1 
ATOM 833 N N2    . DG D 4 12 ? -0.84690  -1.65221  3.48921   1.000 563.64013 ? 12 DG D N2    1 
ATOM 834 N N3    . DG D 4 12 ? -2.17988  -2.91620  2.11489   1.000 549.88068 ? 12 DG D N3    1 
ATOM 835 C C4    . DG D 4 12 ? -3.47113  -3.19110  1.83826   1.000 534.29376 ? 12 DG D C4    1 
ATOM 836 P P     . DT D 4 13 ? -0.18760  -7.88934  -0.74404  1.000 520.80171 ? 13 DT D P     1 
ATOM 837 O OP1   . DT D 4 13 ? 0.32035   -8.66818  -1.89558  1.000 507.04500 ? 13 DT D OP1   1 
ATOM 838 O OP2   . DT D 4 13 ? -0.72644  -8.60700  0.43279   1.000 530.13465 ? 13 DT D OP2   1 
ATOM 839 O "O5'" . DT D 4 13 ? 0.95184   -6.88335  -0.23913  1.000 535.00177 ? 13 DT D "O5'" 1 
ATOM 840 C "C5'" . DT D 4 13 ? 0.59183   -5.65136  0.39173   1.000 541.96759 ? 13 DT D "C5'" 1 
ATOM 841 C "C4'" . DT D 4 13 ? 1.11021   -5.61025  1.81686   1.000 553.07554 ? 13 DT D "C4'" 1 
ATOM 842 O "O4'" . DT D 4 13 ? 0.21362   -4.82718  2.64733   1.000 542.78690 ? 13 DT D "O4'" 1 
ATOM 843 C "C3'" . DT D 4 13 ? 1.23187   -6.97919  2.48347   1.000 551.49993 ? 13 DT D "C3'" 1 
ATOM 844 O "O3'" . DT D 4 13 ? 2.53793   -7.14781  3.00493   1.000 559.64182 ? 13 DT D "O3'" 1 
ATOM 845 C "C2'" . DT D 4 13 ? 0.17490   -6.95565  3.59064   1.000 539.62697 ? 13 DT D "C2'" 1 
ATOM 846 C "C1'" . DT D 4 13 ? 0.04124   -5.47273  3.88628   1.000 537.68035 ? 13 DT D "C1'" 1 
ATOM 847 N N1    . DT D 4 13 ? -1.29825  -5.10939  4.41096   1.000 521.91759 ? 13 DT D N1    1 
ATOM 848 C C2    . DT D 4 13 ? -1.40761  -4.21056  5.44642   1.000 519.45482 ? 13 DT D C2    1 
ATOM 849 O O2    . DT D 4 13 ? -0.45102  -3.67887  5.97651   1.000 533.69026 ? 13 DT D O2    1 
ATOM 850 N N3    . DT D 4 13 ? -2.69121  -3.94939  5.84086   1.000 507.93131 ? 13 DT D N3    1 
ATOM 851 C C4    . DT D 4 13 ? -3.85280  -4.48586  5.31320   1.000 492.25598 ? 13 DT D C4    1 
ATOM 852 O O4    . DT D 4 13 ? -4.96575  -4.19269  5.73861   1.000 487.99093 ? 13 DT D O4    1 
ATOM 853 C C5    . DT D 4 13 ? -3.66198  -5.42453  4.23485   1.000 493.99906 ? 13 DT D C5    1 
ATOM 854 C C7    . DT D 4 13 ? -4.84273  -6.07781  3.58261   1.000 480.69456 ? 13 DT D C7    1 
ATOM 855 C C6    . DT D 4 13 ? -2.41015  -5.68545  3.84321   1.000 510.40556 ? 13 DT D C6    1 
# 
loop_
_atom_site_anisotrop.id 
_atom_site_anisotrop.type_symbol 
_atom_site_anisotrop.pdbx_label_atom_id 
_atom_site_anisotrop.pdbx_label_alt_id 
_atom_site_anisotrop.pdbx_label_comp_id 
_atom_site_anisotrop.pdbx_label_asym_id 
_atom_site_anisotrop.pdbx_label_seq_id 
_atom_site_anisotrop.pdbx_PDB_ins_code 
_atom_site_anisotrop.U[1][1] 
_atom_site_anisotrop.U[2][2] 
_atom_site_anisotrop.U[3][3] 
_atom_site_anisotrop.U[1][2] 
_atom_site_anisotrop.U[1][3] 
_atom_site_anisotrop.U[2][3] 
_atom_site_anisotrop.pdbx_auth_seq_id 
_atom_site_anisotrop.pdbx_auth_comp_id 
_atom_site_anisotrop.pdbx_auth_asym_id 
_atom_site_anisotrop.pdbx_auth_atom_id 
1   P P     . DC A 1  ? 7.94107  9.38697 4.66504  0.73779  -1.41471 0.52139  16 DC A P     
2   O OP1   . DC A 1  ? 7.99169  9.66853 5.14112  0.77493  -1.38067 0.79562  16 DC A OP1   
3   O OP2   . DC A 1  ? 7.97851  9.58525 4.76527  0.75711  -1.50035 0.35709  16 DC A OP2   
4   O "O5'" . DC A 1  ? 7.77750  9.03705 4.64076  0.53776  -1.50074 0.33639  16 DC A "O5'" 
5   C "C5'" . DC A 1  ? 7.72223  8.77008 4.47111  0.48798  -1.43749 0.43828  16 DC A "C5'" 
6   C "C4'" . DC A 1  ? 7.54792  8.48478 4.51227  0.28981  -1.52879 0.26592  16 DC A "C4'" 
7   O "O4'" . DC A 1  ? 7.45369  8.07753 3.90554  0.28140  -1.52321 0.08739  16 DC A "O4'" 
8   C "C3'" . DC A 1  ? 7.47734  8.68020 5.07004  0.16371  -1.67250 0.13590  16 DC A "C3'" 
9   O "O3'" . DC A 1  ? 7.33547  8.56925 5.33777  0.01034  -1.70274 0.16509  16 DC A "O3'" 
10  C "C2'" . DC A 1  ? 7.36913  8.38985 4.68560  0.14170  -1.73114 -0.11795 16 DC A "C2'" 
11  C "C1'" . DC A 1  ? 7.31587  7.97088 4.06250  0.15445  -1.63710 -0.11727 16 DC A "C1'" 
12  N N1    . DC A 1  ? 7.24439  7.66761 3.50911  0.21353  -1.63220 -0.30542 16 DC A N1    
13  C C2    . DC A 1  ? 7.09012  7.26695 3.24954  0.11319  -1.66075 -0.43292 16 DC A C2    
14  O O2    . DC A 1  ? 7.03552  7.19500 3.49124  -0.03099 -1.68849 -0.38793 16 DC A O2    
15  N N3    . DC A 1  ? 7.02535  7.00387 2.79487  0.17987  -1.63818 -0.58543 16 DC A N3    
16  C C4    . DC A 1  ? 7.02204  7.07266 2.68273  0.27786  -1.51911 -0.59292 16 DC A C4    
17  N N4    . DC A 1  ? 6.81205  6.73886 2.42449  0.26138  -1.38457 -0.68474 16 DC A N4    
18  C C5    . DC A 1  ? 7.22316  7.49019 2.85203  0.40368  -1.53251 -0.48511 16 DC A C5    
19  C C6    . DC A 1  ? 7.32943  7.79165 3.27635  0.37280  -1.59037 -0.33662 16 DC A C6    
20  P P     . DA A 2  ? 7.54638  9.07180 6.27295  -0.12617 -1.83329 0.10756  17 DA A P     
21  O OP1   . DA A 2  ? 7.64390  9.41683 6.80765  -0.11779 -1.79639 0.32809  17 DA A OP1   
22  O OP2   . DA A 2  ? 7.56736  9.20111 6.35185  -0.09646 -1.94273 -0.03925 17 DA A OP2   
23  O "O5'" . DA A 2  ? 7.36623  8.68682 6.13508  -0.29623 -1.86055 -0.02554 17 DA A "O5'" 
24  C "C5'" . DA A 2  ? 7.32119  8.31332 5.57975  -0.29367 -1.83641 -0.15691 17 DA A "C5'" 
25  C "C4'" . DA A 2  ? 7.14047  8.00623 5.57356  -0.45427 -1.88002 -0.26607 17 DA A "C4'" 
26  O "O4'" . DA A 2  ? 7.07660  7.65268 5.05594  -0.42318 -1.87827 -0.41174 17 DA A "O4'" 
27  C "C3'" . DA A 2  ? 7.01637  8.05945 5.94772  -0.54314 -1.99671 -0.36876 17 DA A "C3'" 
28  O "O3'" . DA A 2  ? 6.84924  7.77254 5.94698  -0.68971 -2.00073 -0.41165 17 DA A "O3'" 
29  C "C2'" . DA A 2  ? 7.00477  7.94567 5.64802  -0.44732 -2.06124 -0.54447 17 DA A "C2'" 
30  C "C1'" . DA A 2  ? 6.99673  7.60840 5.08115  -0.40369 -1.97588 -0.58569 17 DA A "C1'" 
31  N N9    . DA A 2  ? 7.05809  7.58162 4.69134  -0.24567 -1.95890 -0.66802 17 DA A N9    
32  C C8    . DA A 2  ? 7.18602  7.89239 4.75536  -0.12231 -1.95137 -0.61892 17 DA A C8    
33  N N7    . DA A 2  ? 7.21736  7.79341 4.33175  0.00995  -1.92058 -0.71774 17 DA A N7    
34  C C5    . DA A 2  ? 7.10433  7.38984 3.98321  -0.02469 -1.91287 -0.84049 17 DA A C5    
35  C C6    . DA A 2  ? 7.09610  7.13595 3.50359  0.07749  -1.87785 -0.97855 17 DA A C6    
36  N N6    . DA A 2  ? 7.09008  7.16065 3.25751  0.20363  -1.78025 -0.99793 17 DA A N6    
37  N N1    . DA A 2  ? 7.04100  6.83598 3.38106  0.01364  -1.86311 -1.03892 17 DA A N1    
38  C C2    . DA A 2  ? 7.01875  6.80329 3.68093  -0.13885 -1.90112 -0.97640 17 DA A C2    
39  N N3    . DA A 2  ? 7.00403  7.00825 4.10592  -0.24991 -1.92896 -0.86133 17 DA A N3    
40  C C4    . DA A 2  ? 7.04515  7.29447 4.23999  -0.18220 -1.93647 -0.80081 17 DA A C4    
41  P P     . DC A 3  ? 6.08546  7.23326 5.80933  -0.83397 -2.03502 -0.35426 18 DC A P     
42  O OP1   . DC A 3  ? 5.87176  6.85148 5.59868  -0.95777 -1.97163 -0.33431 18 DC A OP1   
43  O OP2   . DC A 3  ? 6.20766  7.64338 6.21369  -0.78813 -2.01091 -0.19010 18 DC A OP2   
44  O "O5'" . DC A 3  ? 6.08677  7.27394 6.03615  -0.86273 -2.17747 -0.51773 18 DC A "O5'" 
45  C "C5'" . DC A 3  ? 6.15516  7.12111 5.73588  -0.78312 -2.23304 -0.68842 18 DC A "C5'" 
46  C "C4'" . DC A 3  ? 6.02558  6.66667 5.31728  -0.81994 -2.17459 -0.75109 18 DC A "C4'" 
47  O "O4'" . DC A 3  ? 6.10095  6.53007 4.86208  -0.68676 -2.14107 -0.82579 18 DC A "O4'" 
48  C "C3'" . DC A 3  ? 5.98413  6.47039 5.37991  -0.87133 -2.25478 -0.88499 18 DC A "C3'" 
49  O "O3'" . DC A 3  ? 5.88458  6.10064 5.06867  -0.90764 -2.17115 -0.87778 18 DC A "O3'" 
50  C "C2'" . DC A 3  ? 6.13108  6.53024 5.24015  -0.72731 -2.33823 -1.03807 18 DC A "C2'" 
51  C "C1'" . DC A 3  ? 6.14519  6.41702 4.78495  -0.62544 -2.22656 -1.00594 18 DC A "C1'" 
52  N N1    . DC A 3  ? 6.27898  6.58756 4.62441  -0.46808 -2.24854 -1.07763 18 DC A N1    
53  C C2    . DC A 3  ? 6.28911  6.33873 4.15479  -0.34327 -2.21139 -1.19313 18 DC A C2    
54  O O2    . DC A 3  ? 6.25145  6.03995 3.96409  -0.36118 -2.17162 -1.22796 18 DC A O2    
55  N N3    . DC A 3  ? 6.38075  6.48072 3.97320  -0.19765 -2.21311 -1.25377 18 DC A N3    
56  C C4    . DC A 3  ? 6.47732  6.86837 4.25634  -0.17565 -2.24865 -1.18320 18 DC A C4    
57  N N4    . DC A 3  ? 6.56390  7.00127 4.05280  -0.02752 -2.23453 -1.23035 18 DC A N4    
58  C C5    . DC A 3  ? 6.49173  7.14693 4.77350  -0.29641 -2.29060 -1.04759 18 DC A C5    
59  C C6    . DC A 3  ? 6.38402  6.98746 4.93002  -0.43876 -2.28806 -1.00853 18 DC A C6    
60  P P     . DA A 4  ? 5.82385  5.96389 5.29180  -1.05075 -2.15091 -0.84441 19 DA A P     
61  O OP1   . DA A 4  ? 5.74618  6.04496 5.43783  -1.16512 -2.05144 -0.67092 19 DA A OP1   
62  O OP2   . DA A 4  ? 5.88264  6.06954 5.61750  -1.07586 -2.27697 -0.94633 19 DA A OP2   
63  O "O5'" . DA A 4  ? 5.84833  5.61479 4.92439  -0.99668 -2.09474 -0.88965 19 DA A "O5'" 
64  C "C5'" . DA A 4  ? 5.96437  5.53085 4.66445  -0.83854 -2.14032 -1.03384 19 DA A "C5'" 
65  C "C4'" . DA A 4  ? 6.11084  5.35470 4.68996  -0.80333 -2.14637 -1.10902 19 DA A "C4'" 
66  O "O4'" . DA A 4  ? 6.31908  5.37144 4.56095  -0.62848 -2.20566 -1.27364 19 DA A "O4'" 
67  C "C3'" . DA A 4  ? 6.12055  5.37401 5.02626  -0.89373 -2.21591 -1.13469 19 DA A "C3'" 
68  O "O3'" . DA A 4  ? 6.17431  5.15357 5.02068  -0.92021 -2.13851 -1.08033 19 DA A "O3'" 
69  C "C2'" . DA A 4  ? 6.31994  5.51557 5.13963  -0.78404 -2.36809 -1.31893 19 DA A "C2'" 
70  C "C1'" . DA A 4  ? 6.42382  5.51134 4.81850  -0.61275 -2.34523 -1.39907 19 DA A "C1'" 
71  N N9    . DA A 4  ? 6.39791  5.75063 4.81434  -0.56542 -2.41335 -1.44237 19 DA A N9    
72  C C8    . DA A 4  ? 6.26233  5.95961 5.04794  -0.65909 -2.47201 -1.37609 19 DA A C8    
73  N N7    . DA A 4  ? 6.31613  6.19357 5.02262  -0.57279 -2.51121 -1.40401 19 DA A N7    
74  C C5    . DA A 4  ? 6.42878  6.06875 4.67458  -0.41835 -2.47267 -1.51059 19 DA A C5    
75  C C6    . DA A 4  ? 6.51324  6.18967 4.45618  -0.26875 -2.47126 -1.58388 19 DA A C6    
76  N N6    . DA A 4  ? 6.46528  6.44249 4.53025  -0.25214 -2.50982 -1.53917 19 DA A N6    
77  N N1    . DA A 4  ? 6.64470  6.04368 4.16566  -0.12843 -2.41080 -1.68621 19 DA A N1    
78  C C2    . DA A 4  ? 6.68919  5.79628 4.12220  -0.13348 -2.35107 -1.69065 19 DA A C2    
79  N N3    . DA A 4  ? 6.63966  5.66702 4.30338  -0.26347 -2.36291 -1.62194 19 DA A N3    
80  C C4    . DA A 4  ? 6.50022  5.81541 4.57284  -0.40820 -2.41502 -1.53560 19 DA A C4    
81  P P     . DC A 5  ? 6.56115  5.11180 5.00889  -0.75349 -2.13287 -1.17512 20 DC A P     
82  O OP1   . DC A 5  ? 6.74624  5.16816 5.19989  -0.69663 -2.27194 -1.33267 20 DC A OP1   
83  O OP2   . DC A 5  ? 6.57327  5.04424 4.66803  -0.62382 -2.08383 -1.19446 20 DC A OP2   
84  O "O5'" . DC A 5  ? 6.60962  4.96985 5.10433  -0.82855 -2.00200 -1.01235 20 DC A "O5'" 
85  C "C5'" . DC A 5  ? 6.81703  4.78012 5.04904  -0.70630 -1.96159 -1.02330 20 DC A "C5'" 
86  C "C4'" . DC A 5  ? 7.01015  4.79028 5.28305  -0.68628 -2.05536 -1.12739 20 DC A "C4'" 
87  O "O4'" . DC A 5  ? 7.15782  4.75326 5.50204  -0.75199 -1.94431 -0.97664 20 DC A "O4'" 
88  C "C3'" . DC A 5  ? 7.19544  4.60411 5.08446  -0.46571 -2.12350 -1.28803 20 DC A "C3'" 
89  O "O3'" . DC A 5  ? 7.39555  4.64717 5.31169  -0.45739 -2.26353 -1.41462 20 DC A "O3'" 
90  C "C2'" . DC A 5  ? 7.28475  4.36300 4.96506  -0.38272 -1.96443 -1.14025 20 DC A "C2'" 
91  C "C1'" . DC A 5  ? 7.35002  4.50201 5.33217  -0.56881 -1.88836 -0.97274 20 DC A "C1'" 
92  N N1    . DC A 5  ? 7.33264  4.40481 5.31152  -0.60172 -1.70591 -0.73645 20 DC A N1    
93  C C2    . DC A 5  ? 7.54368  4.27508 5.43022  -0.55649 -1.60665 -0.61468 20 DC A C2    
94  O O2    . DC A 5  ? 7.76737  4.24109 5.54193  -0.48665 -1.67898 -0.72146 20 DC A O2    
95  N N3    . DC A 5  ? 7.47423  4.15083 5.38266  -0.58886 -1.43698 -0.36918 20 DC A N3    
96  C C4    . DC A 5  ? 7.23836  4.17023 5.24836  -0.67291 -1.38846 -0.26224 20 DC A C4    
97  N N4    . DC A 5  ? 7.13970  4.01092 5.18476  -0.71434 -1.23820 -0.00667 20 DC A N4    
98  C C5    . DC A 5  ? 7.06714  4.31133 5.13261  -0.71718 -1.49365 -0.39689 20 DC A C5    
99  C C6    . DC A 5  ? 7.10797  4.41868 5.15830  -0.67380 -1.63971 -0.62500 20 DC A C6    
100 P P     . DC A 6  ? 8.35194  5.03465 5.88899  -0.26517 -2.27173 -1.47897 21 DC A P     
101 O OP1   . DC A 6  ? 8.28688  4.77863 5.45685  -0.04181 -2.24556 -1.56146 21 DC A OP1   
102 O OP2   . DC A 6  ? 8.46632  4.97984 6.08515  -0.34714 -2.14586 -1.29863 21 DC A OP2   
103 O "O5'" . DC A 6  ? 8.33257  4.90159 5.86926  -0.25910 -2.48808 -1.66418 21 DC A "O5'" 
104 C "C5'" . DC A 6  ? 8.42069  4.55403 5.55173  -0.03668 -2.58381 -1.82857 21 DC A "C5'" 
105 C "C4'" . DC A 6  ? 8.71464  4.28746 5.49926  0.12521  -2.46480 -1.74922 21 DC A "C4'" 
106 O "O4'" . DC A 6  ? 8.62583  4.24511 5.57241  0.01261  -2.27056 -1.50878 21 DC A "O4'" 
107 C "C3'" . DC A 6  ? 8.84223  4.13182 5.23612  0.38877  -2.37798 -1.78353 21 DC A "C3'" 
108 O "O3'" . DC A 6  ? 9.00928  4.28719 5.30063  0.56305  -2.42753 -1.89122 21 DC A "O3'" 
109 C "C2'" . DC A 6  ? 9.01702  3.87708 5.22454  0.48017  -2.20893 -1.59898 21 DC A "C2'" 
110 C "C1'" . DC A 6  ? 8.72809  3.89945 5.32881  0.21652  -2.11721 -1.40244 21 DC A "C1'" 
111 N N1    . DC A 6  ? 8.63702  4.02780 5.36621  0.16688  -1.91800 -1.18671 21 DC A N1    
112 C C2    . DC A 6  ? 8.71555  3.84196 5.36384  0.21219  -1.72669 -0.94756 21 DC A C2    
113 O O2    . DC A 6  ? 8.86492  3.56582 5.31231  0.30616  -1.70157 -0.90933 21 DC A O2    
114 N N3    . DC A 6  ? 8.59412  3.93021 5.37821  0.15023  -1.57614 -0.74807 21 DC A N3    
115 C C4    . DC A 6  ? 8.44291  4.18928 5.38980  0.05566  -1.61225 -0.79295 21 DC A C4    
116 N N4    . DC A 6  ? 8.30017  4.20822 5.35109  -0.01136 -1.48268 -0.59193 21 DC A N4    
117 C C5    . DC A 6  ? 8.38100  4.37359 5.37609  0.02792  -1.78495 -1.03003 21 DC A C5    
118 C C6    . DC A 6  ? 8.47618  4.29599 5.37705  0.08454  -1.92981 -1.21243 21 DC A C6    
119 P P     . DG A 7  ? 9.58010  4.42938 5.65862  0.69789  -2.47600 -1.90598 22 DG A P     
120 O OP1   . DG A 7  ? 9.74089  4.47856 5.94146  0.50550  -2.59279 -1.90506 22 DG A OP1   
121 O OP2   . DG A 7  ? 9.48684  4.47783 5.54411  0.82962  -2.53118 -2.00668 22 DG A OP2   
122 O "O5'" . DG A 7  ? 9.76759  4.16565 5.51022  0.91628  -2.28699 -1.75797 22 DG A "O5'" 
123 C "C5'" . DG A 7  ? 10.02714 3.96258 5.56901  0.96212  -2.26201 -1.66671 22 DG A "C5'" 
124 C "C4'" . DG A 7  ? 10.08850 3.71359 5.42484  1.09564  -2.04155 -1.46143 22 DG A "C4'" 
125 O "O4'" . DG A 7  ? 9.96183  3.74278 5.45582  0.95575  -1.97166 -1.40020 22 DG A "O4'" 
126 C "C3'" . DG A 7  ? 10.01778 3.59477 5.15146  1.36770  -1.91131 -1.38863 22 DG A "C3'" 
127 O "O3'" . DG A 7  ? 10.31696 3.52614 5.20715  1.50841  -1.77300 -1.20866 22 DG A "O3'" 
128 C "C2'" . DG A 7  ? 9.75586  3.54625 4.99001  1.35603  -1.79799 -1.32759 22 DG A "C2'" 
129 C "C1'" . DG A 7  ? 9.86894  3.56501 5.22534  1.14000  -1.78618 -1.25273 22 DG A "C1'" 
130 N N9    . DG A 7  ? 9.66211  3.68805 5.21024  1.01406  -1.75122 -1.22859 22 DG A N9    
131 C C8    . DG A 7  ? 9.53838  4.01610 5.25959  0.90610  -1.86319 -1.38952 22 DG A C8    
132 N N7    . DG A 7  ? 9.41214  4.23966 5.33284  0.79669  -1.76343 -1.25921 22 DG A N7    
133 C C5    . DG A 7  ? 9.41256  4.03011 5.32110  0.82605  -1.58172 -0.99310 22 DG A C5    
134 C C6    . DG A 7  ? 9.26664  4.08088 5.34471  0.73479  -1.43203 -0.75091 22 DG A C6    
135 O O6    . DG A 7  ? 9.15755  4.35155 5.40044  0.60981  -1.43648 -0.73836 22 DG A O6    
136 N N1    . DG A 7  ? 9.22338  3.72306 5.24479  0.80476  -1.26871 -0.49165 22 DG A N1    
137 C C2    . DG A 7  ? 9.35192  3.37743 5.14221  0.95887  -1.24016 -0.46959 22 DG A C2    
138 N N2    . DG A 7  ? 9.42256  3.18969 5.17614  1.02200  -1.05431 -0.17309 22 DG A N2    
139 N N3    . DG A 7  ? 9.51673  3.31464 5.10628  1.04912  -1.38728 -0.70854 22 DG A N3    
140 C C4    . DG A 7  ? 9.53831  3.66906 5.22053  0.96662  -1.55954 -0.96221 22 DG A C4    
141 P P     . DT A 8  ? 10.91101 3.99388 5.54531  1.74093  -1.74627 -1.18745 23 DT A P     
142 O OP1   . DT A 8  ? 11.09104 3.94846 5.64019  1.78326  -1.55563 -1.00136 23 DT A OP1   
143 O OP2   . DT A 8  ? 10.77393 4.07115 5.60772  1.65899  -1.88922 -1.39199 23 DT A OP2   
144 O "O5'" . DT A 8  ? 10.60852 3.94826 5.26974  1.87983  -1.62059 -1.13772 23 DT A "O5'" 
145 C "C5'" . DT A 8  ? 10.37134 3.81299 5.12830  1.86295  -1.45378 -0.99566 23 DT A "C5'" 
146 C "C4'" . DT A 8  ? 10.51537 3.72591 5.26573  1.79510  -1.31581 -0.80024 23 DT A "C4'" 
147 O "O4'" . DT A 8  ? 10.27661 3.57265 5.23230  1.62629  -1.31283 -0.76659 23 DT A "O4'" 
148 C "C3'" . DT A 8  ? 10.51165 3.71445 5.21443  1.91538  -1.07026 -0.57115 23 DT A "C3'" 
149 O "O3'" . DT A 8  ? 10.69692 3.70794 5.39753  1.86468  -0.94909 -0.39923 23 DT A "O3'" 
150 C "C2'" . DT A 8  ? 10.19870 3.63413 5.09781  1.87091  -0.98505 -0.49129 23 DT A "C2'" 
151 C "C1'" . DT A 8  ? 10.11604 3.51727 5.14743  1.67424  -1.11797 -0.56295 23 DT A "C1'" 
152 N N1    . DT A 8  ? 9.90951  3.53192 5.05349  1.61079  -1.19355 -0.66344 23 DT A N1    
153 C C2    . DT A 8  ? 9.76728  3.46388 5.03940  1.56124  -1.06946 -0.47184 23 DT A C2    
154 O O2    . DT A 8  ? 9.72958  3.41350 5.10462  1.55479  -0.88548 -0.20665 23 DT A O2    
155 N N3    . DT A 8  ? 9.63222  3.49252 4.94798  1.49890  -1.16394 -0.59558 23 DT A N3    
156 C C4    . DT A 8  ? 9.55989  3.63042 4.86066  1.46348  -1.33766 -0.88587 23 DT A C4    
157 O O4    . DT A 8  ? 9.40342  3.70445 4.75212  1.38729  -1.38771 -0.97808 23 DT A O4    
158 C C5    . DT A 8  ? 9.65361  3.73050 4.91359  1.50358  -1.44338 -1.03836 23 DT A C5    
159 C C7    . DT A 8  ? 9.58339  4.00546 4.94800  1.44903  -1.60161 -1.27580 23 DT A C7    
160 C C6    . DT A 8  ? 9.85466  3.65923 5.01028  1.57921  -1.38204 -0.92838 23 DT A C6    
161 O "O5'" . DT B 1  ? 5.95684  7.45780 3.11231  -1.26429 -0.36348 0.93509  3  DT B "O5'" 
162 C "C5'" . DT B 1  ? 5.74544  7.59810 3.17162  -1.32867 -0.18308 1.01384  3  DT B "C5'" 
163 C "C4'" . DT B 1  ? 5.69849  7.47646 3.10694  -1.25792 -0.04532 0.95213  3  DT B "C4'" 
164 O "O4'" . DT B 1  ? 6.00094  7.50862 3.08301  -1.30556 -0.15478 0.86103  3  DT B "O4'" 
165 C "C3'" . DT B 1  ? 5.57334  7.61874 3.14406  -1.22721 0.00249  0.95201  3  DT B "C3'" 
166 O "O3'" . DT B 1  ? 5.63648  7.94932 3.44448  -1.26158 0.23511  0.96847  3  DT B "O3'" 
167 C "C2'" . DT B 1  ? 5.93624  7.81649 3.18897  -1.27377 -0.21395 0.84183  3  DT B "C2'" 
168 C "C1'" . DT B 1  ? 6.15013  7.78634 3.16571  -1.36459 -0.20319 0.79194  3  DT B "C1'" 
169 N N1    . DT B 1  ? 6.49200  7.75269 3.15587  -1.37290 -0.47017 0.64127  3  DT B N1    
170 C C2    . DT B 1  ? 6.92026  8.11287 3.38013  -1.49021 -0.50710 0.50041  3  DT B C2    
171 O O2    . DT B 1  ? 7.02405  8.49946 3.56341  -1.59583 -0.26475 0.51165  3  DT B O2    
172 N N3    . DT B 1  ? 7.20669  7.96253 3.41995  -1.45497 -0.80734 0.31030  3  DT B N3    
173 C C4    . DT B 1  ? 7.06722  7.53598 3.25894  -1.29521 -1.01126 0.28045  3  DT B C4    
174 O O4    . DT B 1  ? 7.28654  7.41284 3.35738  -1.23695 -1.23899 0.10053  3  DT B O4    
175 C C5    . DT B 1  ? 6.75916  7.37421 3.13045  -1.18827 -0.90780 0.44649  3  DT B C5    
176 C C7    . DT B 1  ? 6.77366  7.16899 3.13984  -1.01272 -1.05075 0.40637  3  DT B C7    
177 C C6    . DT B 1  ? 6.48271  7.44534 3.06412  -1.23998 -0.66627 0.60518  3  DT B C6    
178 P P     . DC B 2  ? 4.53333  7.27103 2.63234  -1.25456 0.39335  0.95275  4  DC B P     
179 O OP1   . DC B 2  ? 4.38565  7.23884 2.87558  -1.20078 0.67046  0.95638  4  DC B OP1   
180 O OP2   . DC B 2  ? 4.34720  7.22547 2.51859  -1.16342 0.26808  0.99357  4  DC B OP2   
181 O "O5'" . DC B 2  ? 4.94945  7.59539 2.82149  -1.35243 0.31812  0.79380  4  DC B "O5'" 
182 C "C5'" . DC B 2  ? 5.09429  7.71657 3.33193  -1.34526 0.54001  0.65175  4  DC B "C5'" 
183 C "C4'" . DC B 2  ? 5.15618  7.56406 4.15380  -1.09480 0.45440  0.32269  4  DC B "C4'" 
184 O "O4'" . DC B 2  ? 5.51980  7.42568 4.29493  -1.05816 0.12034  0.11769  4  DC B "O4'" 
185 C "C3'" . DC B 2  ? 4.84013  7.38914 4.35708  -0.89471 0.38130  0.28043  4  DC B "C3'" 
186 O "O3'" . DC B 2  ? 4.72556  7.31832 5.07845  -0.71050 0.52386  0.06709  4  DC B "O3'" 
187 C "C2'" . DC B 2  ? 5.07419  7.20415 4.32660  -0.82779 -0.04267 0.15544  4  DC B "C2'" 
188 C "C1'" . DC B 2  ? 5.47764  7.22748 4.65598  -0.85117 -0.12926 -0.05135 4  DC B "C1'" 
189 N N1    . DC B 2  ? 5.75046  7.05159 4.44553  -0.86721 -0.52057 -0.15022 4  DC B N1    
190 C C2    . DC B 2  ? 6.09039  6.97985 4.93187  -0.79360 -0.67575 -0.41811 4  DC B C2    
191 O O2    . DC B 2  ? 6.17247  7.07932 5.55030  -0.71237 -0.47973 -0.56262 4  DC B O2    
192 N N3    . DC B 2  ? 6.30143  6.78216 4.70006  -0.80848 -1.03543 -0.51176 4  DC B N3    
193 C C4    . DC B 2  ? 6.18731  6.65867 4.00586  -0.89828 -1.23338 -0.34787 4  DC B C4    
194 N N4    . DC B 2  ? 6.38161  6.43558 3.76943  -0.91346 -1.58802 -0.45457 4  DC B N4    
195 C C5    . DC B 2  ? 5.85219  6.73935 3.51740  -0.97025 -1.07494 -0.06757 4  DC B C5    
196 C C6    . DC B 2  ? 5.64535  6.93729 3.75916  -0.95135 -0.72094 0.02235  4  DC B C6    
197 P P     . DT B 3  ? 3.50866  6.52962 4.48481  -0.58852 0.76458  0.13049  5  DT B P     
198 O OP1   . DT B 3  ? 3.40500  6.61675 4.85940  -0.58224 1.10288  0.06562  5  DT B OP1   
199 O OP2   . DT B 3  ? 3.37712  6.68701 3.90035  -0.69241 0.79944  0.42685  5  DT B OP2   
200 O "O5'" . DT B 3  ? 3.46888  6.25991 5.03101  -0.33835 0.51413  -0.11136 5  DT B "O5'" 
201 C "C5'" . DT B 3  ? 3.83791  6.17295 5.18862  -0.28737 0.13172  -0.26699 5  DT B "C5'" 
202 C "C4'" . DT B 3  ? 4.18864  6.20325 5.81099  -0.23278 0.07959  -0.52638 5  DT B "C4'" 
203 O "O4'" . DT B 3  ? 4.59113  6.23714 5.55101  -0.34594 -0.17550 -0.54808 5  DT B "O4'" 
204 C "C3'" . DT B 3  ? 4.14950  5.95552 6.50759  0.00374  -0.08466 -0.79439 5  DT B "C3'" 
205 O "O3'" . DT B 3  ? 3.99497  5.92366 7.01039  0.08690  0.17496  -0.92452 5  DT B "O3'" 
206 C "C2'" . DT B 3  ? 4.60886  5.90375 6.66864  0.01840  -0.46066 -0.96458 5  DT B "C2'" 
207 C "C1'" . DT B 3  ? 4.86317  6.08954 6.10056  -0.20676 -0.44300 -0.82292 5  DT B "C1'" 
208 N N1    . DT B 3  ? 5.06969  5.96488 5.66435  -0.26857 -0.80905 -0.81050 5  DT B N1    
209 C C2    . DT B 3  ? 5.40124  5.84910 5.84332  -0.25300 -1.05736 -1.00840 5  DT B C2    
210 O O2    . DT B 3  ? 5.55975  5.86174 6.38659  -0.18139 -0.99093 -1.19454 5  DT B O2    
211 N N3    . DT B 3  ? 5.51949  5.69164 5.33579  -0.32157 -1.38569 -0.97814 5  DT B N3    
212 C C4    . DT B 3  ? 5.35934  5.65802 4.70823  -0.39842 -1.48092 -0.76860 5  DT B C4    
213 O O4    . DT B 3  ? 5.58871  5.61432 4.38736  -0.45625 -1.77878 -0.75754 5  DT B O4    
214 C C5    . DT B 3  ? 5.02966  5.80397 4.57228  -0.40641 -1.19796 -0.55881 5  DT B C5    
215 C C7    . DT B 3  ? 4.91986  5.86861 3.99818  -0.47820 -1.25721 -0.31039 5  DT B C7    
216 C C6    . DT B 3  ? 4.89478  5.94051 5.03960  -0.34366 -0.88274 -0.59241 5  DT B C6    
217 P P     . DG B 4  ? 3.48831  5.67942 7.36203  0.27610  0.31722  -0.99158 6  DG B P     
218 O OP1   . DG B 4  ? 3.22808  5.75710 7.43151  0.24123  0.72450  -0.94955 6  DG B OP1   
219 O OP2   . DG B 4  ? 3.29005  5.60466 7.02601  0.30460  0.19754  -0.85191 6  DG B OP2   
220 O "O5'" . DG B 4  ? 3.58772  5.40563 8.03700  0.47107  0.07023  -1.29023 6  DG B "O5'" 
221 C "C5'" . DG B 4  ? 4.13966  5.54088 8.33314  0.44751  -0.13847 -1.43800 6  DG B "C5'" 
222 C "C4'" . DG B 4  ? 4.27640  5.29576 8.51781  0.56468  -0.55916 -1.58536 6  DG B "C4'" 
223 O "O4'" . DG B 4  ? 4.56207  5.39913 7.97616  0.43009  -0.79681 -1.46795 6  DG B "O4'" 
224 C "C3'" . DG B 4  ? 3.85114  4.97649 8.61961  0.72351  -0.64480 -1.60419 6  DG B "C3'" 
225 O "O3'" . DG B 4  ? 3.99353  4.75353 9.17245  0.87887  -0.94561 -1.83283 6  DG B "O3'" 
226 C "C2'" . DG B 4  ? 3.86919  5.02134 7.97789  0.62494  -0.78643 -1.40520 6  DG B "C2'" 
227 C "C1'" . DG B 4  ? 4.36261  5.13719 7.83563  0.51876  -1.03191 -1.45355 6  DG B "C1'" 
228 N N9    . DG B 4  ? 4.46004  5.21188 7.14216  0.38062  -1.17058 -1.25958 6  DG B N9    
229 C C8    . DG B 4  ? 4.19383  5.25644 6.65499  0.33101  -1.05642 -1.02715 6  DG B C8    
230 N N7    . DG B 4  ? 4.34391  5.29309 6.08677  0.21647  -1.23659 -0.88892 6  DG B N7    
231 C C5    . DG B 4  ? 4.69104  5.21864 6.15930  0.18817  -1.50018 -1.04997 6  DG B C5    
232 C C6    . DG B 4  ? 4.93390  5.16887 5.65674  0.07548  -1.77967 -1.00916 6  DG B C6    
233 O O6    . DG B 4  ? 4.95552  5.25290 5.10124  -0.02394 -1.84999 -0.80958 6  DG B O6    
234 N N1    . DG B 4  ? 5.23040  5.06347 5.90814  0.08766  -1.98832 -1.22639 6  DG B N1    
235 C C2    . DG B 4  ? 5.25389  4.98606 6.54279  0.19990  -1.92450 -1.44627 6  DG B C2    
236 N N2    . DG B 4  ? 5.55821  4.88190 6.69150  0.20011  -2.14926 -1.63060 6  DG B N2    
237 N N3    . DG B 4  ? 5.06225  5.07010 7.06295  0.30784  -1.66196 -1.48109 6  DG B N3    
238 C C4    . DG B 4  ? 4.77407  5.17067 6.81987  0.29286  -1.46401 -1.28056 6  DG B C4    
239 P P     . DT B 5  ? 3.78426  4.61574 9.95207  1.08484  -0.88792 -1.99612 7  DT B P     
240 O OP1   . DT B 5  ? 3.72933  4.72660 10.26323 1.08727  -0.57010 -2.05598 7  DT B OP1   
241 O OP2   . DT B 5  ? 3.51002  4.58094 9.88687  1.14576  -0.85798 -1.88395 7  DT B OP2   
242 O "O5'" . DT B 5  ? 4.05100  4.38850 10.40739 1.20149  -1.29588 -2.22056 7  DT B "O5'" 
243 C "C5'" . DT B 5  ? 4.23976  4.27547 10.11006 1.17532  -1.65561 -2.20515 7  DT B "C5'" 
244 C "C4'" . DT B 5  ? 4.79939  4.44032 10.17462 1.10153  -1.88190 -2.30604 7  DT B "C4'" 
245 O "O4'" . DT B 5  ? 5.05391  4.79485 9.59859  0.90315  -1.78232 -2.11996 7  DT B "O4'" 
246 C "C3'" . DT B 5  ? 4.84394  4.03345 10.08456 1.16030  -2.33608 -2.42546 7  DT B "C3'" 
247 O "O3'" . DT B 5  ? 4.95464  4.07811 10.56347 1.18752  -2.41661 -2.52280 7  DT B "O3'" 
248 C "C2'" . DT B 5  ? 5.16845  4.14601 9.49577  0.99203  -2.48291 -2.35938 7  DT B "C2'" 
249 C "C1'" . DT B 5  ? 5.20484  4.59810 9.11579  0.83671  -2.12964 -2.12114 7  DT B "C1'" 
250 N N1    . DT B 5  ? 5.04702  4.61787 8.52656  0.76639  -2.14469 -1.90301 7  DT B N1    
251 C C2    . DT B 5  ? 5.17879  4.51385 7.91407  0.66096  -2.40123 -1.83227 7  DT B C2    
252 O O2    . DT B 5  ? 5.39916  4.38055 7.79170  0.61716  -2.62946 -1.94506 7  DT B O2    
253 N N3    . DT B 5  ? 5.01280  4.53753 7.41249  0.61141  -2.37964 -1.62133 7  DT B N3    
254 C C4    . DT B 5  ? 4.69646  4.61212 7.41285  0.65577  -2.12993 -1.47795 7  DT B C4    
255 O O4    . DT B 5  ? 4.55184  4.60544 6.91480  0.61120  -2.12279 -1.28431 7  DT B O4    
256 C C5    . DT B 5  ? 4.50556  4.65189 7.99291  0.76122  -1.87473 -1.56930 7  DT B C5    
257 C C7    . DT B 5  ? 4.04232  4.61212 7.92156  0.81617  -1.59460 -1.43502 7  DT B C7    
258 C C6    . DT B 5  ? 4.70908  4.67586 8.54056  0.81070  -1.89444 -1.77367 7  DT B C6    
259 P P     . DG B 6  ? 4.93992  4.18733 10.70800 1.18200  -2.26805 -2.36128 8  DG B P     
260 O OP1   . DG B 6  ? 5.00229  4.13439 10.67700 1.17607  -2.11462 -2.31123 8  DG B OP1   
261 O OP2   . DG B 6  ? 4.69257  4.28002 10.87406 1.19178  -2.05573 -2.31712 8  DG B OP2   
262 O "O5'" . DG B 6  ? 5.00025  4.07330 10.41704 1.15810  -2.57484 -2.30231 8  DG B "O5'" 
263 C "C5'" . DG B 6  ? 4.93509  4.09002 10.38781 1.16942  -2.72234 -2.29359 8  DG B "C5'" 
264 C "C4'" . DG B 6  ? 5.16103  4.05266 10.09714 1.17584  -3.09270 -2.30407 8  DG B "C4'" 
265 O "O4'" . DG B 6  ? 5.35546  4.14977 9.87885  1.16190  -3.00301 -2.27972 8  DG B "O4'" 
266 C "C3'" . DG B 6  ? 5.13289  3.96734 9.86151  1.16619  -3.27457 -2.20141 8  DG B "C3'" 
267 O "O3'" . DG B 6  ? 5.08658  3.85844 9.68448  1.12344  -3.22775 -2.11002 8  DG B "O3'" 
268 C "C2'" . DG B 6  ? 5.33977  3.90137 9.37413  1.18779  -3.47061 -2.13030 8  DG B "C2'" 
269 C "C1'" . DG B 6  ? 5.48005  4.04690 9.34468  1.10437  -3.24891 -2.18814 8  DG B "C1'" 
270 N N9    . DG B 6  ? 5.33759  4.23772 8.91288  1.03101  -3.03004 -1.96094 8  DG B N9    
271 C C8    . DG B 6  ? 5.01022  4.35656 8.99078  1.06472  -2.68084 -1.84878 8  DG B C8    
272 N N7    . DG B 6  ? 4.84575  4.45863 8.40403  0.98162  -2.53024 -1.61201 8  DG B N7    
273 C C5    . DG B 6  ? 5.10327  4.43062 7.93472  0.88775  -2.79546 -1.56050 8  DG B C5    
274 C C6    . DG B 6  ? 5.08052  4.51200 7.22720  0.77677  -2.78275 -1.32426 8  DG B C6    
275 O O6    . DG B 6  ? 4.84942  4.65957 6.89732  0.74026  -2.52466 -1.10459 8  DG B O6    
276 N N1    . DG B 6  ? 5.33745  4.38070 6.87516  0.70669  -3.11044 -1.35560 8  DG B N1    
277 C C2    . DG B 6  ? 5.55886  4.16191 7.12121  0.74445  -3.35198 -1.56153 8  DG B C2    
278 N N2    . DG B 6  ? 5.78262  4.07283 6.66692  0.68626  -3.37598 -1.43067 8  DG B N2    
279 N N3    . DG B 6  ? 5.57640  4.08634 7.78896  0.84984  -3.39449 -1.79189 8  DG B N3    
280 C C4    . DG B 6  ? 5.36969  4.25495 8.19677  0.91455  -3.10635 -1.77834 8  DG B C4    
281 P P     . DA C 1  ? 8.25745  6.90161 5.45469  0.44892  1.99878  1.00219  9  DA C P     
282 O OP1   . DA C 1  ? 8.34127  6.80189 5.60021  0.41779  2.05187  1.01718  9  DA C OP1   
283 O OP2   . DA C 1  ? 8.23933  7.06156 5.46735  0.35343  2.13409  0.97671  9  DA C OP2   
284 O "O5'" . DA C 1  ? 8.42256  6.93040 5.37747  0.64056  1.90556  1.07610  9  DA C "O5'" 
285 C "C5'" . DA C 1  ? 8.46798  7.07898 5.29756  0.69556  1.91733  1.09061  9  DA C "C5'" 
286 C "C4'" . DA C 1  ? 8.34220  7.06411 5.13478  0.77727  1.74203  1.05616  9  DA C "C4'" 
287 O "O4'" . DA C 1  ? 8.39980  6.95432 5.09854  0.90372  1.60252  1.08774  9  DA C "O4'" 
288 C "C3'" . DA C 1  ? 8.10369  7.01297 5.07699  0.66680  1.68540  0.97300  9  DA C "C3'" 
289 O "O3'" . DA C 1  ? 8.02448  7.15504 4.99850  0.64553  1.69796  0.93090  9  DA C "O3'" 
290 C "C2'" . DA C 1  ? 8.04625  6.87610 4.99450  0.74306  1.49733  0.96434  9  DA C "C2'" 
291 C "C1'" . DA C 1  ? 8.24207  6.88456 4.98577  0.91057  1.44781  1.03399  9  DA C "C1'" 
292 N N9    . DA C 1  ? 8.26025  6.75630 4.98770  0.97000  1.33696  1.04155  9  DA C N9    
293 C C8    . DA C 1  ? 8.18264  6.64713 5.05139  0.88706  1.33478  1.01235  9  DA C C8    
294 N N7    . DA C 1  ? 8.22450  6.57306 5.03788  0.97082  1.22378  1.01743  9  DA C N7    
295 C C5    . DA C 1  ? 8.33620  6.63059 4.96100  1.11693  1.14902  1.05415  9  DA C C5    
296 C C6    . DA C 1  ? 8.42377  6.61223 4.91419  1.25488  1.02330  1.06851  9  DA C C6    
297 N N6    . DA C 1  ? 8.41127  6.53460 4.93657  1.26665  0.94889  1.04484  9  DA C N6    
298 N N1    . DA C 1  ? 8.52379  6.69473 4.84552  1.38062  0.97660  1.09914  9  DA C N1    
299 C C2    . DA C 1  ? 8.53567  6.79466 4.82350  1.37105  1.04892  1.11325  9  DA C C2    
300 N N3    . DA C 1  ? 8.45987  6.83295 4.85997  1.24714  1.16916  1.09900  9  DA C N3    
301 C C4    . DA C 1  ? 8.36057  6.74188 4.92984  1.12102  1.21547  1.07029  9  DA C C4    
302 P P     . DC C 2  ? 8.52875  7.69328 5.30278  0.78843  1.65298  0.95516  10 DC C P     
303 O OP1   . DC C 2  ? 8.61722  7.70360 5.27477  0.82134  1.78310  1.01381  10 DC C OP1   
304 O OP2   . DC C 2  ? 8.32310  7.73438 5.15614  0.74684  1.63309  0.88598  10 DC C OP2   
305 O "O5'" . DC C 2  ? 8.43125  7.44930 5.08528  0.93385  1.45875  0.97724  10 DC C "O5'" 
306 C "C5'" . DC C 2  ? 8.24639  7.33122 4.94307  0.93181  1.31247  0.92675  10 DC C "C5'" 
307 C "C4'" . DC C 2  ? 8.15185  7.11052 4.68103  1.08820  1.14875  0.94705  10 DC C "C4'" 
308 O "O4'" . DC C 2  ? 8.28657  7.06235 4.81038  1.11338  1.09434  0.97476  10 DC C "O4'" 
309 C "C3'" . DC C 2  ? 8.06218  7.08731 4.58113  1.10397  0.99970  0.89701  10 DC C "C3'" 
310 O "O3'" . DC C 2  ? 8.15476  7.15382 4.49331  1.25523  0.91292  0.90567  10 DC C "O3'" 
311 C "C2'" . DC C 2  ? 7.98052  6.87930 4.54791  1.07302  0.89404  0.88991  10 DC C "C2'" 
312 C "C1'" . DC C 2  ? 8.15377  6.88757 4.64493  1.15167  0.92527  0.94500  10 DC C "C1'" 
313 N N1    . DC C 2  ? 8.25501  6.88820 4.82843  1.10221  0.88785  0.93946  10 DC C N1    
314 C C2    . DC C 2  ? 8.25911  6.75462 4.72332  1.20543  0.76631  0.94881  10 DC C C2    
315 O O2    . DC C 2  ? 8.25480  6.70495 4.55943  1.33356  0.69208  0.96340  10 DC C O2    
316 N N3    . DC C 2  ? 8.32998  6.76237 4.86920  1.16261  0.73252  0.93283  10 DC C N3    
317 C C4    . DC C 2  ? 8.39180  6.88446 5.10821  1.02686  0.81239  0.91050  10 DC C C4    
318 N N4    . DC C 2  ? 8.43390  6.87764 5.21969  0.99502  0.77118  0.88665  10 DC C N4    
319 C C5    . DC C 2  ? 8.40734  7.03002 5.24033  0.91856  0.93795  0.90264  10 DC C C5    
320 C C6    . DC C 2  ? 8.33932  7.03196 5.09499  0.95911  0.97289  0.91684  10 DC C C6    
321 P P     . DG C 3  ? 8.09558  7.21310 4.38524  1.29360  0.81413  0.85464  11 DG C P     
322 O OP1   . DG C 3  ? 8.15383  7.41839 4.37633  1.35149  0.89609  0.84892  11 DG C OP1   
323 O OP2   . DG C 3  ? 7.93803  7.13733 4.37958  1.15768  0.79598  0.81266  11 DG C OP2   
324 O "O5'" . DG C 3  ? 8.19919  7.14519 4.32689  1.42948  0.63624  0.86045  11 DG C "O5'" 
325 C "C5'" . DG C 3  ? 8.34241  7.17054 4.33534  1.55688  0.62350  0.90234  11 DG C "C5'" 
326 C "C4'" . DG C 3  ? 8.40742  7.07166 4.29527  1.64075  0.45696  0.89491  11 DG C "C4'" 
327 O "O4'" . DG C 3  ? 8.37720  6.93063 4.33671  1.57917  0.45159  0.91023  11 DG C "O4'" 
328 C "C3'" . DG C 3  ? 8.37149  7.02958 4.23863  1.62634  0.32270  0.84516  11 DG C "C3'" 
329 O "O3'" . DG C 3  ? 8.50043  7.03137 4.20109  1.75978  0.18493  0.83589  11 DG C "O3'" 
330 C "C2'" . DG C 3  ? 8.25701  6.87362 4.26147  1.48142  0.30660  0.83358  11 DG C "C2'" 
331 C "C1'" . DG C 3  ? 8.30712  6.81703 4.30667  1.50996  0.33581  0.86895  11 DG C "C1'" 
332 N N9    . DG C 3  ? 8.19652  6.71272 4.35773  1.37393  0.39011  0.86654  11 DG C N9    
333 C C8    . DG C 3  ? 8.17917  6.81939 4.50762  1.23882  0.50209  0.85861  11 DG C C8    
334 N N7    . DG C 3  ? 8.29461  6.91366 4.74660  1.14147  0.52381  0.85103  11 DG C N7    
335 C C5    . DG C 3  ? 8.31458  6.79428 4.67132  1.21872  0.41969  0.85326  11 DG C C5    
336 C C6    . DG C 3  ? 8.39210  6.81148 4.80995  1.17624  0.38880  0.83878  11 DG C C6    
337 O O6    . DG C 3  ? 8.45044  6.92048 5.02420  1.06087  0.44621  0.82213  11 DG C O6    
338 N N1    . DG C 3  ? 8.38675  6.68974 4.66561  1.28644  0.27705  0.83562  11 DG C N1    
339 C C2    . DG C 3  ? 8.31675  6.56101 4.42418  1.41847  0.20573  0.84620  11 DG C C2    
340 N N2    . DG C 3  ? 8.37695  6.52295 4.37379  1.50753  0.10405  0.83287  11 DG C N2    
341 N N3    . DG C 3  ? 8.30856  6.60199 4.35836  1.46307  0.23093  0.86028  11 DG C N3    
342 C C4    . DG C 3  ? 8.22903  6.64371 4.40880  1.35844  0.33902  0.86286  11 DG C C4    
343 P P     . DG C 4  ? 8.55995  7.08033 4.14819  1.82763  0.05632  0.79134  12 DG C P     
344 O OP1   . DG C 4  ? 8.68792  7.23072 4.12947  1.99406  0.04201  0.79198  12 DG C OP1   
345 O OP2   . DG C 4  ? 8.44422  7.09405 4.14135  1.71732  0.09454  0.76827  12 DG C OP2   
346 O "O5'" . DG C 4  ? 8.61257  6.94008 4.13868  1.81803  -0.09589 0.77111  12 DG C "O5'" 
347 C "C5'" . DG C 4  ? 8.50741  6.80357 4.15384  1.66323  -0.10688 0.76295  12 DG C "C5'" 
348 C "C4'" . DG C 4  ? 8.53151  6.71412 4.17588  1.65751  -0.13907 0.76914  12 DG C "C4'" 
349 O "O4'" . DG C 4  ? 8.40640  6.66257 4.21795  1.54703  -0.02361 0.79005  12 DG C "O4'" 
350 C "C3'" . DG C 4  ? 8.55918  6.61351 4.16593  1.59398  -0.27429 0.73061  12 DG C "C3'" 
351 O "O3'" . DG C 4  ? 8.63480  6.59015 4.17710  1.65108  -0.32600 0.72361  12 DG C "O3'" 
352 C "C2'" . DG C 4  ? 8.39638  6.53424 4.18503  1.41454  -0.21710 0.72592  12 DG C "C2'" 
353 C "C1'" . DG C 4  ? 8.33518  6.55066 4.22486  1.42114  -0.08222 0.76079  12 DG C "C1'" 
354 N N9    . DG C 4  ? 8.17566  6.51602 4.25700  1.27589  0.02432  0.76352  12 DG C N9    
355 C C8    . DG C 4  ? 8.08743  6.56751 4.25789  1.21843  0.11275  0.76743  12 DG C C8    
356 N N7    . DG C 4  ? 7.94849  6.52553 4.29726  1.08263  0.19893  0.76155  12 DG C N7    
357 C C5    . DG C 4  ? 8.01269  6.50723 4.38928  1.05350  0.16153  0.75349  12 DG C C5    
358 C C6    . DG C 4  ? 8.10514  6.65175 4.64781  0.93110  0.21412  0.73774  12 DG C C6    
359 O O6    . DG C 4  ? 8.11577  6.78823 4.82265  0.81569  0.30916  0.72907  12 DG C O6    
360 N N1    . DG C 4  ? 8.17743  6.62776 4.68393  0.95510  0.14361  0.72318  12 DG C N1    
361 C C2    . DG C 4  ? 8.18443  6.50902 4.51966  1.07557  0.04034  0.72301  12 DG C C2    
362 N N2    . DG C 4  ? 8.24197  6.51389 4.56964  1.08095  -0.01409 0.69780  12 DG C N2    
363 N N3    . DG C 4  ? 8.12654  6.39424 4.30986  1.18630  -0.00770 0.73822  12 DG C N3    
364 C C4    . DG C 4  ? 8.08435  6.44016 4.29729  1.17052  0.05569  0.75360  12 DG C C4    
365 P P     . DA C 5  ? 8.76913  6.56201 4.16300  1.68220  -0.48841 0.67647  13 DA C P     
366 O OP1   . DA C 5  ? 8.90363  6.64592 4.15878  1.85638  -0.51929 0.67914  13 DA C OP1   
367 O OP2   . DA C 5  ? 8.79105  6.53982 4.14713  1.62205  -0.55732 0.65646  13 DA C OP2   
368 O "O5'" . DA C 5  ? 8.70982  6.48009 4.18352  1.56393  -0.51445 0.64813  13 DA C "O5'" 
369 C "C5'" . DA C 5  ? 8.81670  6.46140 4.18252  1.55726  -0.64281 0.59658  13 DA C "C5'" 
370 C "C4'" . DA C 5  ? 8.73851  6.41555 4.20188  1.43888  -0.64852 0.56323  13 DA C "C4'" 
371 O "O4'" . DA C 5  ? 8.57442  6.38610 4.21940  1.35842  -0.52903 0.59382  13 DA C "O4'" 
372 C "C3'" . DA C 5  ? 8.74935  6.36135 4.20127  1.28409  -0.74504 0.51211  13 DA C "C3'" 
373 O "O3'" . DA C 5  ? 8.73390  6.36606 4.21721  1.21926  -0.78098 0.45998  13 DA C "O3'" 
374 C "C2'" . DA C 5  ? 8.59704  6.31245 4.19992  1.15440  -0.67175 0.53821  13 DA C "C2'" 
375 C "C1'" . DA C 5  ? 8.47506  6.32350 4.22018  1.18034  -0.54660 0.56809  13 DA C "C1'" 
376 N N9    . DA C 5  ? 8.34619  6.30958 4.22488  1.12541  -0.43780 0.60678  13 DA C N9    
377 C C8    . DA C 5  ? 8.36038  6.35081 4.21150  1.20328  -0.38188 0.64704  13 DA C C8    
378 N N7    . DA C 5  ? 8.22727  6.34742 4.22583  1.11885  -0.28053 0.66581  13 DA C N7    
379 C C5    . DA C 5  ? 8.31553  6.49029 4.44978  0.97969  -0.27182 0.63828  13 DA C C5    
380 C C6    . DA C 5  ? 8.33432  6.64920 4.66185  0.84216  -0.18515 0.63393  13 DA C C6    
381 N N6    . DA C 5  ? 8.27817  6.70626 4.69720  0.81808  -0.08231 0.65871  13 DA C N6    
382 N N1    . DA C 5  ? 8.38726  6.73872 4.81400  0.72877  -0.20747 0.59426  13 DA C N1    
383 C C2    . DA C 5  ? 8.41296  6.67390 4.74736  0.74878  -0.30773 0.55925  13 DA C C2    
384 N N3    . DA C 5  ? 8.41550  6.54239 4.56834  0.86815  -0.39194 0.55781  13 DA C N3    
385 C C4    . DA C 5  ? 8.37063  6.45547 4.43187  0.98243  -0.36923 0.60065  13 DA C C4    
386 P P     . DC C 6  ? 8.81644  6.35380 4.22228  1.08788  -0.90502 0.38905  14 DC C P     
387 O OP1   . DC C 6  ? 8.93103  6.42340 4.23155  1.16992  -0.96972 0.33645  14 DC C OP1   
388 O OP2   . DC C 6  ? 8.90236  6.31758 4.21475  1.05293  -0.95877 0.40477  14 DC C OP2   
389 O "O5'" . DC C 6  ? 8.64997  6.32416 4.23305  0.90112  -0.87010 0.36240  14 DC C "O5'" 
390 C "C5'" . DC C 6  ? 8.48853  6.27899 4.23272  0.83438  -0.77248 0.40680  14 DC C "C5'" 
391 C "C4'" . DC C 6  ? 8.46028  6.36379 4.34719  0.63862  -0.77105 0.36532  14 DC C "C4'" 
392 O "O4'" . DC C 6  ? 8.40187  6.43038 4.45513  0.58485  -0.66578 0.40783  14 DC C "O4'" 
393 C "C3'" . DC C 6  ? 8.54950  6.37323 4.36411  0.48672  -0.86796 0.33181  14 DC C "C3'" 
394 O "O3'" . DC C 6  ? 8.55690  6.51214 4.50053  0.31138  -0.87120 0.27896  14 DC C "O3'" 
395 C "C2'" . DC C 6  ? 8.54915  6.36442 4.38401  0.47923  -0.82680 0.39300  14 DC C "C2'" 
396 C "C1'" . DC C 6  ? 8.45754  6.46359 4.50186  0.47229  -0.69729 0.41749  14 DC C "C1'" 
397 N N1    . DC C 6  ? 8.41516  6.46038 4.49990  0.53618  -0.61261 0.47932  14 DC C N1    
398 C C2    . DC C 6  ? 8.38376  6.59937 4.66268  0.44071  -0.51373 0.49127  14 DC C C2    
399 O O2    . DC C 6  ? 8.37730  6.69887 4.78786  0.31351  -0.50387 0.45197  14 DC C O2    
400 N N3    . DC C 6  ? 8.35076  6.62510 4.67013  0.48880  -0.43180 0.53667  14 DC C N3    
401 C C4    . DC C 6  ? 8.32288  6.49770 4.49424  0.63126  -0.45039 0.56890  14 DC C C4    
402 N N4    . DC C 6  ? 8.24857  6.51252 4.46596  0.67169  -0.36642 0.60296  14 DC C N4    
403 C C5    . DC C 6  ? 8.34168  6.33633 4.31387  0.73728  -0.55571 0.55863  14 DC C C5    
404 C C6    . DC C 6  ? 8.39926  6.33148 4.33576  0.68288  -0.63207 0.51402  14 DC C C6    
405 P P     . DA C 7  ? 8.43966  6.34373 4.29052  0.17335  -0.98533 0.19788  15 DA C P     
406 O OP1   . DA C 7  ? 8.56454  6.47718 4.36262  0.27014  -1.01276 0.14432  15 DA C OP1   
407 O OP2   . DA C 7  ? 8.56972  6.28246 4.25497  0.12934  -1.06319 0.21783  15 DA C OP2   
408 O "O5'" . DA C 7  ? 8.40880  6.51064 4.44777  -0.02784 -0.95799 0.15786  15 DA C "O5'" 
409 C "C5'" . DA C 7  ? 8.35886  6.65437 4.57613  -0.01748 -0.88608 0.13035  15 DA C "C5'" 
410 C "C4'" . DA C 7  ? 8.25962  6.73572 4.67502  -0.18224 -0.83362 0.12270  15 DA C "C4'" 
411 O "O4'" . DA C 7  ? 8.18791  6.67361 4.67993  -0.13669 -0.74491 0.20195  15 DA C "O4'" 
412 C "C3'" . DA C 7  ? 8.36874  6.85459 4.75977  -0.39325 -0.90696 0.08639  15 DA C "C3'" 
413 O "O3'" . DA C 7  ? 8.24050  6.95837 4.83280  -0.54202 -0.87179 0.03608  15 DA C "O3'" 
414 C "C2'" . DA C 7  ? 8.43030  6.80388 4.76501  -0.38638 -0.89371 0.16843  15 DA C "C2'" 
415 C "C1'" . DA C 7  ? 8.26750  6.73682 4.74717  -0.26885 -0.77237 0.22186  15 DA C "C1'" 
416 N N9    . DA C 7  ? 8.29949  6.64518 4.68810  -0.15020 -0.74797 0.29894  15 DA C N9    
417 C C8    . DA C 7  ? 8.35333  6.49260 4.53460  -0.02241 -0.80840 0.32518  15 DA C C8    
418 N N7    . DA C 7  ? 8.33836  6.42944 4.48372  0.07255  -0.76982 0.38745  15 DA C N7    
419 C C5    . DA C 7  ? 8.28633  6.56661 4.62986  -0.00269 -0.67301 0.40323  15 DA C C5    
420 C C6    . DA C 7  ? 8.24434  6.60047 4.65854  0.03395  -0.59000 0.45260  15 DA C C6    
421 N N6    . DA C 7  ? 8.22217  6.47101 4.50483  0.16727  -0.59670 0.49692  15 DA C N6    
422 N N1    . DA C 7  ? 8.20984  6.77262 4.83773  -0.07241 -0.50008 0.44543  15 DA C N1    
423 C C2    . DA C 7  ? 8.19920  6.87892 4.95902  -0.19919 -0.49879 0.39319  15 DA C C2    
424 N N3    . DA C 7  ? 8.20682  6.84196 4.91660  -0.24064 -0.57496 0.34185  15 DA C N3    
425 C C4    . DA C 7  ? 8.26358  6.69591 4.76061  -0.13918 -0.65850 0.35023  15 DA C C4    
426 P P     . DG C 8  ? 8.38393  7.18491 4.98380  -0.78548 -0.94462 -0.02762 16 DG C P     
427 O OP1   . DG C 8  ? 8.28366  7.22817 4.92949  -0.83318 -0.97888 -0.13244 16 DG C OP1   
428 O OP2   . DG C 8  ? 8.56304  7.14207 4.95275  -0.83153 -1.02401 0.00786  16 DG C OP2   
429 O "O5'" . DG C 8  ? 8.27885  7.27825 5.09818  -0.89940 -0.86621 -0.00808 16 DG C "O5'" 
430 C "C5'" . DG C 8  ? 8.36716  7.34832 5.16255  -1.04212 -0.88921 0.02618  16 DG C "C5'" 
431 C "C4'" . DG C 8  ? 8.37098  7.38670 5.26730  -0.98028 -0.79692 0.10470  16 DG C "C4'" 
432 O "O4'" . DG C 8  ? 8.50231  7.31882 5.26033  -0.78342 -0.78437 0.17158  16 DG C "O4'" 
433 C "C3'" . DG C 8  ? 8.42956  7.45663 5.31501  -1.11513 -0.81294 0.14302  16 DG C "C3'" 
434 O "O3'" . DG C 8  ? 8.22254  7.51960 5.33388  -1.26729 -0.76366 0.10330  16 DG C "O3'" 
435 C "C2'" . DG C 8  ? 8.55139  7.48121 5.39730  -0.96278 -0.75587 0.23000  16 DG C "C2'" 
436 C "C1'" . DG C 8  ? 8.56619  7.39435 5.36225  -0.76012 -0.72693 0.23918  16 DG C "C1'" 
437 N N9    . DG C 8  ? 8.67117  7.26510 5.25976  -0.60861 -0.76139 0.29923  16 DG C N9    
438 C C8    . DG C 8  ? 8.73760  7.11293 5.11341  -0.52797 -0.84879 0.29285  16 DG C C8    
439 N N7    . DG C 8  ? 8.77254  6.97766 4.99988  -0.38832 -0.86243 0.34888  16 DG C N7    
440 C C5    . DG C 8  ? 8.73433  7.06230 5.08123  -0.37746 -0.77790 0.39403  16 DG C C5    
441 C C6    . DG C 8  ? 8.70556  6.96853 4.98017  -0.25115 -0.75227 0.45310  16 DG C C6    
442 O O6    . DG C 8  ? 8.71258  6.78267 4.79721  -0.11452 -0.80423 0.47971  16 DG C O6    
443 N N1    . DG C 8  ? 8.64186  7.10852 5.09412  -0.29427 -0.65563 0.47214  16 DG C N1    
444 C C2    . DG C 8  ? 8.61813  7.31114 5.29276  -0.44080 -0.59283 0.43906  16 DG C C2    
445 N N2    . DG C 8  ? 8.54790  7.42484 5.37548  -0.46599 -0.49961 0.45653  16 DG C N2    
446 N N3    . DG C 8  ? 8.62689  7.37756 5.37103  -0.55469 -0.62040 0.38412  16 DG C N3    
447 C C4    . DG C 8  ? 8.69229  7.25699 5.26296  -0.51504 -0.71307 0.36432  16 DG C C4    
448 P P     . DC C 9  ? 8.34573  7.72428 5.46595  -1.47386 -0.80135 0.10887  17 DC C P     
449 O OP1   . DC C 9  ? 8.12764  7.79312 5.51557  -1.54584 -0.70710 0.09101  17 DC C OP1   
450 O OP2   . DC C 9  ? 8.32671  7.65491 5.32427  -1.61952 -0.90540 0.05225  17 DC C OP2   
451 O "O5'" . DC C 9  ? 8.59653  7.75520 5.53142  -1.39006 -0.82194 0.20506  17 DC C "O5'" 
452 C "C5'" . DC C 9  ? 8.59503  7.86078 5.60007  -1.46015 -0.78708 0.24784  17 DC C "C5'" 
453 C "C4'" . DC C 9  ? 8.59867  7.90009 5.68143  -1.29662 -0.68900 0.29865  17 DC C "C4'" 
454 O "O4'" . DC C 9  ? 8.79599  7.87102 5.71933  -1.10207 -0.70416 0.32758  17 DC C "O4'" 
455 C "C3'" . DC C 9  ? 8.65225  7.95732 5.69113  -1.30144 -0.68123 0.36058  17 DC C "C3'" 
456 O "O3'" . DC C 9  ? 8.38762  7.99809 5.67703  -1.40111 -0.59227 0.33978  17 DC C "O3'" 
457 C "C2'" . DC C 9  ? 8.79071  7.94460 5.72177  -1.07966 -0.65032 0.41479  17 DC C "C2'" 
458 C "C1'" . DC C 9  ? 8.81849  7.83844 5.69148  -0.96691 -0.66227 0.39106  17 DC C "C1'" 
459 N N1    . DC C 9  ? 8.92666  7.63793 5.52572  -0.82399 -0.74680 0.42743  17 DC C N1    
460 C C2    . DC C 9  ? 8.91739  7.52516 5.40356  -0.67161 -0.73711 0.48479  17 DC C C2    
461 O O2    . DC C 9  ? 8.85299  7.62923 5.45959  -0.65921 -0.65780 0.50575  17 DC C O2    
462 N N3    . DC C 9  ? 8.95772  7.29420 5.20423  -0.54073 -0.81696 0.50754  17 DC C N3    
463 C C4    . DC C 9  ? 9.02330  7.19613 5.14822  -0.56289 -0.89768 0.47572  17 DC C C4    
464 N N4    . DC C 9  ? 9.05546  6.96772 4.95109  -0.43242 -0.97300 0.49302  17 DC C N4    
465 C C5    . DC C 9  ? 9.03199  7.31722 5.26737  -0.71846 -0.90497 0.41565  17 DC C C5    
466 C C6    . DC C 9  ? 8.98190  7.53380 5.45059  -0.84011 -0.83080 0.39365  17 DC C C6    
467 P P     . DA C 10 ? 8.32278  8.10138 5.67901  -1.62719 -0.62858 0.31993  18 DA C P     
468 O OP1   . DA C 10 ? 7.90000  8.01615 5.55303  -1.69633 -0.51856 0.28130  18 DA C OP1   
469 O OP2   . DA C 10 ? 8.35259  8.03875 5.60757  -1.75083 -0.72586 0.27816  18 DA C OP2   
470 O "O5'" . DA C 10 ? 8.49224  8.12555 5.65118  -1.59809 -0.67920 0.39889  18 DA C "O5'" 
471 C "C5'" . DA C 10 ? 8.21546  8.05481 5.49645  -1.60846 -0.61069 0.42221  18 DA C "C5'" 
472 C "C4'" . DA C 10 ? 8.18363  7.91169 5.36256  -1.40164 -0.57887 0.47645  18 DA C "C4'" 
473 O "O4'" . DA C 10 ? 8.49514  7.93829 5.49014  -1.25352 -0.62656 0.49061  18 DA C "O4'" 
474 C "C3'" . DA C 10 ? 8.13910  7.77544 5.13842  -1.37686 -0.63484 0.54030  18 DA C "C3'" 
475 O "O3'" . DA C 10 ? 7.85498  7.64458 4.93852  -1.25529 -0.54681 0.55487  18 DA C "O3'" 
476 C "C2'" . DA C 10 ? 8.55487  7.79872 5.24042  -1.26844 -0.74716 0.58125  18 DA C "C2'" 
477 C "C1'" . DA C 10 ? 8.66958  7.87011 5.40836  -1.13705 -0.69854 0.55215  18 DA C "C1'" 
478 N N9    . DA C 10 ? 9.05253  7.93874 5.56876  -1.07875 -0.79404 0.55675  18 DA C N9    
479 C C8    . DA C 10 ? 9.19470  8.01979 5.70220  -1.18313 -0.84140 0.51260  18 DA C C8    
480 N N7    . DA C 10 ? 9.41790  7.95454 5.70542  -1.09732 -0.92206 0.52018  18 DA C N7    
481 C C5    . DA C 10 ? 9.39981  7.78952 5.53942  -0.92227 -0.93246 0.57510  18 DA C C5    
482 C C6    . DA C 10 ? 9.46709  7.55306 5.35645  -0.76288 -1.00625 0.60252  18 DA C C6    
483 N N6    . DA C 10 ? 9.59885  7.46557 5.34107  -0.76243 -1.08219 0.57820  18 DA C N6    
484 N N1    . DA C 10 ? 9.35551  7.38765 5.15392  -0.60213 -0.99952 0.64740  18 DA C N1    
485 C C2    . DA C 10 ? 9.16543  7.44257 5.11577  -0.60578 -0.91973 0.66199  18 DA C C2    
486 N N3    . DA C 10 ? 9.05563  7.62798 5.24703  -0.75300 -0.84212 0.63927  18 DA C N3    
487 C C4    . DA C 10 ? 9.19842  7.80650 5.47443  -0.90668 -0.85446 0.59688  18 DA C C4    
488 P P     . DG C 11 ? 8.32113  8.13586 5.29147  -1.22334 -0.57406 0.60656  19 DG C P     
489 O OP1   . DG C 11 ? 7.91238  8.03783 5.09321  -1.16870 -0.44720 0.58305  19 DG C OP1   
490 O OP2   . DG C 11 ? 8.33777  8.13579 5.24219  -1.40400 -0.65421 0.62344  19 DG C OP2   
491 O "O5'" . DG C 11 ? 8.63852  8.09456 5.29430  -1.02575 -0.66219 0.66046  19 DG C "O5'" 
492 C "C5'" . DG C 11 ? 8.61939  7.93475 5.05385  -0.97777 -0.74315 0.71731  19 DG C "C5'" 
493 C "C4'" . DG C 11 ? 8.77828  7.84866 4.98795  -0.74475 -0.78680 0.74825  19 DG C "C4'" 
494 O "O4'" . DG C 11 ? 9.12663  7.93179 5.22484  -0.69895 -0.83714 0.73899  19 DG C "O4'" 
495 C "C3'" . DG C 11 ? 8.95154  7.77860 4.86851  -0.67730 -0.89999 0.80981  19 DG C "C3'" 
496 O "O3'" . DG C 11 ? 8.90162  7.64802 4.69245  -0.44339 -0.90399 0.82101  19 DG C "O3'" 
497 C "C2'" . DG C 11 ? 9.39590  7.86532 5.10650  -0.75326 -1.01397 0.82633  19 DG C "C2'" 
498 C "C1'" . DG C 11 ? 9.44660  7.88540 5.23521  -0.67363 -0.97293 0.78263  19 DG C "C1'" 
499 N N9    . DG C 11 ? 9.77318  8.04848 5.52526  -0.79367 -1.02423 0.75909  19 DG C N9    
500 C C8    . DG C 11 ? 9.79574  8.25579 5.74758  -0.98640 -0.98478 0.71528  19 DG C C8    
501 N N7    . DG C 11 ? 10.09179 8.36608 5.95577  -1.04946 -1.04553 0.69116  19 DG C N7    
502 C C5    . DG C 11 ? 10.25317 8.19006 5.84592  -0.89182 -1.12769 0.72229  19 DG C C5    
503 C C6    . DG C 11 ? 10.49342 8.12915 5.89226  -0.87657 -1.21373 0.70823  19 DG C C6    
504 O O6    . DG C 11 ? 10.66015 8.27607 6.08589  -1.00323 -1.23489 0.66291  19 DG C O6    
505 N N1    . DG C 11 ? 10.51250 7.86362 5.66630  -0.68810 -1.27958 0.74367  19 DG C N1    
506 C C2    . DG C 11 ? 10.33422 7.69977 5.43383  -0.52807 -1.26700 0.78492  19 DG C C2    
507 N N2    . DG C 11 ? 10.38032 7.45271 5.23111  -0.34990 -1.34406 0.80668  19 DG C N2    
508 N N3    . DG C 11 ? 10.09633 7.75631 5.37370  -0.53993 -1.18557 0.79578  19 DG C N3    
509 C C4    . DG C 11 ? 10.06218 7.99290 5.58346  -0.72846 -1.11740 0.76411  19 DG C C4    
510 P P     . DT C 12 ? 8.73747  7.35513 4.28151  -0.31410 -0.98485 0.87289  20 DT C P     
511 O OP1   . DT C 12 ? 8.76889  7.49135 4.31313  -0.09057 -0.93658 0.85249  20 DT C OP1   
512 O OP2   . DT C 12 ? 8.65877  7.46042 4.27382  -0.46887 -0.97765 0.89361  20 DT C OP2   
513 O "O5'" . DT C 12 ? 9.04545  7.17316 4.25181  -0.28038 -1.13497 0.91563  20 DT C "O5'" 
514 C "C5'" . DT C 12 ? 9.17792  7.07780 4.27607  -0.14483 -1.16685 0.89808  20 DT C "C5'" 
515 C "C4'" . DT C 12 ? 9.56794  7.00817 4.31998  -0.10325 -1.31433 0.93955  20 DT C "C4'" 
516 O "O4'" . DT C 12 ? 9.79589  7.05788 4.53165  -0.24383 -1.34907 0.92122  20 DT C "O4'" 
517 C "C3'" . DT C 12 ? 9.77865  7.08444 4.34838  -0.17828 -1.39348 0.99970  20 DT C "C3'" 
518 O "O3'" . DT C 12 ? 10.17206 7.06590 4.39539  -0.03098 -1.51812 1.03796  20 DT C "O3'" 
519 C "C2'" . DT C 12 ? 9.95754  7.22224 4.58131  -0.44324 -1.40704 0.99803  20 DT C "C2'" 
520 C "C1'" . DT C 12 ? 10.10963 7.15809 4.67644  -0.40520 -1.43589 0.96097  20 DT C "C1'" 
521 N N1    . DT C 12 ? 10.27134 7.35497 4.95795  -0.62776 -1.42265 0.92480  20 DT C N1    
522 C C2    . DT C 12 ? 10.53280 7.31485 5.05910  -0.64435 -1.49501 0.90533  20 DT C C2    
523 O O2    . DT C 12 ? 10.63229 7.10632 4.92415  -0.48860 -1.56994 0.91791  20 DT C O2    
524 N N3    . DT C 12 ? 10.64549 7.51596 5.29974  -0.84879 -1.47677 0.86183  20 DT C N3    
525 C C4    . DT C 12 ? 10.57089 7.78622 5.49094  -1.02946 -1.39894 0.83646  20 DT C C4    
526 O O4    . DT C 12 ? 10.73544 8.01891 5.75106  -1.19776 -1.39308 0.78915  20 DT C O4    
527 C C5    . DT C 12 ? 10.25370 7.76000 5.33322  -1.00357 -1.32578 0.86052  20 DT C C5    
528 C C7    . DT C 12 ? 10.04112 7.93707 5.41764  -1.18878 -1.23861 0.82895  20 DT C C7    
529 C C6    . DT C 12 ? 10.13087 7.56258 5.08755  -0.80826 -1.33926 0.90261  20 DT C C6    
530 P P     . DG C 13 ? 10.37533 7.24595 4.45271  0.25000  -1.54502 1.04817  21 DG C P     
531 O OP1   . DG C 13 ? 10.19179 7.36836 4.48906  0.38095  -1.43967 0.98944  21 DG C OP1   
532 O OP2   . DG C 13 ? 10.44599 7.36561 4.43479  0.23947  -1.57253 1.09958  21 DG C OP2   
533 O "O5'" . DG C 13 ? 10.80070 7.16292 4.53074  0.37487  -1.68146 1.06525  21 DG C "O5'" 
534 C "C5'" . DG C 13 ? 10.82107 7.01485 4.55047  0.33581  -1.69530 1.02915  21 DG C "C5'" 
535 C "C4'" . DG C 13 ? 11.21115 6.91726 4.62800  0.27072  -1.82600 1.06096  21 DG C "C4'" 
536 O "O4'" . DG C 13 ? 11.10710 6.81674 4.62196  0.00629  -1.80877 1.04984  21 DG C "O4'" 
537 C "C3'" . DG C 13 ? 11.56257 7.01283 4.70500  0.27941  -1.92013 1.13244  21 DG C "C3'" 
538 O "O3'" . DG C 13 ? 12.02645 6.97541 4.83660  0.33218  -2.04482 1.14773  21 DG C "O3'" 
539 C "C2'" . DG C 13 ? 11.44491 7.02588 4.70493  -0.00661 -1.88561 1.15931  21 DG C "C2'" 
540 C "C1'" . DG C 13 ? 11.33129 6.87079 4.68879  -0.15730 -1.86857 1.10779  21 DG C "C1'" 
541 N N9    . DG C 13 ? 11.14809 6.97534 4.75457  -0.41182 -1.79328 1.09178  21 DG C N9    
542 C C8    . DG C 13 ? 10.86668 7.09124 4.71623  -0.49085 -1.70460 1.09814  21 DG C C8    
543 N N7    . DG C 13 ? 10.86168 7.28429 4.90759  -0.72328 -1.65412 1.07092  21 DG C N7    
544 C C5    . DG C 13 ? 11.13512 7.28230 5.05741  -0.80336 -1.71235 1.04369  21 DG C C5    
545 C C6    . DG C 13 ? 11.33596 7.54976 5.36862  -1.03423 -1.69762 0.99890  21 DG C C6    
546 O O6    . DG C 13 ? 11.27895 7.81084 5.54838  -1.21599 -1.63120 0.97497  21 DG C O6    
547 N N1    . DG C 13 ? 11.60877 7.48637 5.44717  -1.04114 -1.77164 0.97278  21 DG C N1    
548 C C2    . DG C 13 ? 11.67732 7.19333 5.25415  -0.84762 -1.84949 0.98860  21 DG C C2    
549 N N2    . DG C 13 ? 11.91831 7.15393 5.34137  -0.89458 -1.91115 0.95085  21 DG C N2    
550 N N3    . DG C 13 ? 11.51318 6.95758 4.98404  -0.62594 -1.86802 1.03089  21 DG C N3    
551 C C4    . DG C 13 ? 11.26724 7.04585 4.92170  -0.61698 -1.79592 1.05621  21 DG C C4    
552 P P     . DC C 14 ? 12.11016 6.98185 4.85493  0.38038  -2.08073 1.22520  22 DC C P     
553 O OP1   . DC C 14 ? 12.08880 7.00502 4.88886  0.63575  -2.08439 1.21725  22 DC C OP1   
554 O OP2   . DC C 14 ? 12.11649 7.11716 4.83274  0.31738  -2.07259 1.27765  22 DC C OP2   
555 O "O5'" . DC C 14 ? 12.10580 6.87024 4.92286  0.16738  -2.07182 1.23739  22 DC C "O5'" 
556 C "C5'" . DC C 14 ? 12.08326 6.85741 4.90584  -0.10905 -2.06056 1.24680  22 DC C "C5'" 
557 C "C4'" . DC C 14 ? 12.05755 6.73005 4.93230  -0.27802 -2.05429 1.19597  22 DC C "C4'" 
558 O "O4'" . DC C 14 ? 12.00443 6.71414 4.86954  -0.51929 -2.05626 1.16401  22 DC C "O4'" 
559 C "C3'" . DC C 14 ? 12.04332 6.71514 5.01827  -0.38805 -2.02020 1.22445  22 DC C "C3'" 
560 O "O3'" . DC C 14 ? 12.03755 6.60787 5.05808  -0.43363 -2.01564 1.16011  22 DC C "O3'" 
561 C "C2'" . DC C 14 ? 11.97905 6.76257 4.98067  -0.64510 -2.00226 1.23858  22 DC C "C2'" 
562 C "C1'" . DC C 14 ? 11.94178 6.71398 4.90298  -0.75181 -2.02698 1.17299  22 DC C "C1'" 
563 N N1    . DC C 14 ? 11.85114 6.78409 4.84054  -0.98732 -2.01907 1.18186  22 DC C N1    
564 C C2    . DC C 14 ? 11.82426 6.84178 4.91055  -1.25118 -2.00189 1.13364  22 DC C C2    
565 O O2    . DC C 14 ? 11.98794 6.92185 5.11121  -1.27229 -1.99626 1.08073  22 DC C O2    
566 N N3    . DC C 14 ? 11.54942 6.96552 4.89824  -1.41793 -1.92529 1.12156  22 DC C N3    
567 C C4    . DC C 14 ? 11.20355 6.90601 4.70094  -1.33571 -1.86850 1.15573  22 DC C C4    
568 N N4    . DC C 14 ? 10.85190 6.97058 4.63674  -1.50100 -1.78560 1.13327  22 DC C N4    
569 C C5    . DC C 14 ? 11.35803 6.94426 4.71446  -1.08011 -1.89585 1.20614  22 DC C C5    
570 C C6    . DC C 14 ? 11.71761 6.88435 4.78682  -0.91831 -1.98405 1.21964  22 DC C C6    
571 P P     . DA C 15 ? 12.04694 6.57659 5.17567  -0.44788 -1.97574 1.16934  23 DA C P     
572 O OP1   . DA C 15 ? 12.05105 6.48156 5.20313  -0.43663 -1.98235 1.08697  23 DA C OP1   
573 O OP2   . DA C 15 ? 12.08311 6.65192 5.23344  -0.27145 -1.96443 1.25393  23 DA C OP2   
574 O "O5'" . DA C 15 ? 11.98907 6.59754 5.18367  -0.70912 -1.93740 1.17158  23 DA C "O5'" 
575 C "C5'" . DA C 15 ? 11.98824 6.58441 5.28806  -0.76761 -1.88738 1.17772  23 DA C "C5'" 
576 C "C4'" . DA C 15 ? 11.90963 6.56145 5.28037  -1.02449 -1.86100 1.10904  23 DA C "C4'" 
577 O "O4'" . DA C 15 ? 11.83751 6.60583 5.17321  -1.16974 -1.88128 1.10423  23 DA C "O4'" 
578 C "C3'" . DA C 15 ? 11.88718 6.59217 5.36653  -1.12395 -1.79916 1.13605  23 DA C "C3'" 
579 O "O3'" . DA C 15 ? 11.82008 6.55374 5.38936  -1.31491 -1.77365 1.03998  23 DA C "O3'" 
580 C "C2'" . DA C 15 ? 11.84348 6.68560 5.29994  -1.19552 -1.79654 1.20260  23 DA C "C2'" 
581 C "C1'" . DA C 15 ? 11.78418 6.68203 5.17944  -1.28976 -1.84385 1.15320  23 DA C "C1'" 
582 N N9    . DA C 15 ? 11.78324 6.76660 5.10543  -1.24622 -1.86836 1.21918  23 DA C N9    
583 C C8    . DA C 15 ? 11.87012 6.81641 5.10953  -1.02474 -1.88877 1.29188  23 DA C C8    
584 N N7    . DA C 15 ? 11.84638 6.90786 5.03613  -1.04297 -1.90671 1.32812  23 DA C N7    
585 C C5    . DA C 15 ? 11.72305 6.91421 4.98320  -1.30491 -1.89462 1.28232  23 DA C C5    
586 C C6    . DA C 15 ? 11.61690 7.00433 4.90475  -1.46957 -1.89648 1.28867  23 DA C C6    
587 N N6    . DA C 15 ? 11.64258 7.10726 4.86420  -1.38623 -1.91432 1.34284  23 DA C N6    
588 N N1    . DA C 15 ? 11.46381 7.00325 4.87360  -1.72914 -1.87462 1.23055  23 DA C N1    
589 C C2    . DA C 15 ? 11.44025 6.91864 4.91515  -1.80518 -1.85725 1.16436  23 DA C C2    
590 N N3    . DA C 15 ? 11.54604 6.83031 4.99038  -1.67157 -1.85463 1.14818  23 DA C N3    
591 C C4    . DA C 15 ? 11.67994 6.83056 5.02271  -1.42613 -1.87216 1.21355  23 DA C C4    
592 O "O5'" . DG D 1  ? 5.45543  6.03283 4.98903  -0.45201 0.16567  1.94870  1  DG D "O5'" 
593 C "C5'" . DG D 1  ? 5.53089  6.05351 5.14629  -0.50037 0.05548  2.06912  1  DG D "C5'" 
594 C "C4'" . DG D 1  ? 5.47701  6.29965 5.27658  -0.61732 0.00570  2.21475  1  DG D "C4'" 
595 O "O4'" . DG D 1  ? 5.53087  6.34610 5.44118  -0.67212 -0.08931 2.35249  1  DG D "O4'" 
596 C "C3'" . DG D 1  ? 5.52061  6.32199 5.39344  -0.64592 -0.08294 2.24612  1  DG D "C3'" 
597 O "O3'" . DG D 1  ? 5.42451  6.40323 5.28690  -0.64497 0.00587  2.16986  1  DG D "O3'" 
598 C "C2'" . DG D 1  ? 5.51195  6.53002 5.57108  -0.75982 -0.17338 2.42625  1  DG D "C2'" 
599 C "C1'" . DG D 1  ? 5.56941  6.45674 5.64033  -0.75031 -0.21089 2.47951  1  DG D "C1'" 
600 N N9    . DG D 1  ? 5.72134  6.27172 5.82025  -0.71457 -0.34388 2.49132  1  DG D N9    
601 C C8    . DG D 1  ? 5.80492  6.09612 5.85333  -0.65242 -0.36736 2.44353  1  DG D C8    
602 N N7    . DG D 1  ? 5.93356  5.97725 6.05022  -0.63540 -0.49462 2.44952  1  DG D N7    
603 C C5    . DG D 1  ? 5.93761  6.07033 6.14666  -0.68883 -0.56099 2.51465  1  DG D C5    
604 C C6    . DG D 1  ? 6.04956  6.01375 6.36519  -0.69867 -0.69971 2.54551  1  DG D C6    
605 O O6    . DG D 1  ? 6.16952  5.87442 6.53280  -0.66138 -0.79292 2.51033  1  DG D O6    
606 N N1    . DG D 1  ? 6.01064  6.14671 6.38909  -0.75925 -0.72555 2.61403  1  DG D N1    
607 C C2    . DG D 1  ? 5.87951  6.32309 6.23354  -0.80601 -0.63065 2.64007  1  DG D C2    
608 N N2    . DG D 1  ? 5.86198  6.43960 6.29133  -0.86267 -0.67659 2.70073  1  DG D N2    
609 N N3    . DG D 1  ? 5.77160  6.39084 6.04367  -0.79918 -0.49959 2.60134  1  DG D N3    
610 C C4    . DG D 1  ? 5.80845  6.25173 6.00566  -0.73865 -0.47134 2.54345  1  DG D C4    
611 P P     . DA D 2  ? 5.54910  6.39602 5.40499  -0.61966 -0.04474 2.12404  2  DA D P     
612 O OP1   . DA D 2  ? 5.40768  6.58714 5.37914  -0.69154 -0.00514 2.14554  2  DA D OP1   
613 O OP2   . DA D 2  ? 5.63821  6.22479 5.33971  -0.51087 0.00529  1.98556  2  DA D OP2   
614 O "O5'" . DA D 2  ? 5.72319  6.37668 5.64264  -0.64726 -0.21027 2.22869  2  DA D "O5'" 
615 C "C5'" . DA D 2  ? 5.68469  6.52889 5.76394  -0.74633 -0.29643 2.36402  2  DA D "C5'" 
616 C "C4'" . DA D 2  ? 5.81567  6.50366 5.90269  -0.73552 -0.38298 2.35507  2  DA D "C4'" 
617 O "O4'" . DA D 2  ? 5.97161  6.39959 6.09013  -0.72587 -0.51603 2.40504  2  DA D "O4'" 
618 C "C3'" . DA D 2  ? 5.88419  6.40781 5.83607  -0.64672 -0.31829 2.20771  2  DA D "C3'" 
619 O "O3'" . DA D 2  ? 5.85756  6.51170 5.86532  -0.67777 -0.31722 2.20739  2  DA D "O3'" 
620 C "C2'" . DA D 2  ? 6.12634  6.28864 5.99455  -0.57979 -0.40514 2.16544  2  DA D "C2'" 
621 C "C1'" . DA D 2  ? 6.12841  6.24558 6.11131  -0.63088 -0.52268 2.28115  2  DA D "C1'" 
622 N N9    . DA D 2  ? 6.20706  6.14852 6.13575  -0.58214 -0.52394 2.24334  2  DA D N9    
623 C C8    . DA D 2  ? 6.11996  6.07739 5.94183  -0.53562 -0.41355 2.17162  2  DA D C8    
624 N N7    . DA D 2  ? 6.21161  5.98856 6.00793  -0.49918 -0.44537 2.14983  2  DA D N7    
625 C C5    . DA D 2  ? 6.37639  6.01282 6.28827  -0.52350 -0.58712 2.20542  2  DA D C5    
626 C C6    . DA D 2  ? 6.53604  5.96005 6.51223  -0.50476 -0.68486 2.20026  2  DA D C6    
627 N N6    . DA D 2  ? 6.55513  5.87021 6.47265  -0.45710 -0.65210 2.14022  2  DA D N6    
628 N N1    . DA D 2  ? 6.66490  6.00046 6.78607  -0.53853 -0.81907 2.25545  2  DA D N1    
629 C C2    . DA D 2  ? 6.66816  6.11148 6.83903  -0.58554 -0.85084 2.31542  2  DA D C2    
630 N N3    . DA D 2  ? 6.52835  6.17230 6.64102  -0.60852 -0.76884 2.32899  2  DA D N3    
631 C C4    . DA D 2  ? 6.36910  6.10275 6.35919  -0.57467 -0.63702 2.26708  2  DA D C4    
632 P P     . DT D 3  ? 6.09919  6.62996 6.01724  -0.60189 -0.25861 2.08073  3  DT D P     
633 O OP1   . DT D 3  ? 6.02649  6.81690 6.04973  -0.65256 -0.21877 2.08294  3  DT D OP1   
634 O OP2   . DT D 3  ? 6.00327  6.42709 5.79996  -0.52072 -0.16288 1.97567  3  DT D OP2   
635 O "O5'" . DT D 3  ? 6.35800  6.59030 6.22926  -0.57155 -0.38118 2.08949  3  DT D "O5'" 
636 C "C5'" . DT D 3  ? 6.50320  6.74528 6.47627  -0.63767 -0.50277 2.19715  3  DT D "C5'" 
637 C "C4'" . DT D 3  ? 6.74343  6.68022 6.66553  -0.59718 -0.61049 2.18192  3  DT D "C4'" 
638 O "O4'" . DT D 3  ? 6.77071  6.57629 6.67370  -0.57469 -0.63754 2.18030  3  DT D "O4'" 
639 C "C3'" . DT D 3  ? 6.83096  6.58004 6.62253  -0.51715 -0.58318 2.06769  3  DT D "C3'" 
640 O "O3'" . DT D 3  ? 7.06776  6.67137 6.87336  -0.52308 -0.69217 2.08443  3  DT D "O3'" 
641 C "C2'" . DT D 3  ? 6.87100  6.45416 6.55122  -0.44975 -0.55351 1.99017  3  DT D "C2'" 
642 C "C1'" . DT D 3  ? 6.94987  6.50032 6.72554  -0.49300 -0.64548 2.07064  3  DT D "C1'" 
643 N N1    . DT D 3  ? 6.89633  6.35258 6.61702  -0.45265 -0.61820 2.02771  3  DT D N1    
644 C C2    . DT D 3  ? 7.10118  6.43835 6.90577  -0.46779 -0.71890 2.06636  3  DT D C2    
645 O O2    . DT D 3  ? 7.32469  6.63058 7.25389  -0.51303 -0.83091 2.13670  3  DT D O2    
646 N N3    . DT D 3  ? 7.01145  6.26630 6.76496  -0.42761 -0.68616 2.01799  3  DT D N3    
647 C C4    . DT D 3  ? 6.72693  6.00608 6.34170  -0.37486 -0.56399 1.93969  3  DT D C4    
648 O O4    . DT D 3  ? 6.72990  5.92912 6.30348  -0.34200 -0.54409 1.90174  3  DT D O4    
649 C C5    . DT D 3  ? 6.58966  5.99489 6.12891  -0.36107 -0.46384 1.90422  3  DT D C5    
650 C C7    . DT D 3  ? 6.47338  5.91569 5.88614  -0.30444 -0.33108 1.81989  3  DT D C7    
651 C C6    . DT D 3  ? 6.63951  6.12523 6.24171  -0.39981 -0.49606 1.94720  3  DT D C6    
652 P P     . DG D 4  ? 7.02259  6.64366 6.81908  -0.52123 -0.69013 2.06769  4  DG D P     
653 O OP1   . DG D 4  ? 6.95150  6.78296 6.87898  -0.60189 -0.71262 2.16299  4  DG D OP1   
654 O OP2   . DG D 4  ? 6.93745  6.55294 6.64035  -0.45768 -0.58250 1.97427  4  DG D OP2   
655 O "O5'" . DG D 4  ? 7.27526  6.66831 7.03799  -0.50301 -0.80607 2.05125  4  DG D "O5'" 
656 C "C5'" . DG D 4  ? 7.31891  6.66493 7.05173  -0.49314 -0.82877 2.03184  4  DG D "C5'" 
657 C "C4'" . DG D 4  ? 7.50345  6.63644 7.16325  -0.45473 -0.90588 1.97010  4  DG D "C4'" 
658 O "O4'" . DG D 4  ? 7.50802  6.54198 7.13130  -0.42214 -0.90808 1.91982  4  DG D "O4'" 
659 C "C3'" . DG D 4  ? 7.54153  6.61551 7.08673  -0.40179 -0.86534 1.89415  4  DG D "C3'" 
660 O "O3'" . DG D 4  ? 7.76198  6.69925 7.27313  -0.39326 -0.95713 1.85655  4  DG D "O3'" 
661 C "C2'" . DG D 4  ? 7.43951  6.48728 6.89074  -0.34496 -0.78077 1.82103  4  DG D "C2'" 
662 C "C1'" . DG D 4  ? 7.49180  6.46341 6.97687  -0.35419 -0.83648 1.82119  4  DG D "C1'" 
663 N N9    . DG D 4  ? 7.32551  6.34304 6.78445  -0.33310 -0.75426 1.80507  4  DG D N9    
664 C C8    . DG D 4  ? 7.12570  6.30425 6.59826  -0.33866 -0.64925 1.82814  4  DG D C8    
665 N N7    . DG D 4  ? 7.00743  6.19710 6.44581  -0.31651 -0.59072 1.80276  4  DG D N7    
666 C C5    . DG D 4  ? 7.13825  6.15648 6.54203  -0.29402 -0.66382 1.76178  4  DG D C5    
667 C C6    . DG D 4  ? 7.11777  6.06606 6.48341  -0.26502 -0.64814 1.72093  4  DG D C6    
668 O O6    . DG D 4  ? 6.91838  5.94138 6.25763  -0.25308 -0.56261 1.71900  4  DG D O6    
669 N N1    . DG D 4  ? 7.38340  6.16198 6.75068  -0.24905 -0.74435 1.66921  4  DG D N1    
670 C C2    . DG D 4  ? 7.63753  6.33678 7.04031  -0.26208 -0.84115 1.65738  4  DG D C2    
671 N N2    . DG D 4  ? 7.83146  6.38706 7.25360  -0.24419 -0.92309 1.58528  4  DG D N2    
672 N N3    . DG D 4  ? 7.65729  6.41934 7.08109  -0.28967 -0.85482 1.70249  4  DG D N3    
673 C C4    . DG D 4  ? 7.39488  6.31234 6.81832  -0.30395 -0.76389 1.75584  4  DG D C4    
674 P P     . DC D 5  ? 8.01922  6.90711 7.41310  -0.34826 -0.93951 1.78546  5  DC D P     
675 O OP1   . DC D 5  ? 8.20296  7.04103 7.62062  -0.37593 -1.03709 1.79525  5  DC D OP1   
676 O OP2   . DC D 5  ? 7.85434  6.85181 7.23238  -0.33060 -0.83555 1.80053  5  DC D OP2   
677 O "O5'" . DC D 5  ? 8.16610  6.94957 7.45932  -0.29544 -0.93371 1.68124  5  DC D "O5'" 
678 C "C5'" . DC D 5  ? 8.36907  7.04222 7.69409  -0.30040 -1.02498 1.63461  5  DC D "C5'" 
679 C "C4'" . DC D 5  ? 8.47659  7.07738 7.70319  -0.24671 -1.00149 1.52395  5  DC D "C4'" 
680 O "O4'" . DC D 5  ? 8.29538  6.91582 7.52605  -0.23287 -0.93260 1.54098  5  DC D "O4'" 
681 C "C3'" . DC D 5  ? 8.52440  7.15546 7.60871  -0.20382 -0.94534 1.46286  5  DC D "C3'" 
682 O "O3'" . DC D 5  ? 8.69572  7.27588 7.73319  -0.19379 -1.01506 1.36733  5  DC D "O3'" 
683 C "C2'" . DC D 5  ? 8.38271  7.01856 7.39095  -0.15863 -0.85287 1.42793  5  DC D "C2'" 
684 C "C1'" . DC D 5  ? 8.30178  6.89298 7.40325  -0.17640 -0.87444 1.45014  5  DC D "C1'" 
685 N N1    . DC D 5  ? 8.06392  6.71390 7.14831  -0.16037 -0.77413 1.47969  5  DC D N1    
686 C C2    . DC D 5  ? 8.00076  6.59101 7.05864  -0.13351 -0.75763 1.42905  5  DC D C2    
687 O O2    . DC D 5  ? 8.12838  6.61448 7.18594  -0.12088 -0.82743 1.35267  5  DC D O2    
688 N N3    . DC D 5  ? 7.75224  6.40815 6.78844  -0.11986 -0.66160 1.45329  5  DC D N3    
689 C C4    . DC D 5  ? 7.56251  6.34772 6.62191  -0.13396 -0.58586 1.51607  5  DC D C4    
690 N N4    . DC D 5  ? 7.33762  6.20177 6.38689  -0.12204 -0.49050 1.52575  5  DC D N4    
691 C C5    . DC D 5  ? 7.60318  6.44970 6.70638  -0.16054 -0.60329 1.56248  5  DC D C5    
692 C C6    . DC D 5  ? 7.85763  6.62916 6.96469  -0.17295 -0.69784 1.54852  5  DC D C6    
693 P P     . DA D 6  ? 8.89759  7.52331 7.93048  -0.22100 -1.06965 1.37881  6  DA D P     
694 O OP1   . DA D 6  ? 8.96071  7.54044 8.12452  -0.26744 -1.16080 1.41653  6  DA D OP1   
695 O OP2   . DA D 6  ? 8.82041  7.54517 7.81191  -0.21741 -0.99427 1.45390  6  DA D OP2   
696 O "O5'" . DA D 6  ? 8.96991  7.59296 7.90700  -0.19552 -1.10481 1.24302  6  DA D "O5'" 
697 C "C5'" . DA D 6  ? 8.89450  7.56824 7.70125  -0.15311 -1.03578 1.19371  6  DA D "C5'" 
698 C "C4'" . DA D 6  ? 8.80629  7.40949 7.58112  -0.11923 -1.04205 1.07541  6  DA D "C4'" 
699 O "O4'" . DA D 6  ? 8.70478  7.26409 7.48837  -0.09715 -0.97015 1.12159  6  DA D "O4'" 
700 C "C3'" . DA D 6  ? 8.73981  7.41213 7.37610  -0.08674 -1.02188 0.97158  6  DA D "C3'" 
701 O "O3'" . DA D 6  ? 8.73240  7.34885 7.38056  -0.07331 -1.07628 0.82745  6  DA D "O3'" 
702 C "C2'" . DA D 6  ? 8.64118  7.33024 7.19977  -0.04875 -0.91493 1.02213  6  DA D "C2'" 
703 C "C1'" . DA D 6  ? 8.58718  7.17932 7.24234  -0.05119 -0.89563 1.07426  6  DA D "C1'" 
704 N N9    . DA D 6  ? 8.48653  7.12014 7.13896  -0.04079 -0.79900 1.17393  6  DA D N9    
705 C C8    . DA D 6  ? 8.52957  7.24350 7.21809  -0.05980 -0.76575 1.27306  6  DA D C8    
706 N N7    . DA D 6  ? 8.38804  7.13933 7.09323  -0.04462 -0.67530 1.32893  6  DA D N7    
707 C C5    . DA D 6  ? 8.27060  6.96138 6.93126  -0.01450 -0.64529 1.27083  6  DA D C5    
708 C C6    . DA D 6  ? 8.06531  6.76979 6.71744  0.01076  -0.55353 1.28447  6  DA D C6    
709 N N6    . DA D 6  ? 7.91775  6.71129 6.62094  0.00993  -0.47268 1.35181  6  DA D N6    
710 N N1    . DA D 6  ? 7.94860  6.58089 6.55150  0.03588  -0.54766 1.21875  6  DA D N1    
711 C C2    . DA D 6  ? 8.00921  6.55940 6.59109  0.03682  -0.63092 1.13654  6  DA D C2    
712 N N3    . DA D 6  ? 8.18246  6.72014 6.78249  0.01472  -0.72107 1.10242  6  DA D N3    
713 C C4    . DA D 6  ? 8.31992  6.93193 6.95045  -0.01117 -0.72210 1.17793  6  DA D C4    
714 P P     . DC D 7  ? 8.98070  7.69535 7.50334  -0.05108 -1.08230 0.68375  7  DC D P     
715 O OP1   . DC D 7  ? 9.13272  7.82302 7.74165  -0.06509 -1.17754 0.53593  7  DC D OP1   
716 O OP2   . DC D 7  ? 9.01700  7.88405 7.44275  -0.06236 -1.05028 0.74958  7  DC D OP2   
717 O "O5'" . DC D 7  ? 8.69949  7.36589 7.13898  -0.00029 -1.00712 0.65166  7  DC D "O5'" 
718 C "C5'" . DC D 7  ? 8.63401  7.39141 6.93601  0.02647  -0.92475 0.69273  7  DC D "C5'" 
719 C "C4'" . DC D 7  ? 8.44610  7.11885 6.72305  0.06557  -0.84216 0.72888  7  DC D "C4'" 
720 O "O4'" . DC D 7  ? 8.51578  7.17031 6.86115  0.05266  -0.79267 0.87497  7  DC D "O4'" 
721 C "C3'" . DC D 7  ? 8.20531  6.95287 6.33558  0.10561  -0.76785 0.71132  7  DC D "C3'" 
722 O "O3'" . DC D 7  ? 8.10966  6.84756 6.17099  0.13019  -0.79198 0.56090  7  DC D "O3'" 
723 C "C2'" . DC D 7  ? 8.12423  6.80644 6.27216  0.12949  -0.67607 0.80578  7  DC D "C2'" 
724 C "C1'" . DC D 7  ? 8.32231  6.96137 6.61532  0.08984  -0.69806 0.90645  7  DC D "C1'" 
725 N N1    . DC D 7  ? 8.36785  7.07513 6.69370  0.08272  -0.63068 1.03461  7  DC D N1    
726 C C2    . DC D 7  ? 8.23451  6.93743 6.55915  0.10950  -0.53513 1.07916  7  DC D C2    
727 O O2    . DC D 7  ? 8.04445  6.68363 6.32462  0.13746  -0.50784 1.02264  7  DC D O2    
728 N N3    . DC D 7  ? 8.28359  7.06011 6.66996  0.10301  -0.47485 1.17661  7  DC D N3    
729 C C4    . DC D 7  ? 8.44928  7.29129 6.89375  0.07178  -0.50889 1.23850  7  DC D C4    
730 N N4    . DC D 7  ? 8.42436  7.33908 6.95609  0.06710  -0.44866 1.32579  7  DC D N4    
731 C C5    . DC D 7  ? 8.58697  7.43170 7.01679  0.04284  -0.60546 1.20683  7  DC D C5    
732 C C6    . DC D 7  ? 8.54391  7.32551 6.91557  0.04924  -0.66242 1.10015  7  DC D C6    
733 P P     . DT D 8  ? 8.54182  7.38832 6.43624  0.16559  -0.73984 0.51143  8  DT D P     
734 O OP1   . DT D 8  ? 8.61749  7.46895 6.46978  0.17839  -0.78877 0.33334  8  DT D OP1   
735 O OP2   . DT D 8  ? 8.57486  7.58070 6.42905  0.14424  -0.72967 0.60156  8  DT D OP2   
736 O "O5'" . DT D 8  ? 8.25532  7.01493 6.12014  0.20724  -0.63839 0.58247  8  DT D "O5'" 
737 C "C5'" . DT D 8  ? 8.03633  6.88347 5.80474  0.23312  -0.56195 0.64250  8  DT D "C5'" 
738 C "C4'" . DT D 8  ? 7.79836  6.55454 5.53779  0.27621  -0.47334 0.65957  8  DT D "C4'" 
739 O "O4'" . DT D 8  ? 7.88053  6.57563 5.73914  0.26305  -0.43385 0.76804  8  DT D "O4'" 
740 C "C3'" . DT D 8  ? 7.58199  6.42337 5.21288  0.31203  -0.39747 0.68881  8  DT D "C3'" 
741 O "O3'" . DT D 8  ? 7.41849  6.21343 4.93797  0.35231  -0.37338 0.58539  8  DT D "O3'" 
742 C "C2'" . DT D 8  ? 7.55566  6.38195 5.27140  0.31945  -0.31206 0.81595  8  DT D "C2'" 
743 C "C1'" . DT D 8  ? 7.79808  6.54741 5.65139  0.28369  -0.34193 0.85716  8  DT D "C1'" 
744 N N1    . DT D 8  ? 8.07708  6.89494 6.04206  0.24814  -0.35050 0.96571  8  DT D N1    
745 C C2    . DT D 8  ? 8.09719  6.94411 6.14972  0.25320  -0.27126 1.05795  8  DT D C2    
746 O O2    . DT D 8  ? 7.89405  6.72257 5.93237  0.28546  -0.18965 1.05563  8  DT D O2    
747 N N3    . DT D 8  ? 8.33754  7.24720 6.50523  0.21773  -0.29085 1.14555  8  DT D N3    
748 C C4    . DT D 8  ? 8.53446  7.47514 6.72426  0.17838  -0.37808 1.15775  8  DT D C4    
749 O O4    . DT D 8  ? 8.69964  7.69465 6.99489  0.14814  -0.38910 1.24138  8  DT D O4    
750 C C5    . DT D 8  ? 8.50397  7.41899 6.59478  0.17433  -0.45488 1.05631  8  DT D C5    
751 C C7    . DT D 8  ? 8.68834  7.65263 6.79913  0.13100  -0.54925 1.04855  8  DT D C7    
752 C C6    . DT D 8  ? 8.28758  7.14458 6.28004  0.20894  -0.43838 0.96240  8  DT D C6    
753 P P     . DG D 9  ? 7.66864  6.58455 5.03605  0.38224  -0.34304 0.55329  9  DG D P     
754 O OP1   . DG D 9  ? 7.63727  6.51186 4.90086  0.40855  -0.36072 0.40451  9  DG D OP1   
755 O OP2   . DG D 9  ? 7.74658  6.83163 5.11817  0.34676  -0.38969 0.60336  9  DG D OP2   
756 O "O5'" . DG D 9  ? 7.39754  6.29610 4.77238  0.41690  -0.23248 0.65806  9  DG D "O5'" 
757 C "C5'" . DG D 9  ? 7.37064  6.38555 4.79483  0.40878  -0.20393 0.77678  9  DG D "C5'" 
758 C "C4'" . DG D 9  ? 7.19418  6.16049 4.71500  0.42955  -0.10852 0.86522  9  DG D "C4'" 
759 O "O4'" . DG D 9  ? 7.51702  6.46141 5.19259  0.39215  -0.12395 0.93572  9  DG D "O4'" 
760 C "C3'" . DG D 9  ? 7.03963  6.11588 4.58903  0.44803  -0.05274 0.95429  9  DG D "C3'" 
761 O "O3'" . DG D 9  ? 6.87313  5.89730 4.47306  0.48287  0.04774  0.97741  9  DG D "O3'" 
762 C "C2'" . DG D 9  ? 7.37026  6.52551 5.06738  0.40399  -0.09192 1.05615  9  DG D "C2'" 
763 C "C1'" . DG D 9  ? 7.62942  6.67454 5.41492  0.38253  -0.09717 1.04650  9  DG D "C1'" 
764 N N9    . DG D 9  ? 7.91401  6.99645 5.79063  0.33246  -0.16987 1.09494  9  DG D N9    
765 C C8    . DG D 9  ? 7.95967  7.06627 5.77872  0.30076  -0.26436 1.04728  9  DG D C8    
766 N N7    . DG D 9  ? 8.19910  7.33925 6.12283  0.25802  -0.31123 1.11033  9  DG D N7    
767 C C5    . DG D 9  ? 8.31989  7.46003 6.38305  0.26165  -0.24509 1.20397  9  DG D C5    
768 C C6    . DG D 9  ? 8.53952  7.71268 6.76026  0.22638  -0.25583 1.29533  9  DG D C6    
769 O O6    . DG D 9  ? 8.66728  7.86766 6.92327  0.18433  -0.32820 1.32081  9  DG D O6    
770 N N1    . DG D 9  ? 8.57289  7.75526 6.92438  0.24298  -0.17114 1.35123  9  DG D N1    
771 C C2    . DG D 9  ? 8.41699  7.58086 6.74734  0.28803  -0.08448 1.32322  9  DG D C2    
772 N N2    . DG D 9  ? 8.41859  7.61807 6.91075  0.29552  -0.00856 1.36964  9  DG D N2    
773 N N3    . DG D 9  ? 8.18847  7.31170 6.35845  0.32239  -0.07249 1.24712  9  DG D N3    
774 C C4    . DG D 9  ? 8.15627  7.26838 6.19991  0.30679  -0.15650 1.19104  9  DG D C4    
775 P P     . DC D 10 ? 6.86826  5.98779 4.54207  0.51017  0.11920  1.06132  10 DC D P     
776 O OP1   . DC D 10 ? 6.67118  5.72535 4.34508  0.55204  0.22086  1.03132  10 DC D OP1   
777 O OP2   . DC D 10 ? 6.88699  6.12146 4.46634  0.51041  0.07164  1.07472  10 DC D OP2   
778 O "O5'" . DC D 10 ? 7.12823  6.30964 5.02129  0.47444  0.11303  1.16889  10 DC D "O5'" 
779 C "C5'" . DC D 10 ? 7.24108  6.38709 5.28587  0.47254  0.17726  1.18874  10 DC D "C5'" 
780 C "C4'" . DC D 10 ? 7.45508  6.69811 5.71812  0.45065  0.18069  1.29205  10 DC D "C4'" 
781 O "O4'" . DC D 10 ? 7.81662  7.07202 6.11345  0.40018  0.09279  1.32701  10 DC D "O4'" 
782 C "C3'" . DC D 10 ? 7.36236  6.71437 5.67488  0.46668  0.18210  1.36485  10 DC D "C3'" 
783 O "O3'" . DC D 10 ? 7.29210  6.69517 5.82935  0.48303  0.25784  1.41600  10 DC D "O3'" 
784 C "C2'" . DC D 10 ? 7.60939  7.04024 5.94384  0.41854  0.08211  1.43459  10 DC D "C2'" 
785 C "C1'" . DC D 10 ? 7.90474  7.27475 6.31470  0.38275  0.06036  1.42513  10 DC D "C1'" 
786 N N1    . DC D 10 ? 8.11264  7.51000 6.47219  0.33505  -0.04270 1.44368  10 DC D N1    
787 C C2    . DC D 10 ? 8.36577  7.79947 6.88852  0.29345  -0.07560 1.51856  10 DC D C2    
788 O O2    . DC D 10 ? 8.41470  7.86143 7.12948  0.29664  -0.01979 1.56270  10 DC D O2    
789 N N3    . DC D 10 ? 8.51354  7.97820 6.98644  0.24954  -0.16737 1.53256  10 DC D N3    
790 C C4    . DC D 10 ? 8.43908  7.91239 6.72285  0.24532  -0.22432 1.46468  10 DC D C4    
791 N N4    . DC D 10 ? 8.57316  8.09564 6.82602  0.19947  -0.31159 1.46871  10 DC D N4    
792 C C5    . DC D 10 ? 8.19144  7.63407 6.31637  0.28691  -0.19345 1.38054  10 DC D C5    
793 C C6    . DC D 10 ? 8.01978  7.41848 6.18241  0.33117  -0.10329 1.37874  10 DC D C6    
794 P P     . DT D 11 ? 6.69470  6.20333 5.34338  0.50874  0.28022  1.49564  11 DT D P     
795 O OP1   . DT D 11 ? 6.34793  5.82805 5.02473  0.55945  0.38493  1.44145  11 DT D OP1   
796 O OP2   . DT D 11 ? 6.63263  6.20563 5.12390  0.49639  0.19948  1.53143  11 DT D OP2   
797 O "O5'" . DT D 11 ? 6.91965  6.51492 5.87493  0.47849  0.27029  1.59782  11 DT D "O5'" 
798 C "C5'" . DT D 11 ? 7.07718  6.64281 6.16851  0.45592  0.29327  1.57315  11 DT D "C5'" 
799 C "C4'" . DT D 11 ? 7.17253  6.83340 6.55056  0.42608  0.26855  1.67619  11 DT D "C4'" 
800 O "O4'" . DT D 11 ? 7.51260  7.17640 6.83209  0.37490  0.17278  1.72272  11 DT D "O4'" 
801 C "C3'" . DT D 11 ? 7.12483  6.88950 6.65297  0.43908  0.25836  1.78026  11 DT D "C3'" 
802 O "O3'" . DT D 11 ? 7.01165  6.84959 6.89097  0.43344  0.28763  1.83750  11 DT D "O3'" 
803 C "C2'" . DT D 11 ? 7.25674  7.07382 6.65484  0.39782  0.14865  1.86131  11 DT D "C2'" 
804 C "C1'" . DT D 11 ? 7.51681  7.28536 6.90101  0.35492  0.10738  1.83984  11 DT D "C1'" 
805 N N1    . DT D 11 ? 7.56252  7.33189 6.71476  0.31901  0.01289  1.84061  11 DT D N1    
806 C C2    . DT D 11 ? 7.76246  7.55963 6.97033  0.26759  -0.05598 1.89286  11 DT D C2    
807 O O2    . DT D 11 ? 7.89382  7.70759 7.32537  0.24944  -0.04551 1.94174  11 DT D O2    
808 N N3    . DT D 11 ? 7.79014  7.60178 6.78491  0.23747  -0.13715 1.87381  11 DT D N3    
809 C C4    . DT D 11 ? 7.63863  7.44971 6.38908  0.25241  -0.15716 1.80345  11 DT D C4    
810 O O4    . DT D 11 ? 7.67985  7.52529 6.27333  0.22121  -0.23089 1.77297  11 DT D O4    
811 C C5    . DT D 11 ? 7.41482  7.19144 6.11521  0.30674  -0.08423 1.75718  11 DT D C5    
812 C C7    . DT D 11 ? 7.20666  6.98396 5.65052  0.32678  -0.09941 1.67420  11 DT D C7    
813 C C6    . DT D 11 ? 7.38854  7.14341 6.28547  0.33730  -0.00329 1.78131  11 DT D C6    
814 P P     . DG D 12 ? 5.96507  5.87218 6.09411  0.47651  0.35478  1.86703  12 DG D P     
815 O OP1   . DG D 12 ? 5.82358  5.70822 6.08639  0.50356  0.46020  1.75130  12 DG D OP1   
816 O OP2   . DG D 12 ? 5.79343  5.70872 5.72350  0.50150  0.33654  1.89432  12 DG D OP2   
817 O "O5'" . DG D 12 ? 5.95416  5.97626 6.42911  0.44438  0.30230  2.01096  12 DG D "O5'" 
818 C "C5'" . DG D 12 ? 6.20004  6.29218 6.61758  0.40423  0.19873  2.14412  12 DG D "C5'" 
819 C "C4'" . DG D 12 ? 6.43768  6.52823 6.87261  0.35039  0.13714  2.17361  12 DG D "C4'" 
820 O "O4'" . DG D 12 ? 6.68682  6.72152 6.75897  0.32855  0.08107  2.13109  12 DG D "O4'" 
821 C "C3'" . DG D 12 ? 6.48024  6.69823 7.16166  0.30623  0.06014  2.34417  12 DG D "C3'" 
822 O "O3'" . DG D 12 ? 6.51762  6.72556 7.36733  0.27331  0.04831  2.34617  12 DG D "O3'" 
823 C "C2'" . DG D 12 ? 6.68624  6.95643 7.07901  0.27139  -0.03042 2.40595  12 DG D "C2'" 
824 C "C1'" . DG D 12 ? 6.83602  6.97015 6.89599  0.27742  -0.01803 2.25326  12 DG D "C1'" 
825 N N9    . DG D 12 ? 6.77428  6.92256 6.50584  0.27261  -0.06525 2.22757  12 DG D N9    
826 C C8    . DG D 12 ? 6.60120  6.72981 6.15284  0.31385  -0.03113 2.16709  12 DG D C8    
827 N N7    . DG D 12 ? 6.55499  6.72000 5.83341  0.29578  -0.08983 2.14176  12 DG D N7    
828 C C5    . DG D 12 ? 6.71986  6.93530 6.00043  0.23853  -0.16656 2.18898  12 DG D C5    
829 C C6    . DG D 12 ? 6.75748  7.04679 5.82141  0.19492  -0.25021 2.17496  12 DG D C6    
830 O O6    . DG D 12 ? 6.64322  6.97486 5.46919  0.19775  -0.27521 2.11041  12 DG D O6    
831 N N1    . DG D 12 ? 6.93893  7.26544 6.09467  0.14237  -0.30711 2.23491  12 DG D N1    
832 C C2    . DG D 12 ? 7.05266  7.34445 6.47199  0.13395  -0.28688 2.30113  12 DG D C2    
833 N N2    . DG D 12 ? 7.20527  7.53998 6.67051  0.08064  -0.34971 2.35453  12 DG D N2    
834 N N3    . DG D 12 ? 7.00945  7.24104 6.64247  0.17367  -0.20989 2.30621  12 DG D N3    
835 C C4    . DG D 12 ? 6.85095  7.04905 6.40072  0.22454  -0.15242 2.24743  12 DG D C4    
836 P P     . DT D 13 ? 6.07854  6.40830 7.30125  0.23334  -0.00653 2.50784  13 DT D P     
837 O OP1   . DT D 13 ? 5.78912  6.11264 7.36364  0.25305  0.06490  2.45033  13 DT D OP1   
838 O OP2   . DT D 13 ? 6.13614  6.58968 7.41689  0.22526  -0.05877 2.65875  13 DT D OP2   
839 O "O5'" . DT D 13 ? 6.31145  6.63446 7.38172  0.17411  -0.08726 2.54079  13 DT D "O5'" 
840 C "C5'" . DT D 13 ? 6.54328  6.82947 7.21955  0.15747  -0.13562 2.50273  13 DT D "C5'" 
841 C "C4'" . DT D 13 ? 6.64796  7.06961 7.29678  0.10000  -0.23836 2.65238  13 DT D "C4'" 
842 O "O4'" . DT D 13 ? 6.62338  7.07065 6.92941  0.09631  -0.27545 2.62092  13 DT D "O4'" 
843 C "C3'" . DT D 13 ? 6.46644  7.04608 7.44197  0.08521  -0.26553 2.83138  13 DT D "C3'" 
844 O "O3'" . DT D 13 ? 6.48049  7.14724 7.63610  0.02726  -0.33258 2.95713  13 DT D "O3'" 
845 C "C2'" . DT D 13 ? 6.34501  7.03859 7.11977  0.07950  -0.30679 2.89116  13 DT D "C2'" 
846 C "C1'" . DT D 13 ? 6.47410  7.11059 6.84472  0.06357  -0.33777 2.77744  13 DT D "C1'" 
847 N N1    . DT D 13 ? 6.35678  7.02542 6.44831  0.08401  -0.33865 2.72326  13 DT D N1    
848 C C2    . DT D 13 ? 6.38421  7.14805 6.20466  0.04256  -0.40985 2.71267  13 DT D C2    
849 O O2    . DT D 13 ? 6.55427  7.37745 6.34607  -0.01104 -0.47265 2.74841  13 DT D O2    
850 N N3    . DT D 13 ? 6.30454  7.10234 5.89220  0.06544  -0.40380 2.64857  13 DT D N3    
851 C C4    . DT D 13 ? 6.12684  6.86247 5.71418  0.12555  -0.33486 2.60422  13 DT D C4    
852 O O4    . DT D 13 ? 6.13427  6.90890 5.49826  0.14162  -0.33607 2.54692  13 DT D O4    
853 C C5    . DT D 13 ? 6.08546  6.72102 5.96323  0.16660  -0.26093 2.62202  13 DT D C5    
854 C C7    . DT D 13 ? 5.92660  6.49812 5.83949  0.23200  -0.17956 2.57175  13 DT D C7    
855 C C6    . DT D 13 ? 6.22050  6.83400 6.33858  0.14346  -0.26660 2.67492  13 DT D C6    
# 
